data_5UWW
#
_entry.id   5UWW
#
_cell.length_a   106.043
_cell.length_b   106.043
_cell.length_c   304.207
_cell.angle_alpha   90.00
_cell.angle_beta   90.00
_cell.angle_gamma   90.00
#
_symmetry.space_group_name_H-M   'P 43 21 2'
#
loop_
_entity.id
_entity.type
_entity.pdbx_description
1 polymer 'GTP-binding nuclear protein Ran'
2 polymer 'Ran-specific GTPase-activating protein 1'
3 polymer Exportin-1
4 polymer 'Deformed epidermal autoregulatory factor 1 homolog'
5 non-polymer 'PHOSPHOAMINOPHOSPHONIC ACID-GUANYLATE ESTER'
6 non-polymer 'MAGNESIUM ION'
7 non-polymer GLYCEROL
8 water water
#
loop_
_entity_poly.entity_id
_entity_poly.type
_entity_poly.pdbx_seq_one_letter_code
_entity_poly.pdbx_strand_id
1 'polypeptide(L)'
;METGSSHHHHHHSSGLPRGSHMAAQGEPQVQFKLVLVGDGGTGKTTFVKRHLTGEFEKKYVATLGVEVHPLVFHTNRGPI
KFNVWDTAGQEKFGGLRDGYYIQAQCAIIMFDVTSRVTYKNVPNWHRDLVRVCENIPIVLCGNKVDIKDRKVKAKSIVFH
RKKNLQYYDISAKSNYNFEKPFLWLARKLIGDPNLEFVAMPALAPPEVVMDPALAAQYEHDLEVAQTTALPDEDDDL
;
A
2 'polypeptide(L)'
;GGSDIHFEPVVHLEKVDVKTMEEDEEVLYKVRAKLFRFDADAKEWKERGTGDCKFLKNKKTNKVRILMRRDKTLKICANH
IIAPEYTLKPNVGSDRSWVYACTADIAEGEAEAFTFAIRFGSKENADKFKEEFEKAQEINKKA
;
B
3 'polypeptide(L)'
;GGSMEGILDFSNDLDIALLDQVVSTFYQGSGVQQKQAQEILTKFQDNPDAWQKADQILQFSTNPQSKFIALSILDKLITR
KWKLLPNDHRIGIRNFVVGMIISMCQDDEVFKTQKNLINKSDLTLVQILKQEWPQNWPEFIPELIGSSSSSVNVCENNMI
VLKLLSEEVFDFSAEQMTQAKALHLKNSMSKEFEQIFKLCFQVLEQGSSSSLIVATLESLLRYLHWIPYRYIYETNILEL
LSTKFMTSPDTRAITLKCLTEVSNLKIPQDNDLIKRQTVLFFQNTLQQIATSVMPVTADLKATYANANGNDQSFLQDLAM
FLTTYLARNRALLESDESLRELLLNAHQYLIQLSKIEERELFKTTLDYWHNLVADLFYEPLKKHIYEEICSQLRLVIIEN
MVRPEEDLVVENDEGEIVREFVKESDTIQLYKSEREVLVYLTHLNVIDTEEIMISKLARQIDGSEWSWHNINTLSWAIGS
ISGTMSEDTEKRFVVTVIKDLLGLCEQKRGKDNKAVVASDIMYVVGQYPRFLKAHWNFLRTVILALFEFMHETHEGVQDM
ACDTFIKIVQKCKYHFVIQQPRESEPFIQTIIRDIQKTTADLQPQQVHTFYKACGIIISEERSVAERNRLLSDLMQLPNM
AWDTIVEQSTANPTLLLDSETVKIIANIIKTNVAVCTSMGADFYPQLGHIYYNMLQLYRAVSSMISAQVAAEGLIATKTP
KVRGLRTIKKEILKLVETYISKARNLDDVVKVLVEPLLNAVLEDYMNNVPDARDAEVLNCMTTVVEKVGHMIPQGVILIL
QSVFECTLDMINKDFTEYPEHRVEFYKLLKVINEKSFAAFLELPPAAFKLFVDAICWAFKHNNRDVEVNGLQIALDLVKN
IERMGNVPFANEFHKNYFFIFVSETFFVLTDSDHKSGFSKQALLLMKLISLVYDNKISVPLYQEAEVPQGTSNQVYLSQY
LANMLSNAFPHLTSEQIASFLSALTKQCKDLVVFKGTLRDFLVQIKEVGGDPTDYLFAEDKENA
;
C
4 'polypeptide(L)' GGSSWLYLEEMVNSLLNTAQQ D
#
loop_
_chem_comp.id
_chem_comp.type
_chem_comp.name
_chem_comp.formula
GNP non-polymer 'PHOSPHOAMINOPHOSPHONIC ACID-GUANYLATE ESTER' 'C10 H17 N6 O13 P3'
GOL non-polymer GLYCEROL 'C3 H8 O3'
MG non-polymer 'MAGNESIUM ION' 'Mg 2'
#
# COMPACT_ATOMS: atom_id res chain seq x y z
N VAL A 30 27.49 -18.00 -4.81
CA VAL A 30 26.22 -18.10 -4.09
C VAL A 30 25.29 -16.97 -4.51
N GLN A 31 24.75 -17.06 -5.73
CA GLN A 31 23.89 -16.01 -6.25
C GLN A 31 22.58 -16.60 -6.76
N PHE A 32 21.53 -15.78 -6.71
CA PHE A 32 20.19 -16.20 -7.07
C PHE A 32 19.55 -15.12 -7.93
N LYS A 33 18.95 -15.52 -9.04
CA LYS A 33 18.26 -14.58 -9.91
C LYS A 33 16.90 -14.23 -9.32
N LEU A 34 16.65 -12.95 -9.14
CA LEU A 34 15.39 -12.45 -8.60
C LEU A 34 14.76 -11.51 -9.61
N VAL A 35 13.50 -11.78 -9.94
N VAL A 35 13.51 -11.78 -9.99
CA VAL A 35 12.71 -10.98 -10.88
CA VAL A 35 12.77 -10.92 -10.89
C VAL A 35 11.68 -10.19 -10.08
C VAL A 35 11.70 -10.20 -10.10
N LEU A 36 11.57 -8.90 -10.37
CA LEU A 36 10.67 -8.01 -9.66
C LEU A 36 9.67 -7.46 -10.66
N VAL A 37 8.38 -7.75 -10.44
CA VAL A 37 7.33 -7.42 -11.40
C VAL A 37 6.21 -6.66 -10.69
N GLY A 38 5.43 -5.95 -11.48
CA GLY A 38 4.31 -5.18 -10.97
C GLY A 38 4.02 -4.00 -11.86
N ASP A 39 2.84 -3.41 -11.64
CA ASP A 39 2.40 -2.28 -12.45
C ASP A 39 3.41 -1.14 -12.38
N GLY A 40 3.36 -0.29 -13.41
CA GLY A 40 4.21 0.88 -13.42
C GLY A 40 3.82 1.85 -12.32
N GLY A 41 4.84 2.42 -11.67
CA GLY A 41 4.64 3.41 -10.63
C GLY A 41 4.48 2.84 -9.24
N THR A 42 4.58 1.51 -9.08
CA THR A 42 4.36 0.89 -7.78
C THR A 42 5.56 1.00 -6.85
N GLY A 43 6.73 1.35 -7.38
CA GLY A 43 7.91 1.57 -6.57
C GLY A 43 8.98 0.50 -6.66
N LYS A 44 8.96 -0.34 -7.70
CA LYS A 44 9.94 -1.42 -7.81
C LYS A 44 11.36 -0.87 -7.86
N THR A 45 11.61 0.06 -8.79
CA THR A 45 12.96 0.59 -8.95
C THR A 45 13.39 1.39 -7.73
N THR A 46 12.47 2.20 -7.17
CA THR A 46 12.79 2.94 -5.95
C THR A 46 13.17 1.99 -4.82
N PHE A 47 12.45 0.87 -4.71
CA PHE A 47 12.74 -0.11 -3.68
C PHE A 47 14.13 -0.69 -3.85
N VAL A 48 14.47 -1.09 -5.07
CA VAL A 48 15.80 -1.67 -5.32
C VAL A 48 16.89 -0.63 -5.03
N LYS A 49 16.73 0.58 -5.56
CA LYS A 49 17.72 1.63 -5.34
C LYS A 49 17.96 1.85 -3.86
N ARG A 50 16.89 1.92 -3.07
CA ARG A 50 17.03 2.05 -1.62
C ARG A 50 17.99 1.00 -1.08
N HIS A 51 17.86 -0.23 -1.55
CA HIS A 51 18.72 -1.31 -1.08
C HIS A 51 20.13 -1.23 -1.66
N LEU A 52 20.28 -0.64 -2.85
CA LEU A 52 21.59 -0.59 -3.49
C LEU A 52 22.46 0.53 -2.93
N THR A 53 21.90 1.73 -2.79
CA THR A 53 22.66 2.90 -2.38
C THR A 53 22.19 3.54 -1.09
N GLY A 54 20.98 3.22 -0.62
CA GLY A 54 20.39 3.90 0.51
C GLY A 54 19.59 5.13 0.16
N GLU A 55 19.60 5.54 -1.10
CA GLU A 55 18.90 6.75 -1.52
C GLU A 55 17.41 6.46 -1.74
N PHE A 56 16.62 7.53 -1.69
CA PHE A 56 15.21 7.49 -2.05
C PHE A 56 15.00 8.40 -3.25
N GLU A 57 14.74 7.81 -4.41
CA GLU A 57 14.47 8.59 -5.62
C GLU A 57 13.03 9.06 -5.63
N LYS A 58 12.83 10.38 -5.63
CA LYS A 58 11.48 10.94 -5.64
C LYS A 58 10.87 10.96 -7.03
N LYS A 59 11.71 10.99 -8.07
CA LYS A 59 11.21 11.08 -9.44
C LYS A 59 10.78 9.72 -9.96
N TYR A 60 9.75 9.72 -10.81
CA TYR A 60 9.29 8.52 -11.50
C TYR A 60 9.92 8.56 -12.89
N VAL A 61 10.98 7.76 -13.07
CA VAL A 61 11.58 7.53 -14.38
C VAL A 61 11.30 6.08 -14.73
N ALA A 62 10.39 5.87 -15.69
CA ALA A 62 9.93 4.52 -16.00
C ALA A 62 11.09 3.65 -16.45
N THR A 63 11.15 2.43 -15.92
CA THR A 63 12.14 1.47 -16.39
C THR A 63 11.81 1.03 -17.80
N LEU A 64 12.85 0.81 -18.60
CA LEU A 64 12.72 0.40 -20.00
C LEU A 64 13.20 -1.03 -20.12
N GLY A 65 12.26 -1.96 -20.30
CA GLY A 65 12.62 -3.36 -20.37
C GLY A 65 12.99 -3.93 -19.02
N VAL A 66 14.27 -3.85 -18.67
CA VAL A 66 14.76 -4.40 -17.40
C VAL A 66 16.05 -3.68 -17.03
N GLU A 67 16.32 -3.61 -15.73
CA GLU A 67 17.62 -3.19 -15.21
C GLU A 67 18.10 -4.25 -14.22
N VAL A 68 19.30 -4.77 -14.45
CA VAL A 68 19.88 -5.82 -13.63
C VAL A 68 20.87 -5.19 -12.66
N HIS A 69 20.76 -5.53 -11.37
CA HIS A 69 21.63 -4.99 -10.34
C HIS A 69 22.03 -6.07 -9.37
N PRO A 70 23.33 -6.28 -9.12
CA PRO A 70 23.73 -7.18 -8.04
C PRO A 70 23.42 -6.57 -6.69
N LEU A 71 22.92 -7.41 -5.78
CA LEU A 71 22.59 -6.97 -4.42
C LEU A 71 23.05 -8.05 -3.46
N VAL A 72 23.99 -7.71 -2.58
CA VAL A 72 24.60 -8.65 -1.65
C VAL A 72 24.12 -8.34 -0.25
N PHE A 73 23.77 -9.38 0.49
CA PHE A 73 23.43 -9.28 1.91
C PHE A 73 24.39 -10.14 2.71
N HIS A 74 24.73 -9.67 3.91
CA HIS A 74 25.63 -10.40 4.81
C HIS A 74 24.80 -11.10 5.86
N THR A 75 24.95 -12.43 5.95
CA THR A 75 24.15 -13.25 6.83
C THR A 75 25.06 -14.10 7.71
N ASN A 76 24.48 -14.69 8.74
CA ASN A 76 25.21 -15.63 9.58
C ASN A 76 25.54 -16.92 8.87
N ARG A 77 25.09 -17.09 7.63
CA ARG A 77 25.48 -18.22 6.79
C ARG A 77 26.41 -17.80 5.66
N GLY A 78 26.96 -16.58 5.73
CA GLY A 78 27.79 -16.07 4.67
C GLY A 78 27.02 -15.12 3.78
N PRO A 79 27.70 -14.52 2.81
CA PRO A 79 27.02 -13.56 1.93
C PRO A 79 26.09 -14.26 0.96
N ILE A 80 24.96 -13.61 0.67
CA ILE A 80 24.03 -14.07 -0.36
C ILE A 80 23.90 -12.96 -1.39
N LYS A 81 24.02 -13.33 -2.66
CA LYS A 81 23.97 -12.38 -3.76
C LYS A 81 22.66 -12.56 -4.51
N PHE A 82 21.90 -11.48 -4.66
CA PHE A 82 20.71 -11.46 -5.50
C PHE A 82 21.05 -10.73 -6.80
N ASN A 83 20.83 -11.39 -7.93
CA ASN A 83 20.89 -10.74 -9.23
C ASN A 83 19.48 -10.26 -9.54
N VAL A 84 19.20 -9.00 -9.21
CA VAL A 84 17.85 -8.47 -9.25
C VAL A 84 17.54 -7.98 -10.65
N TRP A 85 16.53 -8.59 -11.28
CA TRP A 85 16.03 -8.14 -12.58
C TRP A 85 14.82 -7.26 -12.32
N ASP A 86 15.03 -5.95 -12.35
CA ASP A 86 13.98 -4.96 -12.12
C ASP A 86 13.31 -4.67 -13.45
N THR A 87 12.13 -5.25 -13.66
CA THR A 87 11.45 -5.18 -14.94
C THR A 87 10.51 -3.98 -15.03
N ALA A 88 10.14 -3.64 -16.26
CA ALA A 88 9.23 -2.54 -16.52
C ALA A 88 7.79 -3.00 -16.31
N GLY A 89 7.00 -2.15 -15.65
CA GLY A 89 5.60 -2.43 -15.42
C GLY A 89 4.69 -1.79 -16.44
N GLN A 90 5.17 -0.73 -17.11
CA GLN A 90 4.38 -0.08 -18.15
C GLN A 90 4.40 -0.94 -19.42
N GLU A 91 3.22 -1.14 -20.01
CA GLU A 91 3.12 -2.06 -21.13
C GLU A 91 3.92 -1.57 -22.33
N LYS A 92 3.92 -0.26 -22.60
CA LYS A 92 4.66 0.26 -23.74
C LYS A 92 6.17 0.15 -23.57
N PHE A 93 6.64 -0.11 -22.34
CA PHE A 93 8.06 -0.27 -22.07
C PHE A 93 8.40 -1.68 -21.62
N GLY A 94 7.56 -2.66 -21.94
CA GLY A 94 7.67 -3.99 -21.37
C GLY A 94 8.83 -4.82 -21.89
N GLY A 95 9.39 -4.46 -23.04
CA GLY A 95 10.52 -5.20 -23.56
C GLY A 95 10.17 -6.67 -23.80
N LEU A 96 11.00 -7.56 -23.26
CA LEU A 96 10.84 -8.99 -23.44
C LEU A 96 9.76 -9.61 -22.55
N ARG A 97 9.21 -8.85 -21.60
CA ARG A 97 8.07 -9.27 -20.78
C ARG A 97 8.43 -10.57 -20.08
N ASP A 98 7.67 -11.65 -20.27
CA ASP A 98 7.95 -12.89 -19.55
C ASP A 98 9.28 -13.51 -19.95
N GLY A 99 9.92 -13.02 -21.01
CA GLY A 99 11.25 -13.50 -21.33
C GLY A 99 12.26 -13.21 -20.23
N TYR A 100 12.01 -12.17 -19.43
CA TYR A 100 12.90 -11.86 -18.32
C TYR A 100 12.82 -12.87 -17.20
N TYR A 101 11.75 -13.67 -17.15
CA TYR A 101 11.52 -14.56 -16.02
C TYR A 101 12.29 -15.87 -16.13
N ILE A 102 12.80 -16.20 -17.32
CA ILE A 102 13.45 -17.49 -17.54
C ILE A 102 14.53 -17.71 -16.50
N GLN A 103 14.47 -18.86 -15.84
CA GLN A 103 15.50 -19.30 -14.88
C GLN A 103 15.62 -18.36 -13.69
N ALA A 104 14.53 -17.69 -13.33
CA ALA A 104 14.50 -16.99 -12.05
C ALA A 104 14.33 -18.01 -10.93
N GLN A 105 14.99 -17.74 -9.80
CA GLN A 105 14.90 -18.60 -8.64
C GLN A 105 14.04 -18.01 -7.52
N CYS A 106 13.63 -16.75 -7.65
CA CYS A 106 12.76 -16.12 -6.68
C CYS A 106 12.16 -14.88 -7.34
N ALA A 107 11.20 -14.27 -6.67
CA ALA A 107 10.50 -13.15 -7.29
C ALA A 107 9.83 -12.30 -6.22
N ILE A 108 9.63 -11.03 -6.56
CA ILE A 108 8.81 -10.11 -5.80
C ILE A 108 7.76 -9.55 -6.74
N ILE A 109 6.50 -9.63 -6.33
CA ILE A 109 5.40 -8.97 -7.02
C ILE A 109 5.03 -7.75 -6.20
N MET A 110 5.00 -6.59 -6.84
N MET A 110 5.04 -6.57 -6.82
CA MET A 110 4.80 -5.30 -6.19
CA MET A 110 4.79 -5.33 -6.10
C MET A 110 3.48 -4.69 -6.65
C MET A 110 3.53 -4.65 -6.62
N PHE A 111 2.75 -4.11 -5.70
CA PHE A 111 1.62 -3.25 -6.02
C PHE A 111 1.66 -2.06 -5.08
N ASP A 112 0.72 -1.14 -5.27
CA ASP A 112 0.71 0.14 -4.56
C ASP A 112 -0.59 0.23 -3.78
N VAL A 113 -0.49 0.35 -2.45
CA VAL A 113 -1.69 0.33 -1.63
C VAL A 113 -2.53 1.59 -1.77
N THR A 114 -2.03 2.59 -2.50
CA THR A 114 -2.83 3.78 -2.81
C THR A 114 -3.48 3.69 -4.18
N SER A 115 -3.29 2.60 -4.91
CA SER A 115 -3.83 2.44 -6.27
C SER A 115 -4.46 1.05 -6.37
N ARG A 116 -5.80 1.00 -6.31
CA ARG A 116 -6.51 -0.27 -6.36
C ARG A 116 -6.19 -1.05 -7.61
N VAL A 117 -6.05 -0.38 -8.76
CA VAL A 117 -5.83 -1.10 -10.01
C VAL A 117 -4.56 -1.93 -9.94
N THR A 118 -3.55 -1.47 -9.20
CA THR A 118 -2.29 -2.21 -9.15
C THR A 118 -2.46 -3.52 -8.39
N TYR A 119 -3.36 -3.56 -7.40
CA TYR A 119 -3.66 -4.83 -6.75
C TYR A 119 -4.54 -5.71 -7.64
N LYS A 120 -5.46 -5.09 -8.38
CA LYS A 120 -6.29 -5.85 -9.32
C LYS A 120 -5.45 -6.58 -10.36
N ASN A 121 -4.29 -6.02 -10.71
CA ASN A 121 -3.41 -6.63 -11.70
C ASN A 121 -2.45 -7.65 -11.12
N VAL A 122 -2.39 -7.78 -9.80
CA VAL A 122 -1.49 -8.77 -9.18
C VAL A 122 -1.75 -10.17 -9.73
N PRO A 123 -2.99 -10.64 -9.87
CA PRO A 123 -3.19 -11.98 -10.45
C PRO A 123 -2.66 -12.11 -11.87
N ASN A 124 -2.60 -11.02 -12.63
CA ASN A 124 -2.08 -11.10 -13.99
C ASN A 124 -0.56 -11.23 -13.98
N TRP A 125 0.12 -10.44 -13.14
CA TRP A 125 1.56 -10.60 -13.01
C TRP A 125 1.93 -11.98 -12.47
N HIS A 126 1.15 -12.47 -11.50
CA HIS A 126 1.43 -13.79 -10.95
C HIS A 126 1.23 -14.88 -12.01
N ARG A 127 0.17 -14.76 -12.80
CA ARG A 127 -0.08 -15.72 -13.88
C ARG A 127 1.11 -15.80 -14.82
N ASP A 128 1.51 -14.67 -15.39
CA ASP A 128 2.62 -14.67 -16.34
C ASP A 128 3.91 -15.15 -15.70
N LEU A 129 4.05 -14.98 -14.39
CA LEU A 129 5.29 -15.31 -13.72
C LEU A 129 5.41 -16.82 -13.47
N VAL A 130 4.38 -17.44 -12.90
CA VAL A 130 4.48 -18.86 -12.54
C VAL A 130 4.32 -19.78 -13.73
N ARG A 131 3.86 -19.26 -14.88
CA ARG A 131 3.88 -20.05 -16.09
C ARG A 131 5.31 -20.31 -16.55
N VAL A 132 6.22 -19.37 -16.29
CA VAL A 132 7.63 -19.56 -16.61
C VAL A 132 8.38 -20.16 -15.43
N CYS A 133 8.05 -19.75 -14.20
CA CYS A 133 8.75 -20.17 -12.99
C CYS A 133 7.76 -20.93 -12.11
N GLU A 134 7.72 -22.25 -12.26
CA GLU A 134 6.64 -23.04 -11.71
C GLU A 134 6.76 -23.31 -10.22
N ASN A 135 7.98 -23.25 -9.65
CA ASN A 135 8.16 -23.58 -8.24
C ASN A 135 9.30 -22.71 -7.68
N ILE A 136 8.98 -21.45 -7.43
CA ILE A 136 9.94 -20.53 -6.83
C ILE A 136 9.30 -19.82 -5.64
N PRO A 137 10.07 -19.44 -4.62
CA PRO A 137 9.50 -18.59 -3.56
C PRO A 137 9.21 -17.20 -4.09
N ILE A 138 8.04 -16.68 -3.75
CA ILE A 138 7.55 -15.39 -4.22
C ILE A 138 7.05 -14.59 -3.03
N VAL A 139 7.42 -13.32 -2.98
CA VAL A 139 6.90 -12.37 -1.99
C VAL A 139 5.99 -11.39 -2.71
N LEU A 140 4.82 -11.16 -2.13
CA LEU A 140 3.92 -10.10 -2.57
C LEU A 140 4.10 -8.91 -1.65
N CYS A 141 4.33 -7.72 -2.22
CA CYS A 141 4.62 -6.52 -1.45
C CYS A 141 3.62 -5.43 -1.81
N GLY A 142 2.92 -4.93 -0.80
CA GLY A 142 2.09 -3.76 -0.96
C GLY A 142 2.87 -2.53 -0.54
N ASN A 143 3.31 -1.74 -1.50
CA ASN A 143 4.23 -0.64 -1.24
C ASN A 143 3.46 0.66 -0.98
N LYS A 144 4.18 1.62 -0.40
CA LYS A 144 3.68 2.98 -0.16
C LYS A 144 2.71 3.04 1.02
N VAL A 145 2.89 2.18 2.02
CA VAL A 145 2.03 2.25 3.19
C VAL A 145 2.28 3.51 4.02
N ASP A 146 3.29 4.30 3.66
CA ASP A 146 3.53 5.56 4.36
C ASP A 146 2.45 6.59 4.06
N ILE A 147 1.79 6.48 2.92
CA ILE A 147 0.80 7.48 2.52
C ILE A 147 -0.46 7.29 3.36
N LYS A 148 -1.00 8.42 3.86
CA LYS A 148 -2.11 8.36 4.80
C LYS A 148 -3.35 7.75 4.17
N ASP A 149 -3.73 8.22 2.98
CA ASP A 149 -4.99 7.81 2.35
C ASP A 149 -4.78 6.48 1.61
N ARG A 150 -4.70 5.41 2.40
CA ARG A 150 -4.56 4.08 1.85
C ARG A 150 -5.86 3.62 1.19
N LYS A 151 -5.74 3.00 0.03
CA LYS A 151 -6.90 2.57 -0.75
C LYS A 151 -7.09 1.06 -0.79
N VAL A 152 -6.01 0.27 -0.79
CA VAL A 152 -6.11 -1.19 -0.72
C VAL A 152 -5.96 -1.57 0.74
N LYS A 153 -7.08 -1.80 1.41
CA LYS A 153 -7.06 -2.03 2.85
C LYS A 153 -6.52 -3.40 3.19
N ALA A 154 -5.93 -3.50 4.38
CA ALA A 154 -5.33 -4.75 4.86
C ALA A 154 -6.23 -5.96 4.61
N LYS A 155 -7.52 -5.85 4.94
CA LYS A 155 -8.41 -7.00 4.87
C LYS A 155 -8.73 -7.40 3.44
N SER A 156 -8.53 -6.51 2.48
CA SER A 156 -8.77 -6.84 1.07
C SER A 156 -7.65 -7.69 0.47
N ILE A 157 -6.47 -7.70 1.09
CA ILE A 157 -5.29 -8.34 0.52
C ILE A 157 -5.30 -9.80 0.96
N VAL A 158 -5.76 -10.68 0.08
CA VAL A 158 -5.85 -12.11 0.37
C VAL A 158 -5.34 -12.98 -0.76
N PHE A 159 -4.90 -12.38 -1.88
CA PHE A 159 -4.54 -13.18 -3.05
C PHE A 159 -3.41 -14.15 -2.75
N HIS A 160 -2.49 -13.77 -1.85
CA HIS A 160 -1.32 -14.60 -1.56
C HIS A 160 -1.69 -15.92 -0.88
N ARG A 161 -2.88 -16.04 -0.31
CA ARG A 161 -3.18 -17.19 0.53
C ARG A 161 -3.18 -18.48 -0.27
N LYS A 162 -4.03 -18.57 -1.30
CA LYS A 162 -4.11 -19.80 -2.09
C LYS A 162 -2.90 -20.01 -2.97
N LYS A 163 -2.10 -18.97 -3.22
CA LYS A 163 -0.93 -19.08 -4.07
C LYS A 163 0.36 -19.28 -3.27
N ASN A 164 0.27 -19.34 -1.94
CA ASN A 164 1.42 -19.64 -1.10
C ASN A 164 2.51 -18.57 -1.20
N LEU A 165 2.12 -17.33 -1.45
CA LEU A 165 3.06 -16.22 -1.46
C LEU A 165 3.18 -15.63 -0.07
N GLN A 166 4.38 -15.20 0.30
CA GLN A 166 4.56 -14.38 1.49
C GLN A 166 4.12 -12.97 1.18
N TYR A 167 3.48 -12.32 2.16
CA TYR A 167 3.02 -10.94 1.99
C TYR A 167 3.65 -10.03 3.02
N TYR A 168 3.98 -8.81 2.59
CA TYR A 168 4.46 -7.76 3.48
C TYR A 168 3.93 -6.42 3.03
N ASP A 169 3.35 -5.67 3.98
CA ASP A 169 3.28 -4.21 3.84
C ASP A 169 4.69 -3.65 3.85
N ILE A 170 5.02 -2.79 2.88
CA ILE A 170 6.32 -2.15 2.84
C ILE A 170 6.19 -0.70 2.42
N SER A 171 7.22 0.08 2.73
CA SER A 171 7.36 1.45 2.23
C SER A 171 8.83 1.69 1.92
N ALA A 172 9.14 1.89 0.64
CA ALA A 172 10.50 2.28 0.27
C ALA A 172 10.85 3.67 0.78
N LYS A 173 9.84 4.48 1.10
CA LYS A 173 10.09 5.84 1.58
C LYS A 173 10.44 5.86 3.06
N SER A 174 9.64 5.18 3.90
CA SER A 174 9.88 5.12 5.33
C SER A 174 10.68 3.90 5.74
N ASN A 175 11.00 2.99 4.81
CA ASN A 175 11.76 1.77 5.06
C ASN A 175 10.98 0.73 5.85
N TYR A 176 9.70 0.96 6.12
CA TYR A 176 8.88 -0.02 6.82
C TYR A 176 8.96 -1.39 6.15
N ASN A 177 9.46 -2.38 6.90
CA ASN A 177 9.57 -3.76 6.42
C ASN A 177 10.43 -3.90 5.17
N PHE A 178 11.26 -2.91 4.86
CA PHE A 178 11.95 -2.91 3.57
C PHE A 178 12.95 -4.06 3.44
N GLU A 179 13.39 -4.65 4.55
CA GLU A 179 14.32 -5.77 4.49
C GLU A 179 13.62 -7.12 4.48
N LYS A 180 12.35 -7.16 4.87
CA LYS A 180 11.65 -8.44 5.03
C LYS A 180 11.64 -9.28 3.77
N PRO A 181 11.33 -8.75 2.59
CA PRO A 181 11.25 -9.62 1.40
C PRO A 181 12.55 -10.35 1.12
N PHE A 182 13.69 -9.68 1.26
CA PHE A 182 14.97 -10.34 0.99
C PHE A 182 15.32 -11.32 2.09
N LEU A 183 15.03 -10.98 3.35
CA LEU A 183 15.31 -11.90 4.44
C LEU A 183 14.50 -13.18 4.28
N TRP A 184 13.22 -13.06 3.94
CA TRP A 184 12.39 -14.25 3.75
C TRP A 184 12.89 -15.09 2.58
N LEU A 185 13.21 -14.42 1.45
CA LEU A 185 13.71 -15.16 0.29
C LEU A 185 15.03 -15.84 0.60
N ALA A 186 15.93 -15.15 1.28
CA ALA A 186 17.21 -15.76 1.65
C ALA A 186 17.00 -17.03 2.47
N ARG A 187 16.07 -16.99 3.42
CA ARG A 187 15.81 -18.17 4.25
C ARG A 187 15.25 -19.31 3.41
N LYS A 188 14.38 -19.00 2.45
CA LYS A 188 13.82 -20.06 1.59
C LYS A 188 14.88 -20.62 0.66
N LEU A 189 15.73 -19.76 0.10
CA LEU A 189 16.71 -20.19 -0.89
C LEU A 189 17.86 -20.96 -0.26
N ILE A 190 18.36 -20.48 0.89
CA ILE A 190 19.42 -21.19 1.58
C ILE A 190 18.90 -22.42 2.33
N GLY A 191 17.60 -22.48 2.61
CA GLY A 191 17.04 -23.59 3.33
C GLY A 191 17.28 -23.55 4.83
N ASP A 192 17.51 -22.37 5.39
CA ASP A 192 17.76 -22.22 6.83
C ASP A 192 16.75 -21.23 7.40
N PRO A 193 15.76 -21.68 8.17
CA PRO A 193 14.76 -20.74 8.70
C PRO A 193 15.33 -19.77 9.74
N ASN A 194 16.52 -20.04 10.28
CA ASN A 194 17.12 -19.21 11.32
C ASN A 194 18.19 -18.28 10.77
N LEU A 195 18.35 -18.22 9.44
CA LEU A 195 19.28 -17.28 8.85
C LEU A 195 18.95 -15.86 9.26
N GLU A 196 19.98 -15.06 9.53
CA GLU A 196 19.82 -13.68 9.94
C GLU A 196 20.79 -12.80 9.14
N PHE A 197 20.40 -11.55 8.93
CA PHE A 197 21.35 -10.55 8.48
C PHE A 197 22.29 -10.21 9.63
N VAL A 198 23.59 -10.07 9.32
CA VAL A 198 24.59 -9.71 10.31
C VAL A 198 25.34 -8.48 9.83
N ALA A 199 26.12 -7.91 10.74
CA ALA A 199 26.86 -6.69 10.45
C ALA A 199 28.13 -7.01 9.68
N MET A 200 28.25 -6.43 8.48
CA MET A 200 29.45 -6.63 7.68
C MET A 200 30.67 -6.10 8.44
N PRO A 201 31.83 -6.74 8.29
CA PRO A 201 33.01 -6.32 9.04
C PRO A 201 33.48 -4.93 8.62
N ALA A 202 33.92 -4.15 9.61
CA ALA A 202 34.26 -2.74 9.41
C ALA A 202 35.78 -2.58 9.54
N LEU A 203 36.46 -2.62 8.40
CA LEU A 203 37.90 -2.45 8.38
C LEU A 203 38.31 -1.09 8.95
N ALA A 204 39.53 -1.03 9.44
CA ALA A 204 40.07 0.25 9.91
C ALA A 204 40.24 1.19 8.72
N PRO A 205 39.75 2.42 8.79
CA PRO A 205 39.81 3.31 7.63
C PRO A 205 41.18 3.96 7.51
N PRO A 206 41.58 4.34 6.30
CA PRO A 206 42.90 4.94 6.12
C PRO A 206 42.99 6.34 6.70
N GLU A 207 44.22 6.81 6.85
CA GLU A 207 44.48 8.18 7.26
C GLU A 207 44.70 9.06 6.03
N VAL A 208 44.35 10.34 6.18
CA VAL A 208 44.43 11.28 5.06
C VAL A 208 45.86 11.80 4.93
N ASP A 211 45.95 17.01 0.31
CA ASP A 211 46.63 17.43 -0.90
C ASP A 211 46.36 18.91 -1.19
N PRO A 212 47.33 19.78 -0.94
CA PRO A 212 47.10 21.22 -1.15
C PRO A 212 46.70 21.58 -2.58
N ALA A 213 47.04 20.74 -3.56
CA ALA A 213 46.73 21.06 -4.95
C ALA A 213 45.24 20.97 -5.26
N LEU A 214 44.43 20.43 -4.34
CA LEU A 214 42.99 20.33 -4.53
C LEU A 214 42.22 21.10 -3.46
N ALA A 215 42.89 22.01 -2.75
CA ALA A 215 42.23 22.77 -1.70
C ALA A 215 41.19 23.73 -2.28
N ALA A 216 41.53 24.44 -3.35
CA ALA A 216 40.58 25.32 -3.99
C ALA A 216 39.50 24.55 -4.75
N GLN A 217 39.76 23.28 -5.06
CA GLN A 217 38.76 22.47 -5.75
C GLN A 217 37.70 21.96 -4.78
N TYR A 218 38.11 21.52 -3.60
CA TYR A 218 37.13 21.03 -2.62
C TYR A 218 36.35 22.16 -1.99
N GLU A 219 36.95 23.34 -1.84
CA GLU A 219 36.21 24.47 -1.30
C GLU A 219 35.12 24.92 -2.27
N HIS A 220 35.30 24.68 -3.57
CA HIS A 220 34.25 24.97 -4.53
C HIS A 220 33.09 24.00 -4.37
N ASP A 221 33.37 22.69 -4.46
CA ASP A 221 32.32 21.69 -4.33
C ASP A 221 31.61 21.81 -3.00
N LEU A 222 32.30 22.27 -1.96
CA LEU A 222 31.69 22.38 -0.64
C LEU A 222 30.70 23.53 -0.59
N GLU A 223 31.05 24.68 -1.19
CA GLU A 223 30.16 25.83 -1.16
C GLU A 223 28.85 25.52 -1.88
N VAL A 224 28.91 24.74 -2.96
CA VAL A 224 27.70 24.31 -3.65
C VAL A 224 26.88 23.39 -2.73
N ALA A 225 27.55 22.50 -2.01
CA ALA A 225 26.84 21.54 -1.17
C ALA A 225 26.19 22.22 0.02
N GLN A 226 26.85 23.24 0.59
CA GLN A 226 26.26 23.97 1.71
C GLN A 226 24.99 24.70 1.30
N THR A 227 24.93 25.19 0.06
CA THR A 227 23.84 26.02 -0.40
C THR A 227 22.81 25.24 -1.21
N THR A 228 22.94 23.92 -1.29
CA THR A 228 21.88 23.04 -1.80
C THR A 228 21.18 22.43 -0.60
N ALA A 229 19.92 22.79 -0.41
CA ALA A 229 19.20 22.38 0.80
C ALA A 229 19.04 20.87 0.85
N LEU A 230 19.13 20.32 2.06
CA LEU A 230 18.83 18.91 2.25
C LEU A 230 17.35 18.65 2.03
N PRO A 231 16.98 17.50 1.47
CA PRO A 231 15.56 17.22 1.25
C PRO A 231 14.86 16.75 2.51
N ASP A 232 13.53 16.85 2.48
CA ASP A 232 12.67 16.29 3.52
C ASP A 232 13.07 16.80 4.90
N GLU A 233 13.21 18.12 5.01
CA GLU A 233 13.65 18.72 6.26
C GLU A 233 12.63 18.59 7.38
N ASP A 234 11.40 18.18 7.08
CA ASP A 234 10.39 17.95 8.11
C ASP A 234 10.40 16.53 8.65
N ASP A 235 11.10 15.60 8.00
CA ASP A 235 11.19 14.24 8.51
C ASP A 235 11.80 14.24 9.90
N ASP A 236 11.45 13.23 10.70
CA ASP A 236 12.03 13.10 12.03
C ASP A 236 13.54 12.99 11.98
N LEU A 237 14.08 12.47 10.88
CA LEU A 237 15.52 12.37 10.71
C LEU A 237 15.91 12.73 9.28
N HIS B 6 30.67 -39.57 36.36
CA HIS B 6 30.79 -38.44 35.46
C HIS B 6 29.96 -38.64 34.20
N PHE B 7 29.00 -37.74 33.98
CA PHE B 7 28.13 -37.78 32.80
C PHE B 7 28.58 -36.71 31.83
N GLU B 8 28.98 -37.13 30.63
CA GLU B 8 29.36 -36.17 29.61
C GLU B 8 28.17 -35.28 29.26
N PRO B 9 28.36 -33.97 29.12
CA PRO B 9 27.26 -33.11 28.70
C PRO B 9 27.11 -33.10 27.19
N VAL B 10 25.91 -32.72 26.75
CA VAL B 10 25.60 -32.69 25.32
C VAL B 10 26.56 -31.76 24.60
N MET B 21 34.05 -5.68 12.59
CA MET B 21 35.38 -5.68 13.21
C MET B 21 35.56 -4.46 14.10
N GLU B 22 34.63 -4.27 15.02
CA GLU B 22 34.68 -3.17 15.98
C GLU B 22 34.79 -3.70 17.41
N GLU B 23 35.47 -4.83 17.58
CA GLU B 23 35.64 -5.44 18.90
C GLU B 23 36.83 -4.88 19.65
N ASP B 24 37.86 -4.41 18.94
CA ASP B 24 39.04 -3.80 19.56
C ASP B 24 38.89 -2.30 19.75
N GLU B 25 37.66 -1.79 19.81
CA GLU B 25 37.42 -0.35 19.81
C GLU B 25 36.51 0.03 20.98
N GLU B 26 36.46 1.34 21.24
CA GLU B 26 35.74 1.91 22.36
C GLU B 26 34.78 2.96 21.83
N VAL B 27 33.54 2.93 22.32
CA VAL B 27 32.50 3.82 21.83
C VAL B 27 32.55 5.12 22.64
N LEU B 28 32.99 6.21 22.00
CA LEU B 28 33.03 7.50 22.65
C LEU B 28 31.68 8.21 22.57
N TYR B 29 30.98 8.04 21.45
CA TYR B 29 29.75 8.78 21.19
C TYR B 29 28.88 7.97 20.25
N LYS B 30 27.58 7.96 20.52
CA LYS B 30 26.60 7.25 19.70
C LYS B 30 25.38 8.14 19.54
N VAL B 31 24.92 8.32 18.30
CA VAL B 31 23.76 9.15 18.03
C VAL B 31 23.05 8.65 16.78
N ARG B 32 21.73 8.79 16.76
CA ARG B 32 20.93 8.50 15.58
C ARG B 32 21.05 9.64 14.57
N ALA B 33 21.16 9.28 13.30
CA ALA B 33 21.38 10.30 12.28
C ALA B 33 21.00 9.74 10.91
N LYS B 34 20.83 10.66 9.97
CA LYS B 34 20.64 10.33 8.56
C LYS B 34 21.79 10.94 7.78
N LEU B 35 22.47 10.11 6.99
CA LEU B 35 23.66 10.52 6.26
C LEU B 35 23.32 10.76 4.79
N PHE B 36 23.83 11.88 4.26
CA PHE B 36 23.69 12.22 2.85
C PHE B 36 25.06 12.37 2.21
N ARG B 37 25.12 12.05 0.92
CA ARG B 37 26.26 12.37 0.08
C ARG B 37 25.78 13.30 -1.03
N PHE B 38 26.65 14.22 -1.44
CA PHE B 38 26.30 15.19 -2.46
C PHE B 38 26.70 14.65 -3.83
N ASP B 39 25.71 14.45 -4.70
CA ASP B 39 25.95 14.11 -6.10
C ASP B 39 26.23 15.42 -6.84
N ALA B 40 27.51 15.72 -7.06
CA ALA B 40 27.89 16.97 -7.70
C ALA B 40 27.29 17.09 -9.10
N ASP B 41 27.21 15.96 -9.82
CA ASP B 41 26.78 16.01 -11.22
C ASP B 41 25.32 16.42 -11.33
N ALA B 42 24.47 15.95 -10.42
CA ALA B 42 23.05 16.29 -10.43
C ALA B 42 22.72 17.43 -9.49
N LYS B 43 23.72 18.05 -8.86
CA LYS B 43 23.51 19.06 -7.83
C LYS B 43 22.36 18.65 -6.90
N GLU B 44 22.53 17.48 -6.31
CA GLU B 44 21.47 16.85 -5.53
C GLU B 44 22.07 16.11 -4.34
N TRP B 45 21.42 16.27 -3.19
CA TRP B 45 21.76 15.44 -2.04
C TRP B 45 21.02 14.11 -2.15
N LYS B 46 21.73 13.02 -1.90
CA LYS B 46 21.15 11.68 -1.91
C LYS B 46 21.40 11.01 -0.57
N GLU B 47 20.36 10.40 -0.01
CA GLU B 47 20.50 9.68 1.24
C GLU B 47 21.44 8.48 1.05
N ARG B 48 22.30 8.27 2.05
CA ARG B 48 23.19 7.11 2.05
C ARG B 48 22.85 6.09 3.12
N GLY B 49 22.15 6.48 4.18
CA GLY B 49 21.80 5.55 5.22
C GLY B 49 21.25 6.22 6.47
N THR B 50 20.48 5.47 7.24
CA THR B 50 19.90 5.93 8.49
C THR B 50 20.19 4.89 9.56
N GLY B 51 20.71 5.34 10.70
CA GLY B 51 21.05 4.41 11.76
C GLY B 51 21.88 5.11 12.83
N ASP B 52 22.62 4.30 13.59
CA ASP B 52 23.44 4.80 14.68
C ASP B 52 24.80 5.22 14.15
N CYS B 53 25.15 6.49 14.37
CA CYS B 53 26.49 6.99 14.07
C CYS B 53 27.34 6.90 15.33
N LYS B 54 28.49 6.24 15.22
CA LYS B 54 29.36 5.97 16.35
C LYS B 54 30.75 6.53 16.11
N PHE B 55 31.33 7.13 17.14
CA PHE B 55 32.75 7.47 17.16
C PHE B 55 33.47 6.37 17.92
N LEU B 56 34.36 5.66 17.23
CA LEU B 56 35.04 4.50 17.78
C LEU B 56 36.53 4.80 17.96
N LYS B 57 37.03 4.59 19.18
CA LYS B 57 38.43 4.81 19.51
C LYS B 57 39.14 3.47 19.53
N ASN B 58 40.13 3.30 18.64
CA ASN B 58 40.92 2.09 18.61
C ASN B 58 41.85 2.05 19.83
N LYS B 59 41.78 0.96 20.59
CA LYS B 59 42.55 0.86 21.83
C LYS B 59 44.05 0.80 21.56
N LYS B 60 44.45 0.30 20.39
CA LYS B 60 45.86 0.10 20.11
C LYS B 60 46.50 1.30 19.43
N THR B 61 45.75 2.05 18.62
CA THR B 61 46.25 3.26 17.99
C THR B 61 45.72 4.55 18.62
N ASN B 62 44.60 4.47 19.35
CA ASN B 62 43.91 5.63 19.89
C ASN B 62 43.32 6.51 18.79
N LYS B 63 43.30 6.05 17.55
CA LYS B 63 42.69 6.79 16.45
C LYS B 63 41.18 6.62 16.49
N VAL B 64 40.46 7.73 16.31
CA VAL B 64 39.00 7.74 16.36
C VAL B 64 38.46 7.79 14.94
N ARG B 65 37.41 7.01 14.69
CA ARG B 65 36.75 6.98 13.39
C ARG B 65 35.25 7.14 13.59
N ILE B 66 34.57 7.51 12.52
CA ILE B 66 33.12 7.42 12.45
C ILE B 66 32.77 6.07 11.82
N LEU B 67 31.86 5.34 12.45
CA LEU B 67 31.29 4.13 11.86
C LEU B 67 29.78 4.23 11.97
N MET B 68 29.10 4.13 10.83
CA MET B 68 27.66 4.26 10.76
C MET B 68 27.09 3.08 9.98
N ARG B 69 26.05 2.46 10.51
CA ARG B 69 25.40 1.32 9.88
C ARG B 69 23.92 1.59 9.68
N ARG B 70 23.38 1.09 8.58
CA ARG B 70 21.94 1.23 8.32
C ARG B 70 21.16 0.30 9.24
N ASP B 71 19.98 0.78 9.66
CA ASP B 71 19.08 -0.08 10.42
C ASP B 71 18.75 -1.33 9.61
N LYS B 72 18.53 -2.43 10.34
CA LYS B 72 18.03 -3.68 9.76
C LYS B 72 19.09 -4.43 8.97
N THR B 73 19.53 -3.88 7.84
CA THR B 73 20.55 -4.54 7.04
C THR B 73 21.92 -4.43 7.69
N LEU B 74 22.14 -3.43 8.54
CA LEU B 74 23.40 -3.23 9.26
C LEU B 74 24.57 -3.02 8.31
N LYS B 75 24.30 -2.59 7.08
CA LYS B 75 25.35 -2.31 6.12
C LYS B 75 26.00 -0.96 6.41
N ILE B 76 27.31 -0.90 6.19
CA ILE B 76 28.08 0.30 6.55
C ILE B 76 27.80 1.40 5.53
N CYS B 77 27.45 2.59 6.02
CA CYS B 77 27.26 3.76 5.18
C CYS B 77 28.25 4.88 5.49
N ALA B 78 29.15 4.69 6.45
CA ALA B 78 30.22 5.64 6.69
C ALA B 78 31.29 4.97 7.53
N ASN B 79 32.55 5.18 7.14
CA ASN B 79 33.68 4.55 7.83
C ASN B 79 34.94 5.34 7.43
N HIS B 80 35.35 6.26 8.32
CA HIS B 80 36.48 7.12 8.02
C HIS B 80 37.00 7.73 9.32
N ILE B 81 38.28 8.10 9.29
CA ILE B 81 38.87 8.81 10.43
C ILE B 81 38.26 10.20 10.54
N ILE B 82 38.06 10.66 11.77
CA ILE B 82 37.64 12.03 12.01
C ILE B 82 38.88 12.92 11.89
N ALA B 83 39.29 13.17 10.65
CA ALA B 83 40.56 13.85 10.41
C ALA B 83 40.56 15.21 11.11
N PRO B 84 41.69 15.63 11.69
CA PRO B 84 41.77 16.99 12.26
C PRO B 84 41.58 18.09 11.23
N GLU B 85 41.82 17.80 9.94
CA GLU B 85 41.68 18.81 8.91
C GLU B 85 40.24 19.13 8.56
N TYR B 86 39.32 18.19 8.82
CA TYR B 86 37.92 18.39 8.44
C TYR B 86 37.29 19.54 9.22
N THR B 87 36.25 20.13 8.64
CA THR B 87 35.55 21.27 9.22
C THR B 87 34.06 21.09 9.01
N LEU B 88 33.30 21.13 10.11
CA LEU B 88 31.85 21.01 10.04
C LEU B 88 31.23 22.36 9.70
N LYS B 89 30.40 22.38 8.66
CA LYS B 89 29.76 23.59 8.18
C LYS B 89 28.24 23.42 8.16
N PRO B 90 27.48 24.49 8.42
CA PRO B 90 26.02 24.37 8.36
C PRO B 90 25.53 24.25 6.92
N ASN B 91 24.33 23.69 6.79
CA ASN B 91 23.62 23.64 5.52
C ASN B 91 22.53 24.71 5.51
N VAL B 92 22.30 25.29 4.33
CA VAL B 92 21.43 26.45 4.22
C VAL B 92 20.03 26.14 4.72
N GLY B 93 19.59 24.89 4.59
CA GLY B 93 18.21 24.53 4.89
C GLY B 93 17.98 23.87 6.23
N SER B 94 18.95 23.85 7.13
CA SER B 94 18.81 23.07 8.35
C SER B 94 19.61 23.68 9.48
N ASP B 95 19.01 23.71 10.67
CA ASP B 95 19.71 24.05 11.90
C ASP B 95 20.07 22.82 12.73
N ARG B 96 20.03 21.64 12.10
CA ARG B 96 20.32 20.38 12.79
C ARG B 96 21.13 19.44 11.90
N SER B 97 22.00 19.99 11.05
CA SER B 97 22.82 19.20 10.16
C SER B 97 24.21 19.82 10.07
N TRP B 98 25.16 19.03 9.58
CA TRP B 98 26.50 19.51 9.30
C TRP B 98 26.94 18.99 7.94
N VAL B 99 27.65 19.83 7.21
CA VAL B 99 28.25 19.47 5.93
C VAL B 99 29.77 19.49 6.11
N TYR B 100 30.45 18.47 5.57
CA TYR B 100 31.89 18.47 5.58
C TYR B 100 32.41 17.53 4.51
N ALA B 101 33.63 17.82 4.04
CA ALA B 101 34.27 17.01 3.02
C ALA B 101 35.07 15.90 3.67
N CYS B 102 34.98 14.70 3.08
CA CYS B 102 35.71 13.53 3.54
C CYS B 102 36.57 13.03 2.39
N THR B 103 37.87 12.91 2.63
CA THR B 103 38.82 12.54 1.59
C THR B 103 39.00 11.04 1.44
N ALA B 104 38.52 10.23 2.38
CA ALA B 104 38.69 8.78 2.29
C ALA B 104 37.65 8.10 3.17
N ASP B 105 36.58 7.61 2.55
CA ASP B 105 35.59 6.77 3.21
C ASP B 105 35.58 5.40 2.53
N ILE B 106 35.51 4.35 3.32
CA ILE B 106 35.59 2.98 2.80
C ILE B 106 34.32 2.21 3.12
N ALA B 107 33.18 2.88 3.11
CA ALA B 107 31.91 2.18 3.33
C ALA B 107 31.63 1.21 2.19
N GLU B 108 31.98 1.59 0.96
CA GLU B 108 31.66 0.78 -0.22
C GLU B 108 32.92 0.40 -0.98
N GLY B 109 33.82 -0.34 -0.33
CA GLY B 109 34.97 -0.90 -1.01
C GLY B 109 36.14 0.07 -1.05
N GLU B 110 36.66 0.31 -2.24
CA GLU B 110 37.81 1.20 -2.40
C GLU B 110 37.59 2.51 -1.67
N ALA B 111 38.67 3.06 -1.13
CA ALA B 111 38.60 4.40 -0.55
C ALA B 111 38.08 5.38 -1.60
N GLU B 112 37.53 6.49 -1.12
CA GLU B 112 36.81 7.41 -1.99
C GLU B 112 36.46 8.65 -1.19
N ALA B 113 36.47 9.79 -1.88
CA ALA B 113 36.18 11.08 -1.26
C ALA B 113 34.71 11.44 -1.47
N PHE B 114 34.15 12.10 -0.46
CA PHE B 114 32.74 12.49 -0.50
C PHE B 114 32.57 13.84 0.19
N THR B 115 31.52 14.55 -0.21
CA THR B 115 30.99 15.68 0.55
C THR B 115 29.76 15.16 1.29
N PHE B 116 29.92 14.92 2.58
CA PHE B 116 28.86 14.35 3.40
C PHE B 116 28.03 15.44 4.04
N ALA B 117 26.74 15.11 4.26
CA ALA B 117 25.90 15.85 5.19
C ALA B 117 25.26 14.84 6.13
N ILE B 118 25.21 15.18 7.41
CA ILE B 118 24.62 14.32 8.42
C ILE B 118 23.59 15.14 9.20
N ARG B 119 22.39 14.60 9.33
CA ARG B 119 21.30 15.28 10.02
C ARG B 119 20.85 14.47 11.21
N PHE B 120 20.33 15.17 12.22
CA PHE B 120 20.02 14.57 13.51
C PHE B 120 18.58 14.91 13.89
N GLY B 121 18.13 14.38 15.02
CA GLY B 121 16.76 14.58 15.45
C GLY B 121 16.47 15.97 15.97
N SER B 122 17.50 16.67 16.46
CA SER B 122 17.31 17.98 17.05
C SER B 122 18.56 18.82 16.79
N LYS B 123 18.39 20.14 16.87
CA LYS B 123 19.56 21.02 16.89
C LYS B 123 20.43 20.72 18.10
N GLU B 124 19.82 20.23 19.19
CA GLU B 124 20.58 19.90 20.38
C GLU B 124 21.53 18.73 20.11
N ASN B 125 21.04 17.69 19.44
CA ASN B 125 21.91 16.58 19.08
C ASN B 125 22.95 17.01 18.06
N ALA B 126 22.56 17.90 17.13
CA ALA B 126 23.51 18.39 16.14
C ALA B 126 24.68 19.10 16.81
N ASP B 127 24.39 19.95 17.80
CA ASP B 127 25.46 20.67 18.49
C ASP B 127 26.30 19.72 19.33
N LYS B 128 25.68 18.75 19.98
CA LYS B 128 26.43 17.76 20.74
C LYS B 128 27.34 16.95 19.84
N PHE B 129 26.83 16.53 18.68
CA PHE B 129 27.66 15.84 17.70
C PHE B 129 28.88 16.67 17.34
N LYS B 130 28.70 17.99 17.17
CA LYS B 130 29.81 18.83 16.73
C LYS B 130 30.91 18.91 17.78
N GLU B 131 30.55 19.00 19.06
CA GLU B 131 31.57 19.09 20.10
C GLU B 131 32.26 17.74 20.28
N GLU B 132 31.49 16.65 20.24
CA GLU B 132 32.12 15.32 20.22
C GLU B 132 33.00 15.16 19.00
N PHE B 133 32.55 15.67 17.85
CA PHE B 133 33.36 15.62 16.64
C PHE B 133 34.66 16.37 16.82
N GLU B 134 34.62 17.51 17.53
CA GLU B 134 35.82 18.31 17.74
C GLU B 134 36.72 17.69 18.80
N LYS B 135 36.15 17.18 19.89
CA LYS B 135 36.96 16.48 20.89
C LYS B 135 37.72 15.33 20.24
N ALA B 136 37.05 14.56 19.37
CA ALA B 136 37.72 13.45 18.70
C ALA B 136 38.79 13.94 17.73
N GLN B 137 38.60 15.13 17.15
CA GLN B 137 39.59 15.66 16.22
C GLN B 137 40.93 15.89 16.91
N GLU B 138 40.90 16.44 18.13
CA GLU B 138 42.14 16.68 18.86
C GLU B 138 42.78 15.37 19.29
N ILE B 139 41.96 14.37 19.65
CA ILE B 139 42.51 13.06 20.01
C ILE B 139 43.30 12.48 18.85
N ASN B 140 42.83 12.68 17.62
CA ASN B 140 43.57 12.23 16.45
C ASN B 140 44.74 13.14 16.12
N LYS B 141 44.77 14.35 16.68
CA LYS B 141 45.94 15.21 16.55
C LYS B 141 47.10 14.69 17.38
N LYS B 142 46.84 14.47 18.68
CA LYS B 142 47.87 13.93 19.58
C LYS B 142 48.52 12.69 18.99
N ALA B 143 47.73 11.64 18.80
CA ALA B 143 48.24 10.37 18.30
C ALA B 143 48.94 10.53 16.94
N SER C 3 28.98 -4.97 -32.74
CA SER C 3 28.91 -6.13 -33.67
C SER C 3 27.68 -6.99 -33.37
N MET C 4 27.26 -7.02 -32.10
CA MET C 4 26.06 -7.75 -31.72
C MET C 4 24.84 -7.26 -32.49
N GLU C 5 24.87 -6.02 -32.98
CA GLU C 5 23.74 -5.40 -33.68
C GLU C 5 23.49 -5.99 -35.06
N GLY C 6 24.15 -7.08 -35.45
CA GLY C 6 23.94 -7.62 -36.79
C GLY C 6 22.56 -8.24 -36.98
N ILE C 7 22.01 -8.83 -35.92
CA ILE C 7 20.71 -9.48 -36.04
C ILE C 7 19.61 -8.47 -36.36
N LEU C 8 19.86 -7.18 -36.15
CA LEU C 8 18.89 -6.15 -36.45
C LEU C 8 18.85 -5.76 -37.91
N ASP C 9 19.66 -6.40 -38.77
CA ASP C 9 19.69 -6.09 -40.20
C ASP C 9 18.97 -7.23 -40.91
N PHE C 10 17.73 -6.96 -41.33
CA PHE C 10 16.87 -8.00 -41.91
C PHE C 10 17.10 -8.20 -43.40
N SER C 11 17.77 -7.28 -44.08
CA SER C 11 18.11 -7.51 -45.49
C SER C 11 18.98 -8.75 -45.66
N ASN C 12 19.86 -9.00 -44.68
CA ASN C 12 20.65 -10.22 -44.66
C ASN C 12 19.84 -11.37 -44.11
N ASP C 13 20.37 -12.57 -44.24
CA ASP C 13 19.82 -13.72 -43.53
C ASP C 13 20.15 -13.62 -42.05
N LEU C 14 19.29 -14.21 -41.23
CA LEU C 14 19.51 -14.19 -39.79
C LEU C 14 20.59 -15.21 -39.43
N ASP C 15 21.64 -14.75 -38.77
CA ASP C 15 22.70 -15.64 -38.28
C ASP C 15 22.27 -16.19 -36.94
N ILE C 16 21.84 -17.45 -36.92
CA ILE C 16 21.34 -18.06 -35.69
C ILE C 16 22.41 -18.08 -34.62
N ALA C 17 23.67 -18.31 -35.02
CA ALA C 17 24.76 -18.31 -34.04
C ALA C 17 24.98 -16.92 -33.46
N LEU C 18 24.69 -15.87 -34.24
CA LEU C 18 24.79 -14.51 -33.70
C LEU C 18 23.65 -14.23 -32.74
N LEU C 19 22.44 -14.69 -33.08
CA LEU C 19 21.31 -14.58 -32.16
C LEU C 19 21.62 -15.27 -30.84
N ASP C 20 22.05 -16.54 -30.90
CA ASP C 20 22.34 -17.28 -29.69
C ASP C 20 23.39 -16.60 -28.83
N GLN C 21 24.31 -15.85 -29.45
CA GLN C 21 25.34 -15.14 -28.68
C GLN C 21 24.75 -13.93 -27.96
N VAL C 22 23.93 -13.15 -28.66
CA VAL C 22 23.25 -12.03 -28.01
C VAL C 22 22.41 -12.55 -26.85
N VAL C 23 21.73 -13.67 -27.05
CA VAL C 23 20.84 -14.20 -26.02
C VAL C 23 21.64 -14.65 -24.80
N SER C 24 22.73 -15.39 -25.03
CA SER C 24 23.54 -15.87 -23.92
C SER C 24 24.18 -14.71 -23.17
N THR C 25 24.62 -13.68 -23.88
CA THR C 25 25.21 -12.52 -23.23
C THR C 25 24.18 -11.83 -22.33
N PHE C 26 22.91 -11.82 -22.75
CA PHE C 26 21.88 -11.21 -21.93
C PHE C 26 21.58 -12.04 -20.69
N TYR C 27 21.33 -13.34 -20.88
CA TYR C 27 20.87 -14.18 -19.78
C TYR C 27 22.01 -14.60 -18.85
N GLN C 28 23.19 -14.92 -19.41
CA GLN C 28 24.31 -15.38 -18.61
C GLN C 28 25.40 -14.34 -18.42
N GLY C 29 25.42 -13.27 -19.21
CA GLY C 29 26.42 -12.24 -19.08
C GLY C 29 26.15 -11.32 -17.91
N SER C 30 26.89 -10.22 -17.89
CA SER C 30 26.78 -9.25 -16.79
C SER C 30 27.15 -7.86 -17.30
N GLY C 31 26.87 -6.87 -16.46
CA GLY C 31 27.30 -5.50 -16.70
C GLY C 31 26.96 -4.98 -18.07
N VAL C 32 27.94 -4.32 -18.69
CA VAL C 32 27.69 -3.53 -19.89
C VAL C 32 27.27 -4.42 -21.05
N GLN C 33 27.92 -5.57 -21.21
CA GLN C 33 27.57 -6.47 -22.31
C GLN C 33 26.13 -6.94 -22.19
N GLN C 34 25.72 -7.36 -20.99
CA GLN C 34 24.34 -7.76 -20.76
C GLN C 34 23.38 -6.65 -21.16
N LYS C 35 23.67 -5.41 -20.75
CA LYS C 35 22.78 -4.30 -21.04
C LYS C 35 22.66 -4.06 -22.55
N GLN C 36 23.80 -4.07 -23.25
CA GLN C 36 23.75 -3.86 -24.70
C GLN C 36 22.96 -4.95 -25.40
N ALA C 37 23.16 -6.21 -25.00
CA ALA C 37 22.41 -7.30 -25.58
C ALA C 37 20.92 -7.14 -25.32
N GLN C 38 20.56 -6.66 -24.13
CA GLN C 38 19.15 -6.48 -23.79
C GLN C 38 18.47 -5.52 -24.77
N GLU C 39 19.08 -4.35 -24.99
CA GLU C 39 18.50 -3.38 -25.91
C GLU C 39 18.45 -3.93 -27.32
N ILE C 40 19.44 -4.73 -27.72
CA ILE C 40 19.42 -5.34 -29.04
C ILE C 40 18.25 -6.32 -29.16
N LEU C 41 18.10 -7.20 -28.17
CA LEU C 41 17.02 -8.18 -28.21
C LEU C 41 15.66 -7.49 -28.23
N THR C 42 15.49 -6.44 -27.44
CA THR C 42 14.23 -5.70 -27.45
C THR C 42 13.93 -5.15 -28.83
N LYS C 43 14.94 -4.53 -29.46
CA LYS C 43 14.74 -4.00 -30.81
C LYS C 43 14.43 -5.11 -31.81
N PHE C 44 15.12 -6.25 -31.67
CA PHE C 44 14.85 -7.40 -32.53
C PHE C 44 13.41 -7.87 -32.36
N GLN C 45 13.01 -8.13 -31.11
CA GLN C 45 11.67 -8.65 -30.84
C GLN C 45 10.58 -7.69 -31.33
N ASP C 46 10.85 -6.38 -31.29
CA ASP C 46 9.84 -5.40 -31.65
C ASP C 46 9.77 -5.11 -33.14
N ASN C 47 10.72 -5.61 -33.93
CA ASN C 47 10.64 -5.45 -35.37
C ASN C 47 9.38 -6.13 -35.89
N PRO C 48 8.49 -5.41 -36.59
CA PRO C 48 7.22 -6.02 -37.00
C PRO C 48 7.36 -7.16 -38.01
N ASP C 49 8.57 -7.45 -38.48
CA ASP C 49 8.82 -8.59 -39.34
C ASP C 49 9.56 -9.72 -38.65
N ALA C 50 9.88 -9.57 -37.36
CA ALA C 50 10.63 -10.59 -36.66
C ALA C 50 9.91 -11.94 -36.67
N TRP C 51 8.57 -11.92 -36.77
CA TRP C 51 7.81 -13.17 -36.72
C TRP C 51 8.11 -14.06 -37.91
N GLN C 52 8.46 -13.48 -39.06
CA GLN C 52 8.79 -14.28 -40.24
C GLN C 52 10.01 -15.15 -39.98
N LYS C 53 10.88 -14.73 -39.08
CA LYS C 53 12.13 -15.45 -38.80
C LYS C 53 12.02 -16.35 -37.58
N ALA C 54 10.81 -16.49 -37.01
CA ALA C 54 10.63 -17.42 -35.89
C ALA C 54 10.65 -18.86 -36.36
N ASP C 55 10.09 -19.13 -37.54
CA ASP C 55 10.14 -20.47 -38.10
C ASP C 55 11.58 -20.95 -38.23
N GLN C 56 12.48 -20.05 -38.64
CA GLN C 56 13.90 -20.39 -38.74
C GLN C 56 14.47 -20.69 -37.35
N ILE C 57 14.32 -19.74 -36.43
CA ILE C 57 14.89 -19.90 -35.08
C ILE C 57 14.44 -21.22 -34.47
N LEU C 58 13.14 -21.52 -34.57
CA LEU C 58 12.61 -22.74 -33.97
C LEU C 58 13.16 -24.00 -34.62
N GLN C 59 13.70 -23.90 -35.84
CA GLN C 59 14.24 -25.06 -36.54
C GLN C 59 15.72 -25.27 -36.26
N PHE C 60 16.51 -24.20 -36.27
CA PHE C 60 17.96 -24.31 -36.35
C PHE C 60 18.71 -23.76 -35.14
N SER C 61 18.03 -23.09 -34.22
CA SER C 61 18.68 -22.70 -32.98
C SER C 61 18.80 -23.89 -32.03
N THR C 62 19.88 -23.91 -31.27
CA THR C 62 20.07 -24.89 -30.21
C THR C 62 19.95 -24.27 -28.83
N ASN C 63 19.49 -23.02 -28.74
CA ASN C 63 19.36 -22.31 -27.48
C ASN C 63 17.90 -22.23 -27.08
N PRO C 64 17.49 -22.74 -25.92
CA PRO C 64 16.06 -22.68 -25.57
C PRO C 64 15.57 -21.27 -25.32
N GLN C 65 16.40 -20.37 -24.80
CA GLN C 65 15.99 -18.98 -24.62
C GLN C 65 15.68 -18.33 -25.96
N SER C 66 16.47 -18.66 -26.99
CA SER C 66 16.23 -18.08 -28.32
C SER C 66 14.89 -18.53 -28.88
N LYS C 67 14.54 -19.81 -28.71
CA LYS C 67 13.25 -20.29 -29.17
C LYS C 67 12.12 -19.67 -28.37
N PHE C 68 12.31 -19.55 -27.05
CA PHE C 68 11.31 -18.87 -26.22
C PHE C 68 11.03 -17.48 -26.76
N ILE C 69 12.08 -16.69 -26.99
CA ILE C 69 11.90 -15.34 -27.54
C ILE C 69 11.17 -15.40 -28.88
N ALA C 70 11.51 -16.39 -29.71
CA ALA C 70 10.84 -16.53 -30.99
C ALA C 70 9.34 -16.74 -30.79
N LEU C 71 8.96 -17.50 -29.77
CA LEU C 71 7.54 -17.73 -29.50
C LEU C 71 6.88 -16.47 -28.96
N SER C 72 7.58 -15.71 -28.11
CA SER C 72 7.05 -14.42 -27.67
C SER C 72 6.74 -13.54 -28.86
N ILE C 73 7.60 -13.54 -29.87
CA ILE C 73 7.37 -12.76 -31.08
C ILE C 73 6.12 -13.26 -31.79
N LEU C 74 5.97 -14.59 -31.90
CA LEU C 74 4.76 -15.15 -32.51
C LEU C 74 3.52 -14.80 -31.70
N ASP C 75 3.64 -14.78 -30.37
N ASP C 75 3.64 -14.79 -30.37
CA ASP C 75 2.49 -14.48 -29.53
CA ASP C 75 2.50 -14.48 -29.52
C ASP C 75 1.97 -13.07 -29.77
C ASP C 75 1.97 -13.07 -29.79
N LYS C 76 2.87 -12.10 -29.93
CA LYS C 76 2.44 -10.74 -30.26
C LYS C 76 1.65 -10.74 -31.57
N LEU C 77 2.16 -11.46 -32.57
CA LEU C 77 1.52 -11.51 -33.88
C LEU C 77 0.14 -12.15 -33.79
N ILE C 78 0.05 -13.29 -33.09
CA ILE C 78 -1.20 -14.04 -33.02
C ILE C 78 -2.29 -13.22 -32.33
N THR C 79 -1.94 -12.56 -31.23
CA THR C 79 -2.96 -11.91 -30.41
C THR C 79 -3.34 -10.52 -30.93
N ARG C 80 -2.54 -9.92 -31.82
CA ARG C 80 -2.80 -8.57 -32.29
C ARG C 80 -3.02 -8.44 -33.79
N LYS C 81 -2.39 -9.29 -34.62
CA LYS C 81 -2.45 -9.12 -36.07
C LYS C 81 -2.78 -10.40 -36.80
N TRP C 82 -3.29 -11.41 -36.10
CA TRP C 82 -3.59 -12.71 -36.72
C TRP C 82 -4.47 -12.56 -37.95
N LYS C 83 -5.59 -11.83 -37.82
CA LYS C 83 -6.59 -11.78 -38.88
C LYS C 83 -6.15 -10.93 -40.07
N LEU C 84 -5.08 -10.17 -39.94
CA LEU C 84 -4.54 -9.40 -41.05
C LEU C 84 -3.69 -10.24 -41.99
N LEU C 85 -3.30 -11.45 -41.58
CA LEU C 85 -2.41 -12.28 -42.36
C LEU C 85 -3.10 -12.84 -43.59
N PRO C 86 -2.34 -13.19 -44.62
CA PRO C 86 -2.86 -14.11 -45.64
C PRO C 86 -3.15 -15.45 -44.99
N ASN C 87 -4.24 -16.09 -45.43
CA ASN C 87 -4.64 -17.34 -44.79
C ASN C 87 -3.55 -18.41 -44.90
N ASP C 88 -2.64 -18.29 -45.88
CA ASP C 88 -1.55 -19.25 -45.98
C ASP C 88 -0.63 -19.18 -44.76
N HIS C 89 -0.36 -17.97 -44.27
CA HIS C 89 0.53 -17.84 -43.11
C HIS C 89 -0.15 -18.34 -41.83
N ARG C 90 -1.45 -18.09 -41.68
CA ARG C 90 -2.17 -18.61 -40.52
C ARG C 90 -2.08 -20.13 -40.46
N ILE C 91 -2.34 -20.80 -41.58
CA ILE C 91 -2.25 -22.26 -41.62
C ILE C 91 -0.83 -22.70 -41.34
N GLY C 92 0.15 -22.03 -41.94
CA GLY C 92 1.54 -22.43 -41.76
C GLY C 92 1.99 -22.29 -40.32
N ILE C 93 1.73 -21.13 -39.71
CA ILE C 93 2.12 -20.90 -38.33
C ILE C 93 1.50 -21.96 -37.43
N ARG C 94 0.21 -22.22 -37.62
CA ARG C 94 -0.46 -23.28 -36.88
C ARG C 94 0.29 -24.61 -37.04
N ASN C 95 0.67 -24.93 -38.27
CA ASN C 95 1.24 -26.25 -38.55
C ASN C 95 2.58 -26.44 -37.86
N PHE C 96 3.47 -25.44 -37.91
CA PHE C 96 4.78 -25.64 -37.30
C PHE C 96 4.80 -25.34 -35.81
N VAL C 97 3.70 -24.84 -35.24
CA VAL C 97 3.54 -24.88 -33.79
C VAL C 97 3.08 -26.26 -33.34
N VAL C 98 2.05 -26.79 -33.99
CA VAL C 98 1.62 -28.16 -33.70
C VAL C 98 2.77 -29.13 -33.85
N GLY C 99 3.53 -29.01 -34.95
CA GLY C 99 4.61 -29.93 -35.21
C GLY C 99 5.73 -29.82 -34.19
N MET C 100 6.10 -28.59 -33.82
CA MET C 100 7.17 -28.39 -32.84
C MET C 100 6.79 -29.03 -31.51
N ILE C 101 5.53 -28.93 -31.11
CA ILE C 101 5.10 -29.52 -29.84
C ILE C 101 5.20 -31.04 -29.91
N ILE C 102 4.75 -31.63 -31.02
CA ILE C 102 4.77 -33.09 -31.15
C ILE C 102 6.20 -33.60 -31.00
N SER C 103 7.14 -33.00 -31.71
CA SER C 103 8.50 -33.52 -31.73
C SER C 103 9.21 -33.33 -30.38
N MET C 104 8.88 -32.26 -29.66
CA MET C 104 9.46 -32.09 -28.33
C MET C 104 8.94 -33.13 -27.35
N CYS C 105 7.68 -33.57 -27.53
CA CYS C 105 7.11 -34.58 -26.65
C CYS C 105 7.62 -35.98 -26.97
N GLN C 106 8.03 -36.21 -28.22
CA GLN C 106 8.49 -37.54 -28.62
C GLN C 106 9.94 -37.80 -28.25
N ASP C 107 10.72 -36.75 -27.99
CA ASP C 107 12.10 -36.89 -27.52
C ASP C 107 12.08 -36.78 -26.00
N ASP C 108 12.21 -37.93 -25.33
CA ASP C 108 12.12 -37.94 -23.87
C ASP C 108 13.14 -37.01 -23.23
N GLU C 109 14.33 -36.91 -23.84
CA GLU C 109 15.36 -36.02 -23.28
C GLU C 109 14.92 -34.56 -23.34
N VAL C 110 14.36 -34.14 -24.48
CA VAL C 110 13.88 -32.76 -24.61
C VAL C 110 12.68 -32.54 -23.72
N PHE C 111 11.72 -33.47 -23.72
CA PHE C 111 10.54 -33.34 -22.88
C PHE C 111 10.91 -33.18 -21.41
N LYS C 112 12.08 -33.67 -21.02
CA LYS C 112 12.52 -33.67 -19.63
C LYS C 112 13.31 -32.42 -19.26
N THR C 113 14.06 -31.85 -20.21
CA THR C 113 15.00 -30.77 -19.90
C THR C 113 14.59 -29.41 -20.45
N GLN C 114 13.52 -29.34 -21.23
N GLN C 114 13.51 -29.34 -21.23
CA GLN C 114 13.06 -28.09 -21.84
CA GLN C 114 13.06 -28.09 -21.82
C GLN C 114 11.59 -27.84 -21.50
C GLN C 114 11.59 -27.83 -21.50
N LYS C 115 11.26 -27.90 -20.21
CA LYS C 115 9.89 -27.68 -19.79
C LYS C 115 9.45 -26.23 -20.01
N ASN C 116 10.35 -25.28 -19.75
CA ASN C 116 10.03 -23.88 -20.01
C ASN C 116 9.61 -23.66 -21.46
N LEU C 117 10.34 -24.27 -22.40
CA LEU C 117 10.07 -24.05 -23.81
C LEU C 117 8.82 -24.77 -24.27
N ILE C 118 8.53 -25.93 -23.69
CA ILE C 118 7.31 -26.65 -24.06
C ILE C 118 6.08 -25.91 -23.53
N ASN C 119 6.14 -25.43 -22.28
CA ASN C 119 5.03 -24.67 -21.73
C ASN C 119 4.77 -23.42 -22.55
N LYS C 120 5.83 -22.74 -23.00
CA LYS C 120 5.65 -21.55 -23.83
C LYS C 120 5.01 -21.92 -25.16
N SER C 121 5.43 -23.04 -25.75
CA SER C 121 4.82 -23.48 -27.00
C SER C 121 3.35 -23.85 -26.80
N ASP C 122 3.03 -24.49 -25.67
CA ASP C 122 1.65 -24.80 -25.35
C ASP C 122 0.81 -23.52 -25.29
N LEU C 123 1.31 -22.51 -24.58
CA LEU C 123 0.57 -21.26 -24.46
C LEU C 123 0.40 -20.61 -25.83
N THR C 124 1.45 -20.61 -26.65
CA THR C 124 1.33 -20.10 -28.02
C THR C 124 0.22 -20.84 -28.78
N LEU C 125 0.20 -22.17 -28.67
CA LEU C 125 -0.87 -22.94 -29.28
C LEU C 125 -2.23 -22.47 -28.79
N VAL C 126 -2.36 -22.23 -27.48
CA VAL C 126 -3.63 -21.79 -26.92
C VAL C 126 -4.05 -20.46 -27.53
N GLN C 127 -3.07 -19.58 -27.81
CA GLN C 127 -3.39 -18.31 -28.44
C GLN C 127 -3.99 -18.54 -29.82
N ILE C 128 -3.50 -19.54 -30.55
CA ILE C 128 -4.09 -19.88 -31.85
C ILE C 128 -5.49 -20.44 -31.67
N LEU C 129 -5.70 -21.26 -30.64
CA LEU C 129 -7.03 -21.81 -30.38
C LEU C 129 -8.04 -20.70 -30.11
N LYS C 130 -7.64 -19.67 -29.37
CA LYS C 130 -8.55 -18.57 -29.10
C LYS C 130 -8.96 -17.85 -30.37
N GLN C 131 -8.12 -17.92 -31.41
CA GLN C 131 -8.43 -17.32 -32.71
C GLN C 131 -9.18 -18.27 -33.62
N GLU C 132 -8.86 -19.57 -33.58
CA GLU C 132 -9.24 -20.50 -34.63
C GLU C 132 -10.23 -21.56 -34.19
N TRP C 133 -10.44 -21.76 -32.88
CA TRP C 133 -11.17 -22.92 -32.41
C TRP C 133 -12.48 -22.49 -31.75
N PRO C 134 -13.58 -23.25 -31.94
CA PRO C 134 -13.72 -24.47 -32.75
C PRO C 134 -14.16 -24.25 -34.20
N GLN C 135 -14.38 -23.00 -34.61
CA GLN C 135 -14.98 -22.75 -35.92
C GLN C 135 -14.09 -23.24 -37.04
N ASN C 136 -12.77 -23.03 -36.94
CA ASN C 136 -11.82 -23.45 -37.96
C ASN C 136 -10.91 -24.57 -37.47
N TRP C 137 -11.39 -25.37 -36.51
CA TRP C 137 -10.58 -26.45 -35.96
C TRP C 137 -11.46 -27.38 -35.14
N PRO C 138 -12.58 -27.84 -35.70
CA PRO C 138 -13.53 -28.63 -34.90
C PRO C 138 -12.95 -29.94 -34.40
N GLU C 139 -11.91 -30.47 -35.03
CA GLU C 139 -11.36 -31.76 -34.67
C GLU C 139 -10.31 -31.68 -33.56
N PHE C 140 -10.08 -30.49 -33.00
CA PHE C 140 -8.95 -30.32 -32.07
C PHE C 140 -9.09 -31.23 -30.87
N ILE C 141 -10.26 -31.24 -30.23
CA ILE C 141 -10.44 -31.97 -28.98
C ILE C 141 -10.48 -33.47 -29.26
N PRO C 142 -11.31 -33.94 -30.21
CA PRO C 142 -11.26 -35.38 -30.53
C PRO C 142 -9.86 -35.88 -30.88
N GLU C 143 -9.09 -35.10 -31.65
CA GLU C 143 -7.74 -35.51 -31.98
C GLU C 143 -6.80 -35.42 -30.77
N LEU C 144 -7.03 -34.44 -29.89
CA LEU C 144 -6.26 -34.37 -28.65
C LEU C 144 -6.46 -35.63 -27.82
N ILE C 145 -7.71 -36.07 -27.69
CA ILE C 145 -8.00 -37.27 -26.89
C ILE C 145 -7.39 -38.50 -27.54
N GLY C 146 -7.40 -38.57 -28.87
CA GLY C 146 -6.81 -39.71 -29.55
C GLY C 146 -5.31 -39.75 -29.39
N SER C 147 -4.63 -38.61 -29.58
CA SER C 147 -3.18 -38.56 -29.46
C SER C 147 -2.71 -38.83 -28.04
N SER C 148 -3.59 -38.65 -27.04
CA SER C 148 -3.19 -38.85 -25.66
C SER C 148 -2.86 -40.32 -25.38
N SER C 149 -3.58 -41.25 -26.01
CA SER C 149 -3.39 -42.67 -25.72
C SER C 149 -2.13 -43.24 -26.35
N SER C 150 -1.59 -42.60 -27.39
CA SER C 150 -0.42 -43.11 -28.08
C SER C 150 0.88 -42.86 -27.31
N SER C 151 0.85 -42.08 -26.23
CA SER C 151 2.09 -41.69 -25.58
C SER C 151 1.77 -41.01 -24.25
N VAL C 152 2.54 -41.39 -23.22
CA VAL C 152 2.38 -40.77 -21.90
C VAL C 152 2.84 -39.31 -21.94
N ASN C 153 3.91 -39.03 -22.68
CA ASN C 153 4.42 -37.67 -22.75
C ASN C 153 3.44 -36.74 -23.45
N VAL C 154 2.82 -37.20 -24.53
CA VAL C 154 1.83 -36.39 -25.23
C VAL C 154 0.58 -36.21 -24.38
N CYS C 155 0.16 -37.27 -23.68
CA CYS C 155 -0.99 -37.16 -22.80
C CYS C 155 -0.74 -36.12 -21.70
N GLU C 156 0.45 -36.17 -21.09
CA GLU C 156 0.78 -35.22 -20.04
C GLU C 156 0.79 -33.79 -20.57
N ASN C 157 1.37 -33.58 -21.75
CA ASN C 157 1.43 -32.22 -22.30
C ASN C 157 0.04 -31.72 -22.68
N ASN C 158 -0.83 -32.61 -23.16
CA ASN C 158 -2.19 -32.20 -23.49
C ASN C 158 -2.94 -31.74 -22.25
N MET C 159 -2.61 -32.29 -21.08
CA MET C 159 -3.19 -31.79 -19.84
C MET C 159 -2.76 -30.35 -19.58
N ILE C 160 -1.51 -30.02 -19.92
CA ILE C 160 -1.03 -28.65 -19.78
C ILE C 160 -1.77 -27.73 -20.75
N VAL C 161 -1.97 -28.18 -21.99
CA VAL C 161 -2.68 -27.36 -22.97
C VAL C 161 -4.10 -27.10 -22.52
N LEU C 162 -4.79 -28.16 -22.05
CA LEU C 162 -6.16 -27.99 -21.58
C LEU C 162 -6.23 -27.12 -20.34
N LYS C 163 -5.22 -27.21 -19.46
CA LYS C 163 -5.18 -26.35 -18.30
C LYS C 163 -5.07 -24.89 -18.71
N LEU C 164 -4.16 -24.59 -19.64
CA LEU C 164 -3.98 -23.22 -20.12
C LEU C 164 -5.21 -22.73 -20.87
N LEU C 165 -5.85 -23.62 -21.65
CA LEU C 165 -7.06 -23.23 -22.36
C LEU C 165 -8.17 -22.86 -21.39
N SER C 166 -8.36 -23.67 -20.36
CA SER C 166 -9.38 -23.37 -19.36
C SER C 166 -9.09 -22.04 -18.67
N GLU C 167 -7.83 -21.79 -18.32
CA GLU C 167 -7.46 -20.51 -17.71
C GLU C 167 -7.78 -19.35 -18.62
N GLU C 168 -7.37 -19.45 -19.89
CA GLU C 168 -7.54 -18.34 -20.81
C GLU C 168 -9.01 -18.07 -21.12
N VAL C 169 -9.85 -19.10 -21.07
CA VAL C 169 -11.27 -18.96 -21.41
C VAL C 169 -12.09 -18.53 -20.20
N PHE C 170 -11.86 -19.14 -19.04
CA PHE C 170 -12.72 -18.92 -17.88
C PHE C 170 -12.12 -18.05 -16.80
N ASP C 171 -10.80 -18.02 -16.64
CA ASP C 171 -10.18 -17.29 -15.53
C ASP C 171 -9.68 -15.91 -15.91
N PHE C 172 -9.23 -15.71 -17.16
CA PHE C 172 -8.59 -14.46 -17.54
C PHE C 172 -9.20 -13.85 -18.80
N SER C 173 -10.41 -14.25 -19.16
CA SER C 173 -11.06 -13.73 -20.36
C SER C 173 -11.71 -12.38 -20.12
N ALA C 174 -12.17 -12.12 -18.89
CA ALA C 174 -12.97 -10.93 -18.62
C ALA C 174 -12.30 -9.66 -19.12
N GLU C 175 -10.99 -9.53 -18.90
CA GLU C 175 -10.27 -8.33 -19.28
C GLU C 175 -9.79 -8.36 -20.73
N GLN C 176 -9.60 -9.54 -21.31
CA GLN C 176 -8.76 -9.70 -22.49
C GLN C 176 -9.52 -9.98 -23.78
N MET C 177 -10.81 -10.30 -23.72
CA MET C 177 -11.58 -10.53 -24.94
C MET C 177 -12.97 -9.93 -24.75
N THR C 178 -13.66 -9.75 -25.87
CA THR C 178 -14.99 -9.17 -25.83
C THR C 178 -15.97 -10.12 -25.14
N GLN C 179 -17.05 -9.55 -24.62
CA GLN C 179 -18.10 -10.36 -24.01
C GLN C 179 -18.55 -11.48 -24.94
N ALA C 180 -18.75 -11.16 -26.22
CA ALA C 180 -19.24 -12.17 -27.17
C ALA C 180 -18.23 -13.27 -27.38
N LYS C 181 -16.95 -12.92 -27.55
CA LYS C 181 -15.94 -13.94 -27.82
C LYS C 181 -15.70 -14.81 -26.60
N ALA C 182 -15.75 -14.23 -25.41
CA ALA C 182 -15.64 -15.01 -24.18
C ALA C 182 -16.75 -16.04 -24.10
N LEU C 183 -18.01 -15.59 -24.30
CA LEU C 183 -19.13 -16.52 -24.25
C LEU C 183 -19.00 -17.61 -25.31
N HIS C 184 -18.56 -17.24 -26.50
CA HIS C 184 -18.35 -18.21 -27.57
C HIS C 184 -17.38 -19.31 -27.14
N LEU C 185 -16.26 -18.92 -26.52
CA LEU C 185 -15.26 -19.91 -26.13
C LEU C 185 -15.70 -20.71 -24.91
N LYS C 186 -16.39 -20.06 -23.96
CA LYS C 186 -16.91 -20.79 -22.81
C LYS C 186 -17.92 -21.84 -23.25
N ASN C 187 -18.83 -21.49 -24.16
CA ASN C 187 -19.79 -22.46 -24.67
C ASN C 187 -19.10 -23.59 -25.43
N SER C 188 -18.06 -23.26 -26.19
CA SER C 188 -17.34 -24.28 -26.94
C SER C 188 -16.70 -25.28 -26.00
N MET C 189 -16.00 -24.81 -24.98
CA MET C 189 -15.40 -25.72 -24.01
C MET C 189 -16.48 -26.53 -23.29
N SER C 190 -17.56 -25.87 -22.89
CA SER C 190 -18.65 -26.57 -22.21
C SER C 190 -19.24 -27.65 -23.09
N LYS C 191 -19.29 -27.42 -24.41
CA LYS C 191 -19.90 -28.38 -25.31
C LYS C 191 -19.10 -29.67 -25.39
N GLU C 192 -17.77 -29.57 -25.32
CA GLU C 192 -16.90 -30.73 -25.48
C GLU C 192 -16.28 -31.21 -24.17
N PHE C 193 -16.78 -30.76 -23.02
CA PHE C 193 -16.13 -31.14 -21.78
C PHE C 193 -16.41 -32.60 -21.40
N GLU C 194 -17.57 -33.12 -21.80
CA GLU C 194 -17.87 -34.53 -21.52
C GLU C 194 -16.71 -35.42 -21.95
N GLN C 195 -16.16 -35.17 -23.14
N GLN C 195 -16.21 -35.20 -23.17
CA GLN C 195 -15.07 -36.00 -23.64
CA GLN C 195 -15.07 -35.96 -23.66
C GLN C 195 -13.73 -35.64 -23.00
C GLN C 195 -13.83 -35.67 -22.83
N ILE C 196 -13.56 -34.39 -22.58
CA ILE C 196 -12.36 -34.00 -21.84
C ILE C 196 -12.34 -34.70 -20.49
N PHE C 197 -13.47 -34.67 -19.78
CA PHE C 197 -13.52 -35.27 -18.45
C PHE C 197 -13.27 -36.77 -18.51
N LYS C 198 -13.81 -37.44 -19.54
CA LYS C 198 -13.61 -38.87 -19.67
C LYS C 198 -12.12 -39.21 -19.71
N LEU C 199 -11.37 -38.52 -20.56
CA LEU C 199 -9.92 -38.68 -20.58
C LEU C 199 -9.31 -38.41 -19.21
N CYS C 200 -9.72 -37.31 -18.58
CA CYS C 200 -9.15 -36.93 -17.28
CA CYS C 200 -9.13 -36.94 -17.30
C CYS C 200 -9.41 -38.00 -16.23
N PHE C 201 -10.63 -38.53 -16.20
CA PHE C 201 -10.96 -39.53 -15.18
C PHE C 201 -10.24 -40.84 -15.45
N GLN C 202 -10.13 -41.24 -16.71
CA GLN C 202 -9.41 -42.47 -17.04
C GLN C 202 -7.95 -42.38 -16.61
N VAL C 203 -7.30 -41.25 -16.89
CA VAL C 203 -5.91 -41.06 -16.47
C VAL C 203 -5.78 -41.20 -14.96
N LEU C 204 -6.68 -40.54 -14.22
CA LEU C 204 -6.59 -40.57 -12.76
C LEU C 204 -6.87 -41.97 -12.22
N GLU C 205 -7.86 -42.66 -12.77
CA GLU C 205 -8.27 -43.93 -12.20
C GLU C 205 -7.23 -45.03 -12.46
N GLN C 206 -6.58 -44.99 -13.63
CA GLN C 206 -5.67 -46.04 -14.04
C GLN C 206 -4.22 -45.75 -13.67
N GLY C 207 -3.99 -44.89 -12.66
CA GLY C 207 -2.65 -44.53 -12.27
C GLY C 207 -1.78 -44.17 -13.45
N SER C 208 -0.46 -44.32 -13.29
CA SER C 208 0.55 -44.15 -14.33
C SER C 208 1.68 -43.26 -13.82
N SER C 209 2.29 -42.49 -14.71
CA SER C 209 3.32 -41.55 -14.31
C SER C 209 2.77 -40.55 -13.31
N SER C 210 3.49 -40.35 -12.21
CA SER C 210 3.08 -39.34 -11.26
C SER C 210 3.10 -37.95 -11.89
N SER C 211 4.04 -37.71 -12.80
CA SER C 211 4.07 -36.43 -13.51
C SER C 211 2.82 -36.26 -14.36
N LEU C 212 2.33 -37.35 -14.96
CA LEU C 212 1.08 -37.28 -15.71
C LEU C 212 -0.11 -37.11 -14.78
N ILE C 213 -0.10 -37.77 -13.63
CA ILE C 213 -1.18 -37.63 -12.67
C ILE C 213 -1.24 -36.20 -12.16
N VAL C 214 -0.08 -35.64 -11.79
CA VAL C 214 -0.05 -34.29 -11.24
C VAL C 214 -0.55 -33.28 -12.26
N ALA C 215 -0.13 -33.42 -13.52
CA ALA C 215 -0.59 -32.49 -14.55
C ALA C 215 -2.08 -32.60 -14.77
N THR C 216 -2.62 -33.82 -14.72
CA THR C 216 -4.06 -33.99 -14.85
C THR C 216 -4.80 -33.35 -13.69
N LEU C 217 -4.26 -33.47 -12.48
CA LEU C 217 -4.91 -32.86 -11.32
C LEU C 217 -4.80 -31.34 -11.37
N GLU C 218 -3.69 -30.82 -11.89
N GLU C 218 -3.67 -30.82 -11.85
CA GLU C 218 -3.55 -29.38 -12.04
CA GLU C 218 -3.55 -29.38 -12.05
C GLU C 218 -4.60 -28.84 -13.01
C GLU C 218 -4.64 -28.87 -12.98
N SER C 219 -4.89 -29.58 -14.09
CA SER C 219 -5.95 -29.16 -15.00
C SER C 219 -7.31 -29.29 -14.34
N LEU C 220 -7.52 -30.35 -13.55
CA LEU C 220 -8.79 -30.50 -12.85
C LEU C 220 -9.05 -29.32 -11.93
N LEU C 221 -8.01 -28.81 -11.28
CA LEU C 221 -8.18 -27.64 -10.42
C LEU C 221 -8.80 -26.48 -11.20
N ARG C 222 -8.37 -26.29 -12.45
CA ARG C 222 -8.93 -25.22 -13.26
C ARG C 222 -10.36 -25.52 -13.65
N TYR C 223 -10.68 -26.78 -13.98
CA TYR C 223 -12.04 -27.13 -14.39
C TYR C 223 -13.03 -26.86 -13.27
N LEU C 224 -12.62 -27.10 -12.02
CA LEU C 224 -13.54 -26.95 -10.90
C LEU C 224 -14.04 -25.51 -10.75
N HIS C 225 -13.38 -24.54 -11.38
CA HIS C 225 -13.86 -23.16 -11.33
C HIS C 225 -15.20 -22.98 -12.04
N TRP C 226 -15.55 -23.88 -12.98
CA TRP C 226 -16.72 -23.63 -13.84
C TRP C 226 -17.57 -24.84 -14.17
N ILE C 227 -17.09 -26.08 -14.05
CA ILE C 227 -17.85 -27.22 -14.54
C ILE C 227 -19.04 -27.50 -13.64
N PRO C 228 -20.12 -28.09 -14.16
CA PRO C 228 -21.27 -28.39 -13.32
C PRO C 228 -20.96 -29.46 -12.29
N TYR C 229 -21.67 -29.39 -11.16
CA TYR C 229 -21.34 -30.20 -10.00
C TYR C 229 -21.48 -31.71 -10.28
N ARG C 230 -22.26 -32.09 -11.30
CA ARG C 230 -22.53 -33.52 -11.50
C ARG C 230 -21.27 -34.28 -11.86
N TYR C 231 -20.33 -33.66 -12.58
CA TYR C 231 -19.07 -34.31 -12.88
C TYR C 231 -18.31 -34.70 -11.63
N ILE C 232 -18.58 -34.02 -10.51
CA ILE C 232 -17.85 -34.25 -9.27
C ILE C 232 -18.60 -35.21 -8.35
N TYR C 233 -19.92 -35.11 -8.30
CA TYR C 233 -20.72 -35.87 -7.35
C TYR C 233 -21.35 -37.12 -7.94
N GLU C 234 -21.38 -37.26 -9.27
CA GLU C 234 -21.95 -38.44 -9.90
C GLU C 234 -20.89 -39.34 -10.52
N THR C 235 -19.62 -39.11 -10.19
CA THR C 235 -18.52 -39.98 -10.56
C THR C 235 -17.80 -40.43 -9.28
N ASN C 236 -16.78 -41.25 -9.44
CA ASN C 236 -16.00 -41.72 -8.31
C ASN C 236 -14.85 -40.77 -7.96
N ILE C 237 -14.82 -39.57 -8.56
CA ILE C 237 -13.62 -38.77 -8.48
C ILE C 237 -13.36 -38.29 -7.06
N LEU C 238 -14.41 -38.00 -6.28
CA LEU C 238 -14.20 -37.56 -4.91
C LEU C 238 -13.49 -38.63 -4.09
N GLU C 239 -13.85 -39.90 -4.30
CA GLU C 239 -13.17 -40.98 -3.61
C GLU C 239 -11.69 -41.00 -3.98
N LEU C 240 -11.38 -40.86 -5.27
CA LEU C 240 -9.99 -40.83 -5.70
C LEU C 240 -9.24 -39.67 -5.06
N LEU C 241 -9.83 -38.47 -5.11
CA LEU C 241 -9.17 -37.29 -4.57
C LEU C 241 -8.93 -37.43 -3.06
N SER C 242 -9.95 -37.88 -2.32
CA SER C 242 -9.90 -37.86 -0.87
C SER C 242 -9.18 -39.07 -0.27
N THR C 243 -8.75 -40.04 -1.08
CA THR C 243 -8.02 -41.19 -0.56
C THR C 243 -6.70 -41.38 -1.31
N LYS C 244 -6.79 -42.03 -2.47
CA LYS C 244 -5.63 -42.35 -3.30
C LYS C 244 -4.62 -41.20 -3.35
N PHE C 245 -5.06 -40.04 -3.82
CA PHE C 245 -4.14 -38.96 -4.13
C PHE C 245 -3.71 -38.16 -2.90
N MET C 246 -4.33 -38.38 -1.74
CA MET C 246 -3.82 -37.77 -0.51
C MET C 246 -2.69 -38.58 0.10
N THR C 247 -2.54 -39.85 -0.26
CA THR C 247 -1.50 -40.69 0.32
C THR C 247 -0.12 -40.32 -0.23
N SER C 248 -0.03 -40.06 -1.53
N SER C 248 -0.04 -40.04 -1.52
CA SER C 248 1.24 -39.70 -2.14
CA SER C 248 1.24 -39.71 -2.15
C SER C 248 1.52 -38.22 -1.95
C SER C 248 1.54 -38.23 -2.00
N PRO C 249 2.72 -37.84 -1.47
CA PRO C 249 3.00 -36.40 -1.36
C PRO C 249 3.09 -35.71 -2.71
N ASP C 250 3.45 -36.44 -3.77
CA ASP C 250 3.51 -35.83 -5.11
C ASP C 250 2.18 -35.20 -5.47
N THR C 251 1.08 -35.94 -5.30
CA THR C 251 -0.24 -35.47 -5.66
C THR C 251 -0.98 -34.77 -4.52
N ARG C 252 -0.41 -34.78 -3.31
CA ARG C 252 -1.17 -34.35 -2.13
C ARG C 252 -1.46 -32.86 -2.17
N ALA C 253 -0.49 -32.04 -2.60
CA ALA C 253 -0.67 -30.60 -2.58
C ALA C 253 -1.75 -30.17 -3.57
N ILE C 254 -1.65 -30.63 -4.81
CA ILE C 254 -2.65 -30.25 -5.81
C ILE C 254 -4.02 -30.82 -5.44
N THR C 255 -4.04 -32.06 -4.93
CA THR C 255 -5.31 -32.68 -4.57
C THR C 255 -6.03 -31.89 -3.48
N LEU C 256 -5.28 -31.40 -2.49
CA LEU C 256 -5.89 -30.62 -1.43
C LEU C 256 -6.46 -29.32 -1.98
N LYS C 257 -5.79 -28.72 -2.96
CA LYS C 257 -6.34 -27.52 -3.59
C LYS C 257 -7.61 -27.84 -4.37
N CYS C 258 -7.65 -29.00 -5.04
CA CYS C 258 -8.87 -29.40 -5.73
C CYS C 258 -10.02 -29.58 -4.77
N LEU C 259 -9.77 -30.22 -3.62
CA LEU C 259 -10.83 -30.44 -2.66
C LEU C 259 -11.29 -29.15 -2.00
N THR C 260 -10.39 -28.17 -1.87
CA THR C 260 -10.81 -26.84 -1.42
C THR C 260 -11.82 -26.24 -2.37
N GLU C 261 -11.56 -26.33 -3.68
CA GLU C 261 -12.48 -25.77 -4.66
C GLU C 261 -13.77 -26.59 -4.73
N VAL C 262 -13.66 -27.91 -4.59
CA VAL C 262 -14.87 -28.74 -4.49
C VAL C 262 -15.77 -28.23 -3.37
N SER C 263 -15.16 -27.82 -2.26
CA SER C 263 -15.89 -27.30 -1.11
C SER C 263 -16.58 -25.98 -1.44
N ASN C 264 -16.45 -25.50 -2.68
CA ASN C 264 -17.12 -24.28 -3.12
C ASN C 264 -18.06 -24.49 -4.31
N LEU C 265 -18.24 -25.72 -4.78
CA LEU C 265 -19.10 -25.96 -5.93
C LEU C 265 -20.53 -25.54 -5.65
N LYS C 266 -21.23 -25.14 -6.71
CA LYS C 266 -22.66 -24.91 -6.63
C LYS C 266 -23.37 -26.24 -6.44
N ILE C 267 -23.99 -26.43 -5.29
CA ILE C 267 -24.51 -27.73 -4.88
C ILE C 267 -25.96 -27.59 -4.42
N PRO C 268 -26.86 -28.49 -4.82
CA PRO C 268 -28.21 -28.47 -4.24
C PRO C 268 -28.17 -28.80 -2.75
N GLN C 269 -28.91 -28.02 -1.97
CA GLN C 269 -28.88 -28.11 -0.52
C GLN C 269 -30.00 -28.97 0.05
N ASP C 270 -30.72 -29.70 -0.80
CA ASP C 270 -31.82 -30.54 -0.35
C ASP C 270 -31.62 -32.02 -0.65
N ASN C 271 -30.53 -32.39 -1.33
CA ASN C 271 -30.27 -33.78 -1.68
C ASN C 271 -29.50 -34.43 -0.53
N ASP C 272 -30.12 -35.42 0.12
CA ASP C 272 -29.47 -36.09 1.23
C ASP C 272 -28.26 -36.90 0.78
N LEU C 273 -28.32 -37.49 -0.41
CA LEU C 273 -27.17 -38.25 -0.91
C LEU C 273 -25.95 -37.35 -1.07
N ILE C 274 -26.13 -36.19 -1.69
CA ILE C 274 -25.02 -35.26 -1.89
C ILE C 274 -24.45 -34.83 -0.54
N LYS C 275 -25.32 -34.62 0.45
CA LYS C 275 -24.84 -34.25 1.78
C LYS C 275 -23.94 -35.34 2.35
N ARG C 276 -24.24 -36.60 2.07
CA ARG C 276 -23.40 -37.70 2.56
C ARG C 276 -22.09 -37.76 1.79
N GLN C 277 -22.12 -37.46 0.49
CA GLN C 277 -20.89 -37.42 -0.28
C GLN C 277 -19.99 -36.29 0.19
N THR C 278 -20.57 -35.15 0.57
CA THR C 278 -19.78 -34.04 1.09
C THR C 278 -19.17 -34.38 2.44
N VAL C 279 -19.94 -35.04 3.30
CA VAL C 279 -19.37 -35.57 4.54
C VAL C 279 -18.24 -36.54 4.24
N LEU C 280 -18.46 -37.42 3.27
CA LEU C 280 -17.57 -38.57 3.08
C LEU C 280 -16.18 -38.13 2.62
N PHE C 281 -16.09 -37.22 1.66
CA PHE C 281 -14.77 -36.85 1.18
C PHE C 281 -14.01 -36.06 2.25
N PHE C 282 -14.73 -35.35 3.12
CA PHE C 282 -14.08 -34.73 4.27
C PHE C 282 -13.56 -35.79 5.23
N GLN C 283 -14.38 -36.81 5.50
CA GLN C 283 -13.96 -37.90 6.38
C GLN C 283 -12.70 -38.58 5.85
N ASN C 284 -12.69 -38.92 4.56
CA ASN C 284 -11.53 -39.58 3.98
C ASN C 284 -10.29 -38.69 4.08
N THR C 285 -10.43 -37.42 3.73
CA THR C 285 -9.27 -36.53 3.71
C THR C 285 -8.64 -36.41 5.09
N LEU C 286 -9.46 -36.18 6.12
CA LEU C 286 -8.94 -36.08 7.47
C LEU C 286 -8.32 -37.40 7.92
N GLN C 287 -8.88 -38.52 7.49
CA GLN C 287 -8.30 -39.82 7.82
C GLN C 287 -6.91 -39.96 7.21
N GLN C 288 -6.77 -39.59 5.94
CA GLN C 288 -5.46 -39.70 5.29
C GLN C 288 -4.44 -38.79 5.95
N ILE C 289 -4.87 -37.61 6.40
CA ILE C 289 -3.94 -36.71 7.08
C ILE C 289 -3.47 -37.32 8.40
N ALA C 290 -4.38 -37.90 9.16
CA ALA C 290 -4.04 -38.41 10.49
C ALA C 290 -3.12 -39.63 10.41
N THR C 291 -3.20 -40.41 9.33
CA THR C 291 -2.41 -41.63 9.21
C THR C 291 -1.20 -41.47 8.32
N SER C 292 -1.24 -40.58 7.32
CA SER C 292 -0.13 -40.44 6.38
C SER C 292 0.73 -39.20 6.60
N VAL C 293 0.22 -38.18 7.28
CA VAL C 293 0.97 -36.92 7.40
C VAL C 293 1.35 -36.65 8.86
N MET C 294 0.35 -36.43 9.72
CA MET C 294 0.64 -36.24 11.14
C MET C 294 -0.64 -36.35 11.96
N PRO C 295 -0.56 -36.81 13.21
CA PRO C 295 -1.76 -36.92 14.04
C PRO C 295 -2.22 -35.56 14.55
N VAL C 296 -3.44 -35.54 15.08
N VAL C 296 -3.45 -35.56 15.07
CA VAL C 296 -4.02 -34.27 15.52
CA VAL C 296 -4.08 -34.34 15.59
C VAL C 296 -3.31 -33.69 16.74
C VAL C 296 -3.22 -33.68 16.66
N THR C 297 -2.45 -34.47 17.40
CA THR C 297 -1.66 -33.96 18.51
C THR C 297 -0.35 -33.30 18.06
N ALA C 298 0.00 -33.42 16.79
CA ALA C 298 1.31 -32.97 16.34
C ALA C 298 1.48 -31.46 16.53
N ASP C 299 2.73 -31.07 16.81
CA ASP C 299 3.10 -29.68 17.06
C ASP C 299 3.35 -28.99 15.72
N LEU C 300 2.28 -28.43 15.15
CA LEU C 300 2.40 -27.81 13.83
C LEU C 300 3.20 -26.52 13.89
N LYS C 301 3.22 -25.85 15.04
CA LYS C 301 4.08 -24.67 15.20
C LYS C 301 5.54 -25.03 14.96
N ALA C 302 6.01 -26.11 15.60
CA ALA C 302 7.40 -26.52 15.42
C ALA C 302 7.64 -27.00 13.99
N THR C 303 6.72 -27.78 13.44
CA THR C 303 6.88 -28.26 12.06
C THR C 303 7.01 -27.09 11.10
N TYR C 304 6.11 -26.11 11.20
CA TYR C 304 6.16 -24.96 10.32
C TYR C 304 7.47 -24.21 10.46
N ALA C 305 7.94 -24.02 11.71
CA ALA C 305 9.18 -23.29 11.92
C ALA C 305 10.38 -24.01 11.31
N ASN C 306 10.38 -25.34 11.35
CA ASN C 306 11.50 -26.09 10.78
C ASN C 306 11.59 -25.95 9.27
N ALA C 307 10.44 -25.75 8.60
CA ALA C 307 10.41 -25.40 7.19
C ALA C 307 11.04 -26.46 6.30
N ASN C 308 10.91 -27.73 6.67
CA ASN C 308 11.38 -28.81 5.80
C ASN C 308 10.52 -28.92 4.56
N GLY C 309 11.16 -29.29 3.45
CA GLY C 309 10.48 -29.52 2.19
C GLY C 309 9.38 -28.52 1.89
N ASN C 310 8.17 -29.02 1.61
CA ASN C 310 7.01 -28.19 1.33
C ASN C 310 6.03 -28.18 2.50
N ASP C 311 6.53 -28.37 3.73
CA ASP C 311 5.64 -28.42 4.88
C ASP C 311 4.86 -27.11 5.05
N GLN C 312 5.52 -25.97 4.87
CA GLN C 312 4.84 -24.70 5.07
C GLN C 312 3.70 -24.52 4.09
N SER C 313 3.94 -24.82 2.81
CA SER C 313 2.87 -24.71 1.82
C SER C 313 1.75 -25.70 2.12
N PHE C 314 2.10 -26.91 2.57
CA PHE C 314 1.08 -27.89 2.89
C PHE C 314 0.22 -27.45 4.06
N LEU C 315 0.84 -26.94 5.12
CA LEU C 315 0.06 -26.48 6.26
C LEU C 315 -0.79 -25.26 5.91
N GLN C 316 -0.29 -24.39 5.03
CA GLN C 316 -1.12 -23.32 4.51
C GLN C 316 -2.31 -23.87 3.74
N ASP C 317 -2.06 -24.84 2.86
CA ASP C 317 -3.16 -25.43 2.08
C ASP C 317 -4.14 -26.16 2.98
N LEU C 318 -3.65 -26.81 4.03
CA LEU C 318 -4.56 -27.50 4.94
C LEU C 318 -5.46 -26.50 5.66
N ALA C 319 -4.89 -25.38 6.11
CA ALA C 319 -5.71 -24.34 6.75
C ALA C 319 -6.78 -23.84 5.80
N MET C 320 -6.43 -23.59 4.54
CA MET C 320 -7.41 -23.13 3.57
C MET C 320 -8.51 -24.17 3.36
N PHE C 321 -8.12 -25.45 3.27
CA PHE C 321 -9.12 -26.50 3.06
C PHE C 321 -10.06 -26.60 4.26
N LEU C 322 -9.50 -26.69 5.47
CA LEU C 322 -10.34 -26.86 6.66
C LEU C 322 -11.26 -25.68 6.85
N THR C 323 -10.73 -24.45 6.76
CA THR C 323 -11.56 -23.27 6.99
C THR C 323 -12.63 -23.14 5.90
N THR C 324 -12.28 -23.43 4.65
CA THR C 324 -13.24 -23.34 3.57
C THR C 324 -14.37 -24.35 3.76
N TYR C 325 -14.02 -25.61 3.97
CA TYR C 325 -15.05 -26.65 4.10
C TYR C 325 -15.94 -26.38 5.31
N LEU C 326 -15.33 -26.08 6.46
CA LEU C 326 -16.11 -25.98 7.69
C LEU C 326 -16.98 -24.73 7.71
N ALA C 327 -16.53 -23.62 7.14
CA ALA C 327 -17.37 -22.44 7.06
C ALA C 327 -18.64 -22.72 6.26
N ARG C 328 -18.58 -23.64 5.30
CA ARG C 328 -19.75 -23.97 4.49
C ARG C 328 -20.55 -25.14 5.05
N ASN C 329 -19.88 -26.18 5.56
CA ASN C 329 -20.52 -27.48 5.77
C ASN C 329 -20.50 -28.02 7.18
N ARG C 330 -20.01 -27.27 8.16
CA ARG C 330 -19.85 -27.87 9.50
C ARG C 330 -21.19 -28.30 10.08
N ALA C 331 -22.28 -27.64 9.70
CA ALA C 331 -23.60 -28.07 10.17
C ALA C 331 -23.88 -29.51 9.79
N LEU C 332 -23.35 -29.97 8.66
CA LEU C 332 -23.51 -31.38 8.28
C LEU C 332 -22.96 -32.31 9.33
N LEU C 333 -21.98 -31.86 10.11
CA LEU C 333 -21.29 -32.71 11.08
C LEU C 333 -21.77 -32.51 12.52
N GLU C 334 -22.69 -31.58 12.75
CA GLU C 334 -23.01 -31.13 14.11
C GLU C 334 -24.15 -31.90 14.76
N SER C 335 -24.98 -32.60 13.98
CA SER C 335 -26.13 -33.30 14.54
C SER C 335 -25.90 -34.80 14.70
N ASP C 336 -25.25 -35.44 13.74
CA ASP C 336 -25.00 -36.88 13.81
C ASP C 336 -23.88 -37.15 14.82
N GLU C 337 -24.19 -37.93 15.85
CA GLU C 337 -23.20 -38.22 16.88
C GLU C 337 -22.03 -39.05 16.37
N SER C 338 -22.22 -39.79 15.26
CA SER C 338 -21.12 -40.53 14.68
C SER C 338 -20.15 -39.62 13.92
N LEU C 339 -20.49 -38.36 13.71
CA LEU C 339 -19.61 -37.40 13.04
C LEU C 339 -18.98 -36.41 14.00
N ARG C 340 -19.25 -36.52 15.30
CA ARG C 340 -18.75 -35.55 16.26
C ARG C 340 -17.23 -35.59 16.34
N GLU C 341 -16.65 -36.79 16.38
CA GLU C 341 -15.20 -36.91 16.45
C GLU C 341 -14.53 -36.26 15.25
N LEU C 342 -15.09 -36.46 14.06
CA LEU C 342 -14.56 -35.82 12.86
C LEU C 342 -14.63 -34.31 12.96
N LEU C 343 -15.79 -33.79 13.37
CA LEU C 343 -15.97 -32.35 13.51
C LEU C 343 -14.92 -31.75 14.42
N LEU C 344 -14.69 -32.38 15.58
CA LEU C 344 -13.80 -31.81 16.57
C LEU C 344 -12.33 -32.06 16.24
N ASN C 345 -12.02 -33.20 15.62
CA ASN C 345 -10.66 -33.41 15.13
C ASN C 345 -10.28 -32.36 14.09
N ALA C 346 -11.20 -32.05 13.18
CA ALA C 346 -10.94 -31.02 12.20
C ALA C 346 -10.64 -29.68 12.87
N HIS C 347 -11.46 -29.30 13.85
CA HIS C 347 -11.21 -28.05 14.56
C HIS C 347 -9.96 -28.12 15.41
N GLN C 348 -9.59 -29.31 15.88
CA GLN C 348 -8.36 -29.43 16.67
C GLN C 348 -7.13 -29.23 15.79
N TYR C 349 -7.17 -29.68 14.54
CA TYR C 349 -6.12 -29.34 13.60
C TYR C 349 -6.03 -27.82 13.43
N LEU C 350 -7.17 -27.14 13.38
CA LEU C 350 -7.16 -25.69 13.23
C LEU C 350 -6.59 -25.01 14.47
N ILE C 351 -6.92 -25.52 15.66
CA ILE C 351 -6.28 -25.01 16.87
C ILE C 351 -4.77 -25.11 16.74
N GLN C 352 -4.27 -26.28 16.32
CA GLN C 352 -2.84 -26.46 16.18
C GLN C 352 -2.27 -25.56 15.09
N LEU C 353 -2.99 -25.44 13.97
CA LEU C 353 -2.56 -24.51 12.92
C LEU C 353 -2.53 -23.07 13.41
N SER C 354 -3.41 -22.72 14.36
CA SER C 354 -3.49 -21.35 14.85
C SER C 354 -2.33 -20.98 15.76
N LYS C 355 -1.50 -21.94 16.16
CA LYS C 355 -0.33 -21.66 16.99
C LYS C 355 0.92 -21.37 16.16
N ILE C 356 0.86 -21.59 14.85
CA ILE C 356 2.00 -21.30 13.99
C ILE C 356 2.34 -19.82 14.05
N GLU C 357 3.63 -19.52 14.10
CA GLU C 357 4.12 -18.14 14.03
C GLU C 357 4.23 -17.77 12.56
N GLU C 358 3.14 -17.22 12.01
CA GLU C 358 3.09 -16.79 10.62
C GLU C 358 1.91 -15.83 10.52
N ARG C 359 2.21 -14.54 10.43
N ARG C 359 2.22 -14.54 10.39
CA ARG C 359 1.16 -13.52 10.50
CA ARG C 359 1.20 -13.50 10.48
C ARG C 359 0.02 -13.81 9.54
C ARG C 359 0.03 -13.76 9.53
N GLU C 360 0.33 -13.99 8.25
CA GLU C 360 -0.73 -14.10 7.25
C GLU C 360 -1.54 -15.38 7.43
N LEU C 361 -0.90 -16.46 7.86
CA LEU C 361 -1.65 -17.70 8.11
C LEU C 361 -2.56 -17.55 9.32
N PHE C 362 -2.07 -16.87 10.37
CA PHE C 362 -2.90 -16.63 11.55
C PHE C 362 -4.17 -15.86 11.17
N LYS C 363 -4.03 -14.87 10.27
CA LYS C 363 -5.20 -14.11 9.85
C LYS C 363 -6.21 -14.98 9.11
N THR C 364 -5.72 -15.99 8.39
CA THR C 364 -6.63 -16.91 7.70
C THR C 364 -7.42 -17.74 8.70
N THR C 365 -6.72 -18.31 9.70
CA THR C 365 -7.41 -19.09 10.71
C THR C 365 -8.29 -18.20 11.59
N LEU C 366 -7.83 -16.97 11.87
CA LEU C 366 -8.63 -16.07 12.70
C LEU C 366 -9.92 -15.68 12.00
N ASP C 367 -9.87 -15.45 10.68
CA ASP C 367 -11.10 -15.19 9.95
C ASP C 367 -12.09 -16.34 10.12
N TYR C 368 -11.60 -17.58 10.16
CA TYR C 368 -12.51 -18.71 10.36
C TYR C 368 -13.06 -18.69 11.79
N TRP C 369 -12.19 -18.52 12.79
CA TRP C 369 -12.67 -18.51 14.17
C TRP C 369 -13.77 -17.48 14.35
N HIS C 370 -13.62 -16.31 13.73
CA HIS C 370 -14.67 -15.29 13.79
C HIS C 370 -15.99 -15.85 13.25
N ASN C 371 -15.93 -16.50 12.09
CA ASN C 371 -17.12 -17.13 11.53
C ASN C 371 -17.74 -18.10 12.52
N LEU C 372 -16.92 -18.86 13.23
CA LEU C 372 -17.43 -19.87 14.15
C LEU C 372 -18.07 -19.23 15.37
N VAL C 373 -17.32 -18.38 16.09
CA VAL C 373 -17.81 -17.89 17.37
C VAL C 373 -19.01 -16.96 17.19
N ALA C 374 -19.07 -16.25 16.06
CA ALA C 374 -20.27 -15.46 15.76
C ALA C 374 -21.50 -16.36 15.65
N ASP C 375 -21.34 -17.53 15.03
CA ASP C 375 -22.46 -18.46 14.88
C ASP C 375 -22.83 -19.09 16.21
N LEU C 376 -21.83 -19.45 17.03
CA LEU C 376 -22.12 -19.99 18.35
C LEU C 376 -22.77 -18.95 19.26
N PHE C 377 -22.56 -17.66 18.97
CA PHE C 377 -23.16 -16.59 19.75
C PHE C 377 -24.64 -16.42 19.44
N TYR C 378 -25.06 -16.76 18.22
CA TYR C 378 -26.43 -16.55 17.77
C TYR C 378 -27.23 -17.82 17.55
N GLU C 379 -26.58 -18.92 17.16
CA GLU C 379 -27.30 -20.12 16.74
C GLU C 379 -27.65 -20.97 17.96
N PRO C 380 -28.93 -21.29 18.18
CA PRO C 380 -29.29 -22.09 19.36
C PRO C 380 -28.60 -23.45 19.37
N LEU C 381 -28.21 -23.88 20.57
CA LEU C 381 -27.79 -25.24 20.89
C LEU C 381 -26.46 -25.63 20.25
N LYS C 382 -25.67 -24.69 19.75
CA LYS C 382 -24.41 -25.03 19.11
C LYS C 382 -23.20 -24.88 20.01
N LYS C 383 -23.19 -23.89 20.91
CA LYS C 383 -21.93 -23.56 21.60
C LYS C 383 -21.43 -24.71 22.46
N HIS C 384 -22.33 -25.55 22.99
CA HIS C 384 -21.89 -26.63 23.86
C HIS C 384 -21.02 -27.64 23.11
N ILE C 385 -21.20 -27.76 21.79
CA ILE C 385 -20.42 -28.70 21.01
C ILE C 385 -18.94 -28.32 21.03
N TYR C 386 -18.65 -27.03 21.05
CA TYR C 386 -17.30 -26.51 20.82
C TYR C 386 -16.64 -25.98 22.08
N GLU C 387 -17.11 -26.38 23.27
CA GLU C 387 -16.64 -25.74 24.49
C GLU C 387 -15.15 -25.96 24.70
N GLU C 388 -14.66 -27.18 24.40
CA GLU C 388 -13.23 -27.44 24.58
C GLU C 388 -12.40 -26.79 23.49
N ILE C 389 -12.91 -26.72 22.25
CA ILE C 389 -12.23 -25.95 21.22
C ILE C 389 -12.13 -24.49 21.62
N CYS C 390 -13.25 -23.92 22.10
CA CYS C 390 -13.27 -22.51 22.43
C CYS C 390 -12.34 -22.20 23.59
N SER C 391 -12.26 -23.09 24.57
CA SER C 391 -11.36 -22.87 25.70
C SER C 391 -9.92 -22.79 25.23
N GLN C 392 -9.51 -23.70 24.35
CA GLN C 392 -8.16 -23.63 23.79
C GLN C 392 -7.98 -22.35 22.98
N LEU C 393 -9.01 -21.94 22.24
CA LEU C 393 -8.88 -20.77 21.39
C LEU C 393 -8.68 -19.52 22.23
N ARG C 394 -9.35 -19.43 23.37
CA ARG C 394 -9.14 -18.30 24.28
C ARG C 394 -7.66 -18.13 24.59
N LEU C 395 -6.97 -19.22 24.90
CA LEU C 395 -5.56 -19.14 25.23
C LEU C 395 -4.74 -18.73 24.01
N VAL C 396 -5.04 -19.31 22.85
CA VAL C 396 -4.29 -18.98 21.63
C VAL C 396 -4.38 -17.48 21.37
N ILE C 397 -5.58 -16.92 21.45
CA ILE C 397 -5.77 -15.51 21.08
C ILE C 397 -5.16 -14.60 22.15
N ILE C 398 -5.38 -14.91 23.42
CA ILE C 398 -4.79 -14.10 24.48
C ILE C 398 -3.28 -14.06 24.32
N GLU C 399 -2.66 -15.21 24.01
CA GLU C 399 -1.21 -15.30 23.91
C GLU C 399 -0.65 -14.72 22.62
N ASN C 400 -1.49 -14.44 21.62
CA ASN C 400 -1.03 -13.87 20.35
C ASN C 400 -1.59 -12.47 20.13
N MET C 401 -2.09 -11.84 21.18
N MET C 401 -2.08 -11.82 21.18
CA MET C 401 -2.57 -10.46 21.08
CA MET C 401 -2.61 -10.48 21.03
C MET C 401 -1.47 -9.56 20.55
C MET C 401 -1.52 -9.51 20.59
N VAL C 402 -1.81 -8.73 19.57
CA VAL C 402 -0.86 -7.78 19.01
C VAL C 402 -1.18 -6.39 19.53
N ARG C 403 -0.26 -5.46 19.32
CA ARG C 403 -0.35 -4.14 19.93
C ARG C 403 -1.54 -3.36 19.34
N PRO C 404 -2.44 -2.84 20.17
CA PRO C 404 -3.46 -1.93 19.66
C PRO C 404 -2.87 -0.55 19.41
N GLU C 405 -3.67 0.29 18.76
CA GLU C 405 -3.20 1.63 18.43
C GLU C 405 -2.77 2.44 19.65
N GLU C 406 -3.23 2.04 20.85
CA GLU C 406 -3.10 2.91 22.02
C GLU C 406 -1.83 2.69 22.83
N ASP C 407 -1.16 1.54 22.69
CA ASP C 407 0.06 1.27 23.45
C ASP C 407 1.27 1.66 22.59
N LEU C 408 1.52 2.96 22.53
CA LEU C 408 2.61 3.52 21.73
C LEU C 408 3.96 3.43 22.44
N VAL C 409 4.08 2.59 23.47
CA VAL C 409 5.33 2.39 24.18
C VAL C 409 5.99 1.12 23.65
N VAL C 410 7.14 1.27 23.02
CA VAL C 410 7.85 0.15 22.42
C VAL C 410 9.29 0.11 22.91
N VAL C 422 6.82 4.63 13.94
CA VAL C 422 5.93 4.30 12.83
C VAL C 422 4.67 3.60 13.35
N LYS C 423 3.51 4.09 12.92
CA LYS C 423 2.27 3.36 13.17
C LYS C 423 2.19 2.16 12.23
N GLU C 424 1.63 1.07 12.74
CA GLU C 424 1.55 -0.19 12.00
C GLU C 424 0.07 -0.49 11.76
N SER C 425 -0.40 -0.23 10.53
CA SER C 425 -1.82 -0.39 10.22
C SER C 425 -2.21 -1.85 10.04
N ASP C 426 -1.27 -2.71 9.63
CA ASP C 426 -1.54 -4.14 9.57
C ASP C 426 -1.68 -4.72 10.97
N THR C 427 -0.88 -4.24 11.92
CA THR C 427 -1.01 -4.67 13.30
C THR C 427 -2.33 -4.19 13.91
N ILE C 428 -2.79 -3.00 13.52
CA ILE C 428 -4.02 -2.45 14.09
C ILE C 428 -5.23 -3.22 13.60
N GLN C 429 -5.27 -3.55 12.30
CA GLN C 429 -6.38 -4.33 11.79
C GLN C 429 -6.43 -5.71 12.45
N LEU C 430 -5.26 -6.32 12.65
CA LEU C 430 -5.23 -7.63 13.28
C LEU C 430 -5.71 -7.56 14.73
N TYR C 431 -5.35 -6.50 15.45
CA TYR C 431 -5.82 -6.36 16.82
C TYR C 431 -7.35 -6.32 16.88
N LYS C 432 -7.96 -5.53 16.00
CA LYS C 432 -9.41 -5.39 16.01
C LYS C 432 -10.08 -6.73 15.67
N SER C 433 -9.48 -7.50 14.77
CA SER C 433 -10.00 -8.84 14.48
C SER C 433 -9.86 -9.75 15.69
N GLU C 434 -8.70 -9.70 16.36
CA GLU C 434 -8.50 -10.51 17.56
C GLU C 434 -9.48 -10.10 18.65
N ARG C 435 -9.68 -8.80 18.83
CA ARG C 435 -10.63 -8.32 19.84
C ARG C 435 -12.03 -8.85 19.58
N GLU C 436 -12.47 -8.77 18.33
CA GLU C 436 -13.82 -9.21 17.99
C GLU C 436 -14.03 -10.68 18.35
N VAL C 437 -13.07 -11.54 18.00
CA VAL C 437 -13.18 -12.96 18.33
C VAL C 437 -13.17 -13.15 19.83
N LEU C 438 -12.26 -12.47 20.54
CA LEU C 438 -12.14 -12.68 21.97
C LEU C 438 -13.38 -12.18 22.72
N VAL C 439 -14.01 -11.11 22.23
CA VAL C 439 -15.25 -10.63 22.82
C VAL C 439 -16.34 -11.69 22.70
N TYR C 440 -16.49 -12.26 21.50
CA TYR C 440 -17.43 -13.37 21.34
C TYR C 440 -17.09 -14.50 22.29
N LEU C 441 -15.81 -14.88 22.37
CA LEU C 441 -15.42 -15.98 23.24
C LEU C 441 -15.70 -15.68 24.70
N THR C 442 -15.61 -14.41 25.09
CA THR C 442 -15.93 -14.05 26.47
C THR C 442 -17.42 -14.21 26.75
N HIS C 443 -18.26 -13.70 25.85
CA HIS C 443 -19.70 -13.91 26.00
C HIS C 443 -20.05 -15.39 26.05
N LEU C 444 -19.35 -16.21 25.26
CA LEU C 444 -19.65 -17.64 25.23
C LEU C 444 -19.33 -18.31 26.55
N ASN C 445 -18.34 -17.82 27.29
CA ASN C 445 -18.04 -18.37 28.62
C ASN C 445 -17.18 -17.35 29.38
N VAL C 446 -17.85 -16.46 30.11
CA VAL C 446 -17.15 -15.38 30.81
C VAL C 446 -16.25 -15.95 31.91
N ILE C 447 -16.72 -16.99 32.59
CA ILE C 447 -15.95 -17.55 33.71
C ILE C 447 -14.62 -18.10 33.21
N ASP C 448 -14.65 -18.88 32.12
CA ASP C 448 -13.43 -19.45 31.59
C ASP C 448 -12.44 -18.36 31.18
N THR C 449 -12.94 -17.29 30.58
CA THR C 449 -12.05 -16.22 30.14
C THR C 449 -11.37 -15.54 31.31
N GLU C 450 -12.14 -15.20 32.34
CA GLU C 450 -11.56 -14.58 33.53
C GLU C 450 -10.48 -15.47 34.13
N GLU C 451 -10.78 -16.76 34.27
CA GLU C 451 -9.83 -17.66 34.93
C GLU C 451 -8.53 -17.77 34.15
N ILE C 452 -8.60 -17.84 32.82
CA ILE C 452 -7.39 -17.89 32.02
C ILE C 452 -6.56 -16.63 32.23
N MET C 453 -7.22 -15.47 32.22
CA MET C 453 -6.49 -14.20 32.34
C MET C 453 -5.88 -14.04 33.72
N ILE C 454 -6.62 -14.39 34.78
CA ILE C 454 -6.04 -14.34 36.12
C ILE C 454 -4.87 -15.30 36.23
N SER C 455 -5.02 -16.52 35.71
CA SER C 455 -3.93 -17.49 35.76
C SER C 455 -2.69 -16.96 35.04
N LYS C 456 -2.87 -16.47 33.80
CA LYS C 456 -1.75 -15.89 33.08
C LYS C 456 -1.07 -14.81 33.90
N LEU C 457 -1.86 -14.01 34.62
CA LEU C 457 -1.29 -12.91 35.39
C LEU C 457 -0.46 -13.42 36.57
N ALA C 458 -0.93 -14.50 37.22
CA ALA C 458 -0.15 -15.09 38.30
C ALA C 458 1.24 -15.49 37.82
N ARG C 459 1.33 -16.11 36.65
CA ARG C 459 2.62 -16.54 36.11
C ARG C 459 3.47 -15.37 35.66
N GLN C 460 2.91 -14.17 35.52
CA GLN C 460 3.73 -12.97 35.36
C GLN C 460 4.37 -12.57 36.68
N ILE C 461 3.66 -12.79 37.80
CA ILE C 461 4.17 -12.41 39.10
C ILE C 461 5.21 -13.41 39.60
N ASP C 462 4.97 -14.71 39.39
CA ASP C 462 5.91 -15.72 39.83
C ASP C 462 7.12 -15.86 38.90
N GLY C 463 7.24 -14.99 37.90
CA GLY C 463 8.37 -14.99 37.00
C GLY C 463 8.43 -16.14 36.02
N SER C 464 7.46 -17.06 36.05
CA SER C 464 7.50 -18.21 35.15
C SER C 464 7.43 -17.78 33.70
N GLU C 465 6.58 -16.78 33.40
CA GLU C 465 6.41 -16.29 32.03
C GLU C 465 6.62 -14.78 31.94
N TRP C 466 7.33 -14.19 32.91
CA TRP C 466 7.55 -12.75 32.88
C TRP C 466 8.41 -12.35 31.69
N SER C 467 7.99 -11.28 31.01
CA SER C 467 8.80 -10.63 29.99
C SER C 467 8.04 -9.41 29.50
N TRP C 468 8.77 -8.49 28.88
CA TRP C 468 8.15 -7.28 28.34
C TRP C 468 7.07 -7.62 27.33
N HIS C 469 7.40 -8.46 26.35
CA HIS C 469 6.42 -8.87 25.36
C HIS C 469 5.22 -9.57 26.00
N ASN C 470 5.48 -10.41 27.01
CA ASN C 470 4.43 -11.25 27.55
C ASN C 470 3.48 -10.49 28.47
N ILE C 471 3.96 -9.50 29.21
CA ILE C 471 3.05 -8.71 30.03
C ILE C 471 2.25 -7.75 29.17
N ASN C 472 2.85 -7.22 28.10
CA ASN C 472 2.11 -6.39 27.16
C ASN C 472 0.98 -7.18 26.52
N THR C 473 1.29 -8.38 26.02
CA THR C 473 0.29 -9.20 25.36
C THR C 473 -0.91 -9.44 26.26
N LEU C 474 -0.66 -9.75 27.54
CA LEU C 474 -1.76 -10.04 28.46
C LEU C 474 -2.57 -8.79 28.76
N SER C 475 -1.91 -7.64 28.93
CA SER C 475 -2.62 -6.41 29.24
C SER C 475 -3.49 -5.97 28.07
N TRP C 476 -3.02 -6.17 26.85
CA TRP C 476 -3.83 -5.88 25.67
C TRP C 476 -5.06 -6.77 25.63
N ALA C 477 -4.89 -8.07 25.90
CA ALA C 477 -6.03 -8.98 25.91
C ALA C 477 -7.05 -8.56 26.98
N ILE C 478 -6.57 -8.23 28.18
CA ILE C 478 -7.46 -7.81 29.25
C ILE C 478 -8.22 -6.56 28.84
N GLY C 479 -7.54 -5.60 28.23
CA GLY C 479 -8.21 -4.38 27.81
C GLY C 479 -9.19 -4.60 26.69
N SER C 480 -8.99 -5.64 25.88
CA SER C 480 -9.80 -5.83 24.69
C SER C 480 -11.20 -6.36 24.97
N ILE C 481 -11.43 -6.99 26.13
CA ILE C 481 -12.72 -7.60 26.41
C ILE C 481 -13.62 -6.66 27.22
N SER C 482 -13.19 -5.41 27.38
CA SER C 482 -14.01 -4.43 28.09
C SER C 482 -15.40 -4.36 27.48
N GLY C 483 -16.42 -4.40 28.33
CA GLY C 483 -17.80 -4.37 27.89
C GLY C 483 -18.47 -5.72 27.80
N THR C 484 -17.76 -6.81 28.09
CA THR C 484 -18.31 -8.15 28.01
C THR C 484 -18.78 -8.69 29.36
N MET C 485 -18.12 -8.31 30.45
CA MET C 485 -18.51 -8.76 31.77
C MET C 485 -19.62 -7.88 32.33
N SER C 486 -20.30 -8.41 33.34
CA SER C 486 -21.21 -7.59 34.12
C SER C 486 -20.42 -6.57 34.95
N GLU C 487 -21.11 -5.54 35.41
CA GLU C 487 -20.43 -4.45 36.11
C GLU C 487 -19.84 -4.93 37.44
N ASP C 488 -20.49 -5.89 38.10
CA ASP C 488 -19.95 -6.43 39.35
C ASP C 488 -18.74 -7.30 39.08
N THR C 489 -18.85 -8.24 38.14
CA THR C 489 -17.71 -9.08 37.78
C THR C 489 -16.56 -8.22 37.27
N GLU C 490 -16.84 -7.32 36.32
CA GLU C 490 -15.83 -6.40 35.85
C GLU C 490 -15.14 -5.70 37.01
N LYS C 491 -15.93 -5.21 37.96
CA LYS C 491 -15.39 -4.49 39.11
C LYS C 491 -14.39 -5.35 39.87
N ARG C 492 -14.81 -6.56 40.28
CA ARG C 492 -13.89 -7.48 40.92
C ARG C 492 -12.71 -7.81 40.02
N PHE C 493 -12.99 -8.02 38.73
CA PHE C 493 -11.93 -8.36 37.77
C PHE C 493 -10.93 -7.22 37.63
N VAL C 494 -11.42 -6.01 37.41
CA VAL C 494 -10.54 -4.85 37.25
C VAL C 494 -9.68 -4.67 38.49
N VAL C 495 -10.31 -4.69 39.67
CA VAL C 495 -9.56 -4.50 40.92
C VAL C 495 -8.42 -5.50 41.02
N THR C 496 -8.72 -6.78 40.82
CA THR C 496 -7.69 -7.81 40.91
C THR C 496 -6.55 -7.53 39.95
N VAL C 497 -6.87 -7.23 38.68
CA VAL C 497 -5.84 -6.98 37.68
C VAL C 497 -4.96 -5.82 38.10
N ILE C 498 -5.57 -4.67 38.41
CA ILE C 498 -4.79 -3.49 38.78
C ILE C 498 -3.98 -3.77 40.03
N LYS C 499 -4.60 -4.38 41.03
CA LYS C 499 -3.89 -4.77 42.24
C LYS C 499 -2.67 -5.61 41.91
N ASP C 500 -2.86 -6.66 41.11
CA ASP C 500 -1.73 -7.53 40.75
C ASP C 500 -0.69 -6.79 39.91
N LEU C 501 -1.14 -5.88 39.04
CA LEU C 501 -0.18 -5.15 38.20
C LEU C 501 0.63 -4.16 39.01
N LEU C 502 0.01 -3.49 39.97
CA LEU C 502 0.74 -2.56 40.83
C LEU C 502 1.81 -3.30 41.64
N GLY C 503 1.44 -4.43 42.23
CA GLY C 503 2.42 -5.23 42.93
C GLY C 503 3.54 -5.70 42.04
N LEU C 504 3.25 -5.92 40.76
CA LEU C 504 4.29 -6.30 39.80
C LEU C 504 5.22 -5.13 39.52
N CYS C 505 4.69 -3.91 39.46
CA CYS C 505 5.53 -2.74 39.24
C CYS C 505 6.49 -2.53 40.42
N GLU C 506 6.00 -2.71 41.64
CA GLU C 506 6.86 -2.64 42.81
C GLU C 506 7.94 -3.72 42.76
N GLN C 507 7.53 -4.95 42.47
CA GLN C 507 8.45 -6.09 42.52
C GLN C 507 9.71 -5.84 41.71
N LYS C 508 9.58 -5.21 40.54
CA LYS C 508 10.70 -5.04 39.63
C LYS C 508 11.51 -3.80 39.98
N ARG C 509 12.79 -3.85 39.64
CA ARG C 509 13.70 -2.71 39.76
C ARG C 509 14.09 -2.23 38.37
N GLY C 510 14.84 -1.13 38.33
CA GLY C 510 15.23 -0.54 37.07
C GLY C 510 14.05 0.13 36.38
N LYS C 511 14.26 1.32 35.84
CA LYS C 511 13.15 2.10 35.31
C LYS C 511 12.55 1.45 34.06
N ASP C 512 13.35 0.71 33.30
CA ASP C 512 12.83 0.07 32.09
C ASP C 512 11.72 -0.92 32.43
N ASN C 513 11.96 -1.79 33.41
CA ASN C 513 10.92 -2.72 33.85
C ASN C 513 9.73 -1.97 34.44
N LYS C 514 9.99 -1.06 35.38
CA LYS C 514 8.91 -0.29 36.00
C LYS C 514 8.15 0.54 34.98
N ALA C 515 8.77 0.87 33.85
CA ALA C 515 8.08 1.66 32.84
C ALA C 515 7.08 0.81 32.06
N VAL C 516 7.51 -0.37 31.61
CA VAL C 516 6.63 -1.27 30.87
C VAL C 516 5.35 -1.52 31.67
N VAL C 517 5.50 -1.90 32.94
CA VAL C 517 4.33 -2.24 33.76
C VAL C 517 3.45 -1.02 33.97
N ALA C 518 4.07 0.14 34.24
CA ALA C 518 3.29 1.35 34.44
C ALA C 518 2.43 1.67 33.22
N SER C 519 2.99 1.51 32.02
CA SER C 519 2.23 1.76 30.80
C SER C 519 1.10 0.77 30.64
N ASP C 520 1.36 -0.52 30.91
CA ASP C 520 0.31 -1.52 30.83
C ASP C 520 -0.84 -1.21 31.79
N ILE C 521 -0.50 -0.80 33.02
CA ILE C 521 -1.53 -0.40 33.97
C ILE C 521 -2.41 0.69 33.37
N MET C 522 -1.78 1.78 32.92
CA MET C 522 -2.56 2.89 32.36
C MET C 522 -3.34 2.47 31.14
N TYR C 523 -2.83 1.50 30.37
CA TYR C 523 -3.60 1.02 29.22
C TYR C 523 -4.88 0.33 29.67
N VAL C 524 -4.78 -0.56 30.65
CA VAL C 524 -5.95 -1.30 31.10
C VAL C 524 -7.01 -0.34 31.64
N VAL C 525 -6.60 0.58 32.51
CA VAL C 525 -7.57 1.51 33.09
C VAL C 525 -8.23 2.35 32.01
N GLY C 526 -7.44 2.77 31.02
CA GLY C 526 -7.99 3.54 29.91
C GLY C 526 -9.03 2.77 29.11
N GLN C 527 -9.01 1.44 29.19
CA GLN C 527 -9.95 0.61 28.45
C GLN C 527 -11.23 0.32 29.23
N TYR C 528 -11.29 0.68 30.50
CA TYR C 528 -12.45 0.39 31.35
C TYR C 528 -13.05 1.68 31.88
N PRO C 529 -13.59 2.52 30.99
CA PRO C 529 -14.21 3.78 31.46
C PRO C 529 -15.44 3.56 32.32
N ARG C 530 -16.19 2.48 32.07
CA ARG C 530 -17.34 2.18 32.93
C ARG C 530 -16.92 2.09 34.38
N PHE C 531 -15.79 1.44 34.65
CA PHE C 531 -15.30 1.35 36.02
C PHE C 531 -14.88 2.72 36.54
N LEU C 532 -14.20 3.52 35.72
CA LEU C 532 -13.77 4.84 36.16
C LEU C 532 -14.96 5.75 36.45
N LYS C 533 -16.01 5.65 35.63
CA LYS C 533 -17.17 6.53 35.80
C LYS C 533 -17.87 6.30 37.13
N ALA C 534 -17.83 5.06 37.65
CA ALA C 534 -18.54 4.72 38.87
C ALA C 534 -17.68 4.83 40.12
N HIS C 535 -16.39 5.15 39.98
CA HIS C 535 -15.46 5.22 41.11
C HIS C 535 -14.67 6.52 40.97
N TRP C 536 -15.30 7.64 41.35
CA TRP C 536 -14.67 8.95 41.15
C TRP C 536 -13.32 9.03 41.87
N ASN C 537 -13.31 8.72 43.17
CA ASN C 537 -12.06 8.81 43.92
C ASN C 537 -10.93 8.08 43.19
N PHE C 538 -11.24 6.92 42.61
CA PHE C 538 -10.24 6.20 41.82
C PHE C 538 -9.90 6.97 40.55
N LEU C 539 -10.91 7.36 39.78
CA LEU C 539 -10.66 8.13 38.56
C LEU C 539 -9.81 9.35 38.84
N ARG C 540 -10.08 10.05 39.95
N ARG C 540 -10.08 10.06 39.94
CA ARG C 540 -9.28 11.21 40.31
CA ARG C 540 -9.28 11.21 40.31
C ARG C 540 -7.82 10.83 40.52
C ARG C 540 -7.83 10.82 40.51
N THR C 541 -7.59 9.75 41.28
CA THR C 541 -6.22 9.32 41.54
C THR C 541 -5.51 8.93 40.26
N VAL C 542 -6.22 8.32 39.31
CA VAL C 542 -5.62 7.95 38.04
C VAL C 542 -5.07 9.19 37.35
N ILE C 543 -5.91 10.22 37.20
CA ILE C 543 -5.48 11.43 36.50
C ILE C 543 -4.26 12.03 37.21
N LEU C 544 -4.32 12.12 38.54
CA LEU C 544 -3.21 12.71 39.28
C LEU C 544 -1.91 11.94 39.05
N ALA C 545 -2.01 10.61 38.92
CA ALA C 545 -0.82 9.81 38.65
C ALA C 545 -0.28 10.08 37.25
N LEU C 546 -1.19 10.18 36.26
CA LEU C 546 -0.77 10.56 34.92
C LEU C 546 -0.02 11.88 34.93
N PHE C 547 -0.55 12.86 35.65
CA PHE C 547 0.09 14.16 35.72
C PHE C 547 1.53 14.03 36.24
N GLU C 548 1.73 13.21 37.27
CA GLU C 548 3.07 13.04 37.79
C GLU C 548 3.97 12.28 36.82
N PHE C 549 3.39 11.45 35.96
CA PHE C 549 4.15 10.81 34.90
C PHE C 549 4.58 11.81 33.83
N MET C 550 3.85 12.92 33.68
CA MET C 550 4.22 13.94 32.71
C MET C 550 5.49 14.67 33.11
N HIS C 551 6.00 14.45 34.32
CA HIS C 551 7.30 14.96 34.74
C HIS C 551 8.41 13.93 34.59
N GLU C 552 8.07 12.67 34.36
CA GLU C 552 9.06 11.60 34.27
C GLU C 552 9.77 11.70 32.92
N THR C 553 11.10 11.81 32.95
CA THR C 553 11.89 12.01 31.74
C THR C 553 12.28 10.72 31.06
N HIS C 554 11.83 9.57 31.55
CA HIS C 554 12.11 8.31 30.86
C HIS C 554 11.37 8.27 29.53
N GLU C 555 12.03 7.75 28.51
CA GLU C 555 11.47 7.77 27.16
C GLU C 555 10.13 7.05 27.13
N GLY C 556 9.10 7.75 26.62
CA GLY C 556 7.80 7.16 26.39
C GLY C 556 6.81 7.34 27.51
N VAL C 557 7.26 7.63 28.73
CA VAL C 557 6.34 7.80 29.85
C VAL C 557 5.42 8.99 29.60
N GLN C 558 6.01 10.15 29.30
CA GLN C 558 5.21 11.36 29.09
C GLN C 558 4.20 11.17 27.98
N ASP C 559 4.61 10.55 26.88
CA ASP C 559 3.69 10.34 25.76
C ASP C 559 2.49 9.50 26.19
N MET C 560 2.77 8.33 26.78
N MET C 560 2.72 8.35 26.82
CA MET C 560 1.74 7.45 27.32
CA MET C 560 1.56 7.55 27.14
C MET C 560 0.79 8.21 28.23
C MET C 560 0.77 8.09 28.34
N ALA C 561 1.35 9.00 29.14
CA ALA C 561 0.53 9.70 30.12
C ALA C 561 -0.44 10.66 29.43
N CYS C 562 0.05 11.40 28.43
CA CYS C 562 -0.80 12.34 27.71
C CYS C 562 -1.86 11.62 26.90
N ASP C 563 -1.47 10.57 26.16
CA ASP C 563 -2.43 9.82 25.37
C ASP C 563 -3.50 9.20 26.26
N THR C 564 -3.11 8.64 27.40
CA THR C 564 -4.08 8.07 28.32
C THR C 564 -5.01 9.14 28.88
N PHE C 565 -4.46 10.33 29.15
CA PHE C 565 -5.27 11.42 29.68
C PHE C 565 -6.42 11.76 28.73
N ILE C 566 -6.11 12.03 27.46
CA ILE C 566 -7.16 12.43 26.53
C ILE C 566 -8.09 11.27 26.23
N LYS C 567 -7.57 10.04 26.23
CA LYS C 567 -8.43 8.88 26.01
C LYS C 567 -9.45 8.73 27.12
N ILE C 568 -9.01 8.87 28.37
CA ILE C 568 -9.93 8.80 29.50
C ILE C 568 -10.92 9.95 29.44
N VAL C 569 -10.45 11.14 29.07
CA VAL C 569 -11.30 12.32 29.04
C VAL C 569 -12.41 12.16 28.01
N GLN C 570 -12.06 11.69 26.81
CA GLN C 570 -13.05 11.51 25.76
C GLN C 570 -14.22 10.65 26.24
N LYS C 571 -13.95 9.70 27.14
CA LYS C 571 -14.96 8.76 27.60
C LYS C 571 -15.61 9.16 28.92
N CYS C 572 -14.94 9.97 29.75
CA CYS C 572 -15.43 10.29 31.09
C CYS C 572 -15.58 11.79 31.29
N LYS C 573 -15.59 12.56 30.21
CA LYS C 573 -15.61 14.02 30.30
C LYS C 573 -16.65 14.54 31.30
N TYR C 574 -17.84 13.94 31.31
CA TYR C 574 -18.91 14.46 32.17
C TYR C 574 -18.47 14.52 33.63
N HIS C 575 -17.73 13.52 34.10
CA HIS C 575 -17.32 13.49 35.49
C HIS C 575 -16.24 14.52 35.82
N PHE C 576 -15.72 15.22 34.81
CA PHE C 576 -14.79 16.32 35.04
C PHE C 576 -15.49 17.67 35.06
N VAL C 577 -16.71 17.76 34.54
CA VAL C 577 -17.38 19.04 34.38
C VAL C 577 -18.39 19.33 35.49
N ILE C 578 -18.91 18.30 36.15
CA ILE C 578 -19.80 18.49 37.29
C ILE C 578 -18.97 18.50 38.57
N GLN C 579 -19.57 19.03 39.63
CA GLN C 579 -18.96 18.97 40.95
C GLN C 579 -19.28 17.63 41.60
N GLN C 580 -18.26 16.97 42.14
CA GLN C 580 -18.45 15.65 42.69
C GLN C 580 -18.77 15.72 44.18
N PRO C 581 -19.47 14.70 44.71
CA PRO C 581 -19.91 14.73 46.12
C PRO C 581 -18.97 15.42 47.10
N ARG C 582 -17.75 14.91 47.25
CA ARG C 582 -16.81 15.41 48.26
C ARG C 582 -15.75 16.33 47.66
N GLU C 583 -16.14 17.15 46.69
CA GLU C 583 -15.25 18.15 46.10
C GLU C 583 -15.91 19.52 46.18
N SER C 584 -15.09 20.56 46.13
CA SER C 584 -15.58 21.93 46.18
C SER C 584 -15.73 22.57 44.81
N GLU C 585 -15.26 21.91 43.75
CA GLU C 585 -15.30 22.50 42.42
C GLU C 585 -15.25 21.38 41.39
N PRO C 586 -15.82 21.57 40.20
CA PRO C 586 -15.60 20.61 39.13
C PRO C 586 -14.12 20.42 38.87
N PHE C 587 -13.71 19.17 38.68
CA PHE C 587 -12.28 18.85 38.61
C PHE C 587 -11.57 19.57 37.47
N ILE C 588 -12.30 20.00 36.44
CA ILE C 588 -11.67 20.73 35.34
C ILE C 588 -11.02 22.00 35.86
N GLN C 589 -11.64 22.64 36.85
CA GLN C 589 -11.05 23.84 37.43
C GLN C 589 -9.71 23.52 38.09
N THR C 590 -9.62 22.40 38.80
CA THR C 590 -8.36 22.02 39.43
C THR C 590 -7.30 21.75 38.37
N ILE C 591 -7.68 21.11 37.26
CA ILE C 591 -6.73 20.85 36.18
C ILE C 591 -6.21 22.18 35.63
N ILE C 592 -7.11 23.13 35.39
CA ILE C 592 -6.71 24.39 34.78
C ILE C 592 -5.81 25.19 35.73
N ARG C 593 -6.10 25.15 37.03
CA ARG C 593 -5.31 25.93 37.97
C ARG C 593 -3.83 25.52 37.94
N ASP C 594 -3.56 24.22 37.91
CA ASP C 594 -2.20 23.70 37.98
C ASP C 594 -1.60 23.39 36.62
N ILE C 595 -2.16 23.96 35.54
CA ILE C 595 -1.78 23.52 34.20
C ILE C 595 -0.32 23.85 33.92
N GLN C 596 0.15 25.02 34.37
CA GLN C 596 1.55 25.38 34.12
C GLN C 596 2.49 24.39 34.79
N LYS C 597 2.19 24.02 36.04
CA LYS C 597 2.99 23.03 36.74
C LYS C 597 2.89 21.67 36.06
N THR C 598 1.67 21.24 35.74
CA THR C 598 1.45 19.90 35.21
C THR C 598 2.22 19.67 33.91
N THR C 599 2.29 20.68 33.05
CA THR C 599 2.84 20.53 31.71
C THR C 599 4.25 21.11 31.56
N ALA C 600 4.87 21.54 32.66
CA ALA C 600 6.15 22.26 32.56
C ALA C 600 7.22 21.43 31.85
N ASP C 601 7.16 20.11 31.97
CA ASP C 601 8.20 19.24 31.42
C ASP C 601 7.81 18.61 30.08
N LEU C 602 6.63 18.93 29.55
CA LEU C 602 6.15 18.32 28.33
C LEU C 602 6.69 19.06 27.10
N GLN C 603 6.88 18.30 26.02
CA GLN C 603 7.21 18.90 24.74
C GLN C 603 5.98 19.62 24.19
N PRO C 604 6.18 20.59 23.28
CA PRO C 604 5.04 21.33 22.72
C PRO C 604 3.89 20.45 22.25
N GLN C 605 4.18 19.42 21.44
CA GLN C 605 3.11 18.56 20.94
C GLN C 605 2.29 17.97 22.08
N GLN C 606 2.95 17.59 23.17
CA GLN C 606 2.24 17.00 24.29
C GLN C 606 1.43 18.04 25.06
N VAL C 607 1.93 19.28 25.13
CA VAL C 607 1.16 20.36 25.73
C VAL C 607 -0.14 20.57 24.97
N HIS C 608 -0.07 20.54 23.64
CA HIS C 608 -1.26 20.78 22.83
C HIS C 608 -2.30 19.68 23.03
N THR C 609 -1.85 18.43 23.11
CA THR C 609 -2.76 17.33 23.44
C THR C 609 -3.44 17.58 24.79
N PHE C 610 -2.69 18.10 25.76
CA PHE C 610 -3.25 18.38 27.07
C PHE C 610 -4.35 19.44 26.97
N TYR C 611 -4.06 20.54 26.29
CA TYR C 611 -5.07 21.58 26.12
C TYR C 611 -6.27 21.07 25.33
N LYS C 612 -6.03 20.28 24.28
CA LYS C 612 -7.13 19.68 23.54
C LYS C 612 -8.01 18.85 24.47
N ALA C 613 -7.40 18.07 25.35
CA ALA C 613 -8.18 17.28 26.30
C ALA C 613 -9.03 18.19 27.19
N CYS C 614 -8.46 19.32 27.63
CA CYS C 614 -9.23 20.26 28.43
C CYS C 614 -10.39 20.84 27.64
N GLY C 615 -10.20 21.06 26.34
CA GLY C 615 -11.29 21.55 25.51
C GLY C 615 -12.44 20.58 25.40
N ILE C 616 -12.13 19.28 25.35
CA ILE C 616 -13.19 18.28 25.33
C ILE C 616 -14.08 18.43 26.56
N ILE C 617 -13.46 18.49 27.74
CA ILE C 617 -14.23 18.66 28.98
C ILE C 617 -15.07 19.92 28.91
N ILE C 618 -14.44 21.04 28.56
CA ILE C 618 -15.12 22.33 28.62
C ILE C 618 -16.34 22.34 27.72
N SER C 619 -16.30 21.63 26.60
CA SER C 619 -17.44 21.62 25.69
C SER C 619 -18.64 20.89 26.25
N GLU C 620 -18.47 20.12 27.34
CA GLU C 620 -19.60 19.47 27.98
C GLU C 620 -20.32 20.40 28.95
N GLU C 621 -19.76 21.57 29.24
CA GLU C 621 -20.45 22.58 30.05
C GLU C 621 -21.39 23.37 29.15
N ARG C 622 -22.69 23.16 29.30
CA ARG C 622 -23.66 23.79 28.42
C ARG C 622 -24.19 25.12 28.95
N SER C 623 -23.79 25.52 30.15
CA SER C 623 -24.00 26.90 30.58
C SER C 623 -22.99 27.80 29.88
N VAL C 624 -23.48 28.69 29.02
CA VAL C 624 -22.60 29.46 28.15
C VAL C 624 -21.59 30.26 28.98
N ALA C 625 -22.05 30.92 30.04
CA ALA C 625 -21.18 31.82 30.79
C ALA C 625 -20.06 31.06 31.49
N GLU C 626 -20.39 29.89 32.07
CA GLU C 626 -19.35 29.09 32.71
C GLU C 626 -18.41 28.49 31.69
N ARG C 627 -18.94 28.02 30.57
CA ARG C 627 -18.09 27.46 29.52
C ARG C 627 -17.11 28.51 29.00
N ASN C 628 -17.60 29.72 28.72
CA ASN C 628 -16.72 30.78 28.23
C ASN C 628 -15.68 31.16 29.28
N ARG C 629 -16.05 31.12 30.56
CA ARG C 629 -15.08 31.43 31.62
C ARG C 629 -14.02 30.36 31.74
N LEU C 630 -14.42 29.08 31.68
CA LEU C 630 -13.44 28.00 31.63
C LEU C 630 -12.52 28.16 30.43
N LEU C 631 -13.09 28.49 29.27
CA LEU C 631 -12.26 28.70 28.08
C LEU C 631 -11.26 29.82 28.31
N SER C 632 -11.71 30.93 28.93
CA SER C 632 -10.80 32.04 29.21
C SER C 632 -9.69 31.61 30.15
N ASP C 633 -10.01 30.85 31.20
CA ASP C 633 -9.00 30.42 32.15
C ASP C 633 -8.03 29.43 31.51
N LEU C 634 -8.55 28.51 30.69
CA LEU C 634 -7.67 27.55 30.01
C LEU C 634 -6.67 28.26 29.12
N MET C 635 -7.09 29.30 28.41
CA MET C 635 -6.25 29.99 27.45
C MET C 635 -5.44 31.12 28.08
N GLN C 636 -5.40 31.22 29.41
CA GLN C 636 -4.74 32.34 30.06
C GLN C 636 -3.26 32.41 29.69
N LEU C 637 -2.57 31.27 29.77
CA LEU C 637 -1.13 31.28 29.48
C LEU C 637 -0.85 31.63 28.02
N PRO C 638 -1.42 30.95 27.03
CA PRO C 638 -1.19 31.38 25.65
C PRO C 638 -1.67 32.80 25.35
N ASN C 639 -2.75 33.25 25.98
CA ASN C 639 -3.25 34.59 25.70
C ASN C 639 -2.30 35.66 26.24
N MET C 640 -1.72 35.43 27.41
CA MET C 640 -0.76 36.39 27.94
C MET C 640 0.51 36.42 27.11
N ALA C 641 1.05 35.24 26.77
CA ALA C 641 2.17 35.18 25.85
C ALA C 641 1.83 35.86 24.53
N TRP C 642 0.57 35.72 24.10
CA TRP C 642 0.14 36.32 22.84
C TRP C 642 0.10 37.84 22.94
N ASP C 643 -0.57 38.37 23.97
CA ASP C 643 -0.64 39.81 24.15
C ASP C 643 0.76 40.43 24.16
N THR C 644 1.68 39.81 24.90
CA THR C 644 3.06 40.28 24.94
C THR C 644 3.64 40.40 23.53
N ILE C 645 3.55 39.33 22.74
CA ILE C 645 4.19 39.30 21.43
C ILE C 645 3.57 40.33 20.50
N VAL C 646 2.25 40.39 20.44
CA VAL C 646 1.58 41.37 19.58
C VAL C 646 2.08 42.77 19.91
N GLU C 647 2.41 43.03 21.18
CA GLU C 647 2.99 44.32 21.55
C GLU C 647 4.43 44.44 21.05
N GLN C 648 5.24 43.40 21.28
CA GLN C 648 6.64 43.46 20.90
C GLN C 648 6.83 43.28 19.40
N SER C 649 6.32 42.18 18.85
CA SER C 649 6.52 41.89 17.44
C SER C 649 6.07 43.04 16.55
N THR C 650 5.02 43.77 16.95
CA THR C 650 4.56 44.89 16.15
C THR C 650 5.48 46.10 16.32
N ALA C 651 6.03 46.29 17.52
CA ALA C 651 6.97 47.39 17.75
C ALA C 651 8.21 47.24 16.88
N ASN C 652 8.94 46.14 17.04
CA ASN C 652 10.16 45.87 16.30
C ASN C 652 9.95 44.64 15.43
N PRO C 653 9.46 44.80 14.20
CA PRO C 653 9.23 43.65 13.32
C PRO C 653 10.43 42.74 13.06
N THR C 654 11.62 43.09 13.56
CA THR C 654 12.77 42.21 13.39
C THR C 654 12.72 41.02 14.35
N LEU C 655 11.97 41.12 15.44
CA LEU C 655 11.81 39.99 16.35
C LEU C 655 11.35 38.74 15.61
N LEU C 656 10.40 38.89 14.68
CA LEU C 656 9.94 37.74 13.91
C LEU C 656 11.07 37.04 13.18
N LEU C 657 12.25 37.65 13.09
CA LEU C 657 13.44 36.93 12.65
C LEU C 657 14.08 36.18 13.81
N ASP C 658 13.87 36.63 15.04
CA ASP C 658 14.30 35.88 16.22
C ASP C 658 13.59 34.53 16.23
N SER C 659 14.35 33.45 16.02
CA SER C 659 13.75 32.14 15.87
C SER C 659 13.00 31.70 17.12
N GLU C 660 13.36 32.21 18.29
CA GLU C 660 12.65 31.82 19.51
C GLU C 660 11.28 32.47 19.59
N THR C 661 11.16 33.72 19.16
CA THR C 661 9.85 34.36 19.10
C THR C 661 8.97 33.68 18.06
N VAL C 662 9.56 33.28 16.92
CA VAL C 662 8.80 32.58 15.90
C VAL C 662 8.24 31.27 16.46
N LYS C 663 9.06 30.52 17.21
CA LYS C 663 8.61 29.27 17.76
C LYS C 663 7.52 29.49 18.82
N ILE C 664 7.71 30.48 19.68
CA ILE C 664 6.68 30.80 20.67
C ILE C 664 5.35 31.09 19.97
N ILE C 665 5.40 31.89 18.91
CA ILE C 665 4.17 32.28 18.21
C ILE C 665 3.51 31.04 17.60
N ALA C 666 4.29 30.22 16.91
CA ALA C 666 3.72 29.03 16.28
C ALA C 666 3.05 28.13 17.31
N ASN C 667 3.66 28.01 18.49
CA ASN C 667 3.09 27.13 19.51
C ASN C 667 1.86 27.74 20.17
N ILE C 668 1.80 29.07 20.29
CA ILE C 668 0.57 29.71 20.75
C ILE C 668 -0.57 29.36 19.81
N ILE C 669 -0.34 29.49 18.50
N ILE C 669 -0.35 29.52 18.50
CA ILE C 669 -1.40 29.24 17.52
CA ILE C 669 -1.40 29.23 17.52
C ILE C 669 -1.76 27.76 17.50
C ILE C 669 -1.76 27.75 17.55
N LYS C 670 -0.75 26.88 17.62
CA LYS C 670 -1.02 25.45 17.68
C LYS C 670 -1.86 25.11 18.90
N THR C 671 -1.62 25.78 20.03
CA THR C 671 -2.47 25.58 21.20
C THR C 671 -3.92 25.97 20.88
N ASN C 672 -4.11 27.08 20.16
CA ASN C 672 -5.46 27.48 19.78
C ASN C 672 -6.10 26.47 18.84
N VAL C 673 -5.34 25.96 17.86
CA VAL C 673 -5.87 24.92 16.97
C VAL C 673 -6.32 23.72 17.78
N ALA C 674 -5.49 23.27 18.72
CA ALA C 674 -5.80 22.08 19.49
C ALA C 674 -7.11 22.24 20.26
N VAL C 675 -7.29 23.38 20.94
CA VAL C 675 -8.51 23.61 21.70
C VAL C 675 -9.70 23.80 20.75
N CYS C 676 -9.48 24.50 19.64
CA CYS C 676 -10.57 24.67 18.67
C CYS C 676 -10.98 23.33 18.07
N THR C 677 -10.04 22.41 17.90
CA THR C 677 -10.40 21.08 17.39
C THR C 677 -11.40 20.40 18.32
N SER C 678 -11.23 20.57 19.63
CA SER C 678 -12.12 19.94 20.59
C SER C 678 -13.45 20.67 20.71
N MET C 679 -13.43 22.00 20.65
CA MET C 679 -14.59 22.81 21.02
C MET C 679 -15.41 23.27 19.83
N GLY C 680 -14.83 23.31 18.63
CA GLY C 680 -15.56 23.71 17.44
C GLY C 680 -16.31 25.02 17.59
N ALA C 681 -17.64 24.96 17.49
CA ALA C 681 -18.45 26.17 17.55
C ALA C 681 -18.25 26.93 18.85
N ASP C 682 -18.01 26.22 19.96
CA ASP C 682 -17.85 26.88 21.24
C ASP C 682 -16.56 27.68 21.34
N PHE C 683 -15.63 27.50 20.40
CA PHE C 683 -14.35 28.20 20.44
C PHE C 683 -14.46 29.66 20.05
N TYR C 684 -15.58 30.07 19.46
CA TYR C 684 -15.70 31.42 18.89
C TYR C 684 -15.22 32.53 19.82
N PRO C 685 -15.54 32.53 21.13
CA PRO C 685 -15.08 33.66 21.97
C PRO C 685 -13.57 33.79 22.00
N GLN C 686 -12.85 32.67 22.11
CA GLN C 686 -11.39 32.72 22.08
C GLN C 686 -10.88 33.23 20.74
N LEU C 687 -11.47 32.74 19.64
CA LEU C 687 -11.04 33.21 18.33
C LEU C 687 -11.22 34.71 18.20
N GLY C 688 -12.32 35.25 18.73
CA GLY C 688 -12.54 36.68 18.68
C GLY C 688 -11.50 37.47 19.46
N HIS C 689 -10.97 36.89 20.53
CA HIS C 689 -9.96 37.58 21.33
C HIS C 689 -8.71 37.85 20.52
N ILE C 690 -8.34 36.96 19.60
CA ILE C 690 -7.08 37.05 18.88
C ILE C 690 -7.26 37.35 17.40
N TYR C 691 -8.49 37.30 16.87
CA TYR C 691 -8.67 37.23 15.42
C TYR C 691 -7.98 38.37 14.70
N TYR C 692 -8.33 39.61 15.05
CA TYR C 692 -7.85 40.75 14.28
C TYR C 692 -6.34 40.91 14.37
N ASN C 693 -5.78 40.77 15.57
CA ASN C 693 -4.32 40.83 15.70
C ASN C 693 -3.66 39.64 15.03
N MET C 694 -4.33 38.50 14.97
CA MET C 694 -3.77 37.34 14.30
C MET C 694 -3.61 37.59 12.80
N LEU C 695 -4.61 38.21 12.18
CA LEU C 695 -4.51 38.49 10.75
C LEU C 695 -3.49 39.56 10.45
N GLN C 696 -3.33 40.53 11.36
CA GLN C 696 -2.24 41.50 11.21
C GLN C 696 -0.89 40.80 11.29
N LEU C 697 -0.75 39.84 12.20
CA LEU C 697 0.48 39.04 12.26
C LEU C 697 0.68 38.28 10.96
N TYR C 698 -0.39 37.71 10.41
CA TYR C 698 -0.30 37.04 9.11
C TYR C 698 0.29 37.98 8.07
N ARG C 699 -0.16 39.23 8.03
CA ARG C 699 0.37 40.19 7.08
C ARG C 699 1.84 40.50 7.35
N ALA C 700 2.18 40.75 8.61
CA ALA C 700 3.56 41.10 8.95
C ALA C 700 4.50 39.95 8.60
N VAL C 701 4.13 38.72 8.96
CA VAL C 701 4.92 37.55 8.61
C VAL C 701 5.06 37.45 7.10
N SER C 702 3.98 37.72 6.36
CA SER C 702 4.02 37.67 4.91
C SER C 702 5.07 38.61 4.36
N SER C 703 5.12 39.85 4.88
CA SER C 703 6.11 40.81 4.42
C SER C 703 7.52 40.31 4.66
N MET C 704 7.76 39.66 5.80
N MET C 704 7.75 39.65 5.80
CA MET C 704 9.09 39.16 6.11
CA MET C 704 9.09 39.15 6.11
C MET C 704 9.51 38.06 5.15
C MET C 704 9.50 38.07 5.12
N ILE C 705 8.60 37.12 4.86
CA ILE C 705 8.90 36.06 3.91
C ILE C 705 9.24 36.66 2.54
N SER C 706 8.41 37.60 2.08
CA SER C 706 8.69 38.27 0.81
C SER C 706 10.02 38.98 0.84
N ALA C 707 10.26 39.79 1.89
CA ALA C 707 11.51 40.52 1.99
C ALA C 707 12.70 39.59 2.05
N GLN C 708 12.53 38.39 2.63
CA GLN C 708 13.63 37.44 2.72
C GLN C 708 13.92 36.79 1.38
N VAL C 709 12.86 36.41 0.65
CA VAL C 709 13.05 35.88 -0.70
C VAL C 709 13.70 36.92 -1.59
N ALA C 710 13.36 38.20 -1.39
CA ALA C 710 13.94 39.26 -2.20
C ALA C 710 15.43 39.41 -1.93
N ALA C 711 15.84 39.31 -0.66
CA ALA C 711 17.23 39.58 -0.31
C ALA C 711 18.14 38.37 -0.52
N GLU C 712 17.60 37.15 -0.42
CA GLU C 712 18.40 35.95 -0.50
C GLU C 712 18.07 35.04 -1.67
N GLY C 713 16.94 35.23 -2.34
CA GLY C 713 16.53 34.38 -3.45
C GLY C 713 15.61 33.27 -3.01
N LEU C 714 15.21 32.46 -3.99
CA LEU C 714 14.27 31.38 -3.73
C LEU C 714 14.80 30.41 -2.68
N ILE C 715 16.12 30.26 -2.58
CA ILE C 715 16.68 29.36 -1.57
C ILE C 715 16.24 29.76 -0.17
N ALA C 716 15.80 31.01 0.01
CA ALA C 716 15.34 31.45 1.32
C ALA C 716 14.18 30.60 1.84
N THR C 717 13.35 30.07 0.94
CA THR C 717 12.20 29.29 1.39
C THR C 717 12.61 27.98 2.04
N LYS C 718 13.87 27.56 1.87
CA LYS C 718 14.37 26.35 2.51
C LYS C 718 15.00 26.62 3.87
N THR C 719 15.26 27.89 4.21
CA THR C 719 15.95 28.20 5.45
C THR C 719 15.04 27.97 6.65
N PRO C 720 15.61 27.66 7.82
CA PRO C 720 14.77 27.49 9.02
C PRO C 720 13.95 28.72 9.36
N LYS C 721 14.49 29.92 9.12
CA LYS C 721 13.77 31.13 9.51
C LYS C 721 12.51 31.32 8.68
N VAL C 722 12.61 31.15 7.36
CA VAL C 722 11.42 31.32 6.51
C VAL C 722 10.45 30.17 6.72
N ARG C 723 10.96 28.94 6.88
CA ARG C 723 10.08 27.82 7.18
C ARG C 723 9.33 28.04 8.48
N GLY C 724 10.00 28.67 9.46
CA GLY C 724 9.33 28.98 10.71
C GLY C 724 8.27 30.05 10.56
N LEU C 725 8.54 31.05 9.71
CA LEU C 725 7.56 32.09 9.46
C LEU C 725 6.35 31.55 8.72
N ARG C 726 6.58 30.64 7.76
CA ARG C 726 5.47 30.06 7.02
C ARG C 726 4.65 29.11 7.90
N THR C 727 5.29 28.45 8.85
CA THR C 727 4.54 27.66 9.83
C THR C 727 3.49 28.52 10.52
N ILE C 728 3.86 29.75 10.89
CA ILE C 728 2.90 30.67 11.49
C ILE C 728 1.70 30.86 10.56
N LYS C 729 1.97 31.16 9.28
CA LYS C 729 0.89 31.39 8.34
C LYS C 729 0.03 30.15 8.17
N LYS C 730 0.65 28.97 8.12
CA LYS C 730 -0.12 27.73 7.92
C LYS C 730 -0.99 27.42 9.13
N GLU C 731 -0.47 27.65 10.33
CA GLU C 731 -1.26 27.39 11.53
C GLU C 731 -2.40 28.38 11.68
N ILE C 732 -2.20 29.64 11.27
CA ILE C 732 -3.29 30.61 11.27
C ILE C 732 -4.39 30.15 10.32
N LEU C 733 -4.01 29.73 9.12
CA LEU C 733 -5.00 29.23 8.16
C LEU C 733 -5.69 27.98 8.70
N LYS C 734 -4.95 27.09 9.33
CA LYS C 734 -5.54 25.88 9.88
C LYS C 734 -6.50 26.20 11.03
N LEU C 735 -6.15 27.20 11.85
CA LEU C 735 -7.06 27.60 12.92
C LEU C 735 -8.37 28.12 12.36
N VAL C 736 -8.30 29.02 11.38
CA VAL C 736 -9.52 29.58 10.78
C VAL C 736 -10.31 28.47 10.09
N GLU C 737 -9.62 27.61 9.34
CA GLU C 737 -10.29 26.49 8.69
C GLU C 737 -10.98 25.60 9.70
N THR C 738 -10.31 25.30 10.81
CA THR C 738 -10.87 24.40 11.80
C THR C 738 -12.13 24.99 12.43
N TYR C 739 -12.14 26.29 12.70
CA TYR C 739 -13.34 26.88 13.30
C TYR C 739 -14.48 26.93 12.29
N ILE C 740 -14.22 27.47 11.10
CA ILE C 740 -15.28 27.67 10.13
C ILE C 740 -15.93 26.34 9.75
N SER C 741 -15.12 25.27 9.68
CA SER C 741 -15.67 23.97 9.33
C SER C 741 -16.64 23.44 10.37
N LYS C 742 -16.64 24.01 11.57
CA LYS C 742 -17.48 23.54 12.66
C LYS C 742 -18.41 24.63 13.20
N ALA C 743 -18.34 25.84 12.67
CA ALA C 743 -19.15 26.93 13.19
C ALA C 743 -20.64 26.63 13.00
N ARG C 744 -21.44 27.05 13.98
CA ARG C 744 -22.89 26.96 13.88
C ARG C 744 -23.55 28.29 13.54
N ASN C 745 -22.95 29.40 13.93
CA ASN C 745 -23.47 30.74 13.62
C ASN C 745 -22.77 31.23 12.36
N LEU C 746 -23.41 31.02 11.22
CA LEU C 746 -22.81 31.37 9.95
C LEU C 746 -22.96 32.85 9.61
N ASP C 747 -23.88 33.56 10.26
CA ASP C 747 -23.97 35.00 10.07
C ASP C 747 -22.70 35.69 10.58
N ASP C 748 -22.18 35.24 11.72
CA ASP C 748 -20.93 35.81 12.24
C ASP C 748 -19.76 35.47 11.34
N VAL C 749 -19.69 34.23 10.85
CA VAL C 749 -18.63 33.84 9.92
C VAL C 749 -18.60 34.82 8.76
N VAL C 750 -19.75 35.05 8.13
CA VAL C 750 -19.81 35.90 6.94
C VAL C 750 -19.53 37.35 7.30
N LYS C 751 -20.13 37.84 8.38
CA LYS C 751 -20.12 39.27 8.68
C LYS C 751 -18.92 39.72 9.49
N VAL C 752 -18.20 38.79 10.15
CA VAL C 752 -17.08 39.13 11.01
C VAL C 752 -15.78 38.54 10.51
N LEU C 753 -15.79 37.27 10.08
CA LEU C 753 -14.54 36.57 9.82
C LEU C 753 -14.07 36.67 8.37
N VAL C 754 -14.99 36.60 7.40
CA VAL C 754 -14.58 36.32 6.02
C VAL C 754 -13.83 37.50 5.41
N GLU C 755 -14.43 38.69 5.44
N GLU C 755 -14.42 38.69 5.43
CA GLU C 755 -13.84 39.87 4.80
CA GLU C 755 -13.80 39.80 4.74
C GLU C 755 -12.42 40.08 5.28
C GLU C 755 -12.42 40.14 5.28
N PRO C 756 -12.18 40.20 6.59
CA PRO C 756 -10.79 40.34 7.05
C PRO C 756 -9.89 39.21 6.58
N LEU C 757 -10.41 37.98 6.54
CA LEU C 757 -9.62 36.84 6.09
C LEU C 757 -9.20 37.02 4.63
N LEU C 758 -10.16 37.28 3.74
CA LEU C 758 -9.85 37.40 2.33
C LEU C 758 -8.86 38.53 2.08
N ASN C 759 -9.07 39.67 2.74
CA ASN C 759 -8.14 40.79 2.59
C ASN C 759 -6.74 40.41 3.07
N ALA C 760 -6.65 39.50 4.05
CA ALA C 760 -5.36 39.13 4.61
C ALA C 760 -4.60 38.13 3.73
N VAL C 761 -5.30 37.23 3.03
CA VAL C 761 -4.66 36.08 2.43
C VAL C 761 -4.65 36.13 0.90
N LEU C 762 -5.67 36.70 0.26
CA LEU C 762 -5.82 36.50 -1.19
C LEU C 762 -4.77 37.27 -1.97
N GLU C 763 -4.64 38.57 -1.72
CA GLU C 763 -3.67 39.37 -2.46
C GLU C 763 -2.25 38.90 -2.18
N ASP C 764 -1.97 38.52 -0.92
CA ASP C 764 -0.65 37.99 -0.58
C ASP C 764 -0.33 36.73 -1.39
N TYR C 765 -1.33 35.87 -1.58
CA TYR C 765 -1.13 34.66 -2.38
C TYR C 765 -0.88 35.01 -3.83
N MET C 766 -1.73 35.87 -4.40
CA MET C 766 -1.64 36.20 -5.82
C MET C 766 -0.30 36.84 -6.17
N ASN C 767 0.24 37.68 -5.28
CA ASN C 767 1.38 38.52 -5.58
C ASN C 767 2.69 37.98 -5.05
N ASN C 768 2.71 36.77 -4.51
CA ASN C 768 3.94 36.08 -4.19
C ASN C 768 4.41 35.28 -5.40
N VAL C 769 5.71 35.05 -5.48
CA VAL C 769 6.27 34.19 -6.52
C VAL C 769 5.78 32.77 -6.25
N PRO C 770 5.69 31.91 -7.26
CA PRO C 770 5.11 30.57 -7.05
C PRO C 770 5.68 29.81 -5.86
N ASP C 771 7.00 29.80 -5.67
CA ASP C 771 7.61 29.02 -4.59
C ASP C 771 7.25 29.54 -3.20
N ALA C 772 6.66 30.73 -3.10
CA ALA C 772 6.29 31.31 -1.81
C ALA C 772 4.81 31.22 -1.51
N ARG C 773 4.00 30.71 -2.43
CA ARG C 773 2.57 30.59 -2.21
C ARG C 773 2.26 29.34 -1.40
N ASP C 774 1.46 29.51 -0.34
CA ASP C 774 1.09 28.41 0.53
C ASP C 774 -0.16 27.73 -0.03
N ALA C 775 -0.04 26.43 -0.33
CA ALA C 775 -1.20 25.67 -0.78
C ALA C 775 -2.30 25.63 0.26
N GLU C 776 -1.96 25.86 1.53
CA GLU C 776 -2.98 25.90 2.58
C GLU C 776 -3.98 27.02 2.37
N VAL C 777 -3.60 28.09 1.66
CA VAL C 777 -4.56 29.13 1.32
C VAL C 777 -5.73 28.53 0.54
N LEU C 778 -5.41 27.71 -0.47
CA LEU C 778 -6.46 27.06 -1.25
C LEU C 778 -7.33 26.18 -0.36
N ASN C 779 -6.70 25.43 0.55
CA ASN C 779 -7.46 24.54 1.42
C ASN C 779 -8.38 25.33 2.35
N CYS C 780 -7.90 26.46 2.86
CA CYS C 780 -8.75 27.29 3.72
C CYS C 780 -9.93 27.86 2.93
N MET C 781 -9.68 28.31 1.69
CA MET C 781 -10.76 28.86 0.88
C MET C 781 -11.80 27.80 0.55
N THR C 782 -11.37 26.55 0.35
CA THR C 782 -12.33 25.48 0.09
C THR C 782 -13.32 25.34 1.24
N THR C 783 -12.83 25.41 2.48
CA THR C 783 -13.72 25.32 3.63
C THR C 783 -14.64 26.54 3.69
N VAL C 784 -14.10 27.73 3.43
CA VAL C 784 -14.94 28.93 3.42
C VAL C 784 -16.08 28.78 2.42
N VAL C 785 -15.76 28.38 1.19
CA VAL C 785 -16.79 28.23 0.17
C VAL C 785 -17.77 27.12 0.57
N GLU C 786 -17.24 26.00 1.08
CA GLU C 786 -18.10 24.90 1.49
C GLU C 786 -19.17 25.38 2.47
N LYS C 787 -18.78 26.12 3.49
CA LYS C 787 -19.70 26.42 4.59
C LYS C 787 -20.57 27.64 4.34
N VAL C 788 -20.04 28.66 3.67
CA VAL C 788 -20.80 29.90 3.52
C VAL C 788 -20.71 30.43 2.08
N GLY C 789 -20.27 29.59 1.15
CA GLY C 789 -20.16 30.02 -0.23
C GLY C 789 -21.45 30.61 -0.77
N HIS C 790 -22.58 29.99 -0.40
CA HIS C 790 -23.88 30.49 -0.86
C HIS C 790 -24.18 31.89 -0.37
N MET C 791 -23.48 32.37 0.67
CA MET C 791 -23.78 33.68 1.26
C MET C 791 -22.81 34.77 0.85
N ILE C 792 -21.74 34.45 0.11
CA ILE C 792 -20.74 35.44 -0.25
C ILE C 792 -20.42 35.36 -1.74
N PRO C 793 -21.40 35.55 -2.62
CA PRO C 793 -21.11 35.43 -4.06
C PRO C 793 -19.98 36.33 -4.53
N GLN C 794 -19.89 37.55 -4.00
CA GLN C 794 -18.79 38.43 -4.39
C GLN C 794 -17.47 37.96 -3.80
N GLY C 795 -17.49 37.40 -2.59
CA GLY C 795 -16.28 36.84 -2.02
C GLY C 795 -15.72 35.68 -2.82
N VAL C 796 -16.62 34.85 -3.37
CA VAL C 796 -16.17 33.71 -4.18
C VAL C 796 -15.55 34.21 -5.48
N ILE C 797 -16.17 35.19 -6.12
CA ILE C 797 -15.57 35.81 -7.30
C ILE C 797 -14.16 36.30 -6.97
N LEU C 798 -14.01 36.95 -5.82
CA LEU C 798 -12.70 37.47 -5.42
C LEU C 798 -11.70 36.34 -5.21
N ILE C 799 -12.16 35.20 -4.70
CA ILE C 799 -11.27 34.05 -4.56
C ILE C 799 -10.77 33.59 -5.91
N LEU C 800 -11.69 33.39 -6.86
CA LEU C 800 -11.29 32.96 -8.20
C LEU C 800 -10.31 33.95 -8.82
N GLN C 801 -10.64 35.24 -8.76
CA GLN C 801 -9.76 36.25 -9.37
C GLN C 801 -8.36 36.20 -8.80
N SER C 802 -8.22 35.81 -7.54
CA SER C 802 -6.93 35.88 -6.86
C SER C 802 -6.11 34.60 -6.98
N VAL C 803 -6.74 33.44 -7.15
CA VAL C 803 -6.01 32.18 -7.13
C VAL C 803 -6.14 31.38 -8.42
N PHE C 804 -7.14 31.64 -9.27
CA PHE C 804 -7.41 30.73 -10.38
C PHE C 804 -6.27 30.73 -11.40
N GLU C 805 -6.05 31.87 -12.07
CA GLU C 805 -5.11 31.88 -13.18
C GLU C 805 -3.68 31.66 -12.72
N CYS C 806 -3.29 32.25 -11.58
CA CYS C 806 -1.90 32.11 -11.15
C CYS C 806 -1.60 30.71 -10.65
N THR C 807 -2.59 30.02 -10.06
CA THR C 807 -2.36 28.64 -9.67
C THR C 807 -2.34 27.71 -10.88
N LEU C 808 -3.27 27.92 -11.82
CA LEU C 808 -3.27 27.10 -13.03
C LEU C 808 -1.94 27.18 -13.75
N ASP C 809 -1.36 28.38 -13.84
CA ASP C 809 -0.07 28.54 -14.51
C ASP C 809 1.04 27.80 -13.78
N MET C 810 0.88 27.52 -12.49
CA MET C 810 1.88 26.76 -11.75
C MET C 810 1.84 25.28 -12.11
N ILE C 811 0.66 24.74 -12.44
CA ILE C 811 0.45 23.30 -12.52
C ILE C 811 0.20 22.81 -13.94
N ASN C 812 0.20 23.69 -14.94
CA ASN C 812 -0.18 23.31 -16.30
C ASN C 812 1.02 23.16 -17.24
N LYS C 813 2.22 22.99 -16.69
CA LYS C 813 3.40 22.72 -17.50
C LYS C 813 3.86 21.27 -17.39
N ASP C 814 3.53 20.58 -16.31
CA ASP C 814 3.78 19.16 -16.16
C ASP C 814 2.80 18.63 -15.12
N PHE C 815 2.92 17.34 -14.81
CA PHE C 815 2.03 16.69 -13.85
C PHE C 815 2.65 16.53 -12.48
N THR C 816 3.86 17.04 -12.24
CA THR C 816 4.59 16.78 -11.01
C THR C 816 4.85 18.00 -10.16
N GLU C 817 5.11 19.16 -10.77
CA GLU C 817 5.41 20.36 -10.00
C GLU C 817 4.25 20.74 -9.08
N TYR C 818 4.60 21.26 -7.91
CA TYR C 818 3.62 21.80 -6.96
C TYR C 818 2.48 20.83 -6.71
N PRO C 819 2.77 19.66 -6.14
CA PRO C 819 1.72 18.63 -6.00
C PRO C 819 0.61 19.02 -5.04
N GLU C 820 0.92 19.73 -3.95
CA GLU C 820 -0.12 20.12 -3.01
C GLU C 820 -1.05 21.16 -3.61
N HIS C 821 -0.49 22.14 -4.33
CA HIS C 821 -1.34 23.13 -5.00
C HIS C 821 -2.24 22.47 -6.03
N ARG C 822 -1.70 21.50 -6.76
CA ARG C 822 -2.47 20.72 -7.71
C ARG C 822 -3.73 20.14 -7.06
N VAL C 823 -3.55 19.42 -5.96
CA VAL C 823 -4.67 18.75 -5.31
C VAL C 823 -5.65 19.76 -4.75
N GLU C 824 -5.15 20.77 -4.04
CA GLU C 824 -6.03 21.75 -3.42
C GLU C 824 -6.72 22.61 -4.47
N PHE C 825 -6.05 22.87 -5.59
CA PHE C 825 -6.63 23.68 -6.67
C PHE C 825 -7.95 23.09 -7.14
N TYR C 826 -7.97 21.79 -7.43
CA TYR C 826 -9.17 21.19 -7.99
C TYR C 826 -10.22 20.89 -6.93
N LYS C 827 -9.83 20.72 -5.67
CA LYS C 827 -10.82 20.66 -4.60
C LYS C 827 -11.54 21.99 -4.47
N LEU C 828 -10.83 23.10 -4.67
CA LEU C 828 -11.46 24.42 -4.58
C LEU C 828 -12.41 24.65 -5.75
N LEU C 829 -11.96 24.37 -6.98
CA LEU C 829 -12.84 24.53 -8.14
C LEU C 829 -14.06 23.65 -8.03
N LYS C 830 -13.90 22.46 -7.45
CA LYS C 830 -15.01 21.53 -7.31
C LYS C 830 -16.10 22.11 -6.41
N VAL C 831 -15.71 22.63 -5.24
CA VAL C 831 -16.71 23.16 -4.31
C VAL C 831 -17.31 24.44 -4.85
N ILE C 832 -16.50 25.27 -5.53
CA ILE C 832 -17.05 26.46 -6.18
C ILE C 832 -18.07 26.07 -7.23
N ASN C 833 -17.76 25.04 -8.03
CA ASN C 833 -18.71 24.58 -9.04
C ASN C 833 -19.97 24.04 -8.40
N GLU C 834 -19.86 23.46 -7.20
CA GLU C 834 -21.03 22.93 -6.49
C GLU C 834 -21.88 24.06 -5.90
N LYS C 835 -21.25 24.96 -5.16
CA LYS C 835 -21.95 25.87 -4.26
C LYS C 835 -22.17 27.26 -4.82
N SER C 836 -21.33 27.70 -5.76
N SER C 836 -21.30 27.74 -5.71
CA SER C 836 -21.35 29.08 -6.26
CA SER C 836 -21.43 29.09 -6.26
C SER C 836 -21.07 29.08 -7.76
C SER C 836 -21.08 29.07 -7.75
N PHE C 837 -21.83 28.29 -8.51
CA PHE C 837 -21.61 28.21 -9.95
C PHE C 837 -21.70 29.57 -10.62
N ALA C 838 -22.48 30.49 -10.03
CA ALA C 838 -22.58 31.83 -10.60
C ALA C 838 -21.21 32.47 -10.80
N ALA C 839 -20.26 32.16 -9.93
CA ALA C 839 -18.94 32.78 -10.03
C ALA C 839 -18.26 32.42 -11.35
N PHE C 840 -18.50 31.21 -11.87
CA PHE C 840 -17.94 30.86 -13.17
C PHE C 840 -18.70 31.55 -14.30
N LEU C 841 -19.99 31.83 -14.10
CA LEU C 841 -20.74 32.56 -15.12
C LEU C 841 -20.22 33.97 -15.30
N GLU C 842 -19.71 34.58 -14.23
CA GLU C 842 -19.19 35.94 -14.30
C GLU C 842 -17.82 36.01 -14.98
N LEU C 843 -17.14 34.89 -15.17
CA LEU C 843 -15.79 34.93 -15.71
C LEU C 843 -15.81 35.52 -17.12
N PRO C 844 -14.80 36.29 -17.50
CA PRO C 844 -14.67 36.67 -18.91
C PRO C 844 -14.54 35.43 -19.77
N PRO C 845 -15.00 35.48 -21.02
CA PRO C 845 -14.96 34.27 -21.85
C PRO C 845 -13.59 33.61 -21.90
N ALA C 846 -12.52 34.40 -21.98
CA ALA C 846 -11.18 33.82 -22.03
C ALA C 846 -10.85 33.08 -20.75
N ALA C 847 -11.38 33.53 -19.62
CA ALA C 847 -11.12 32.86 -18.34
C ALA C 847 -11.96 31.59 -18.19
N PHE C 848 -13.23 31.64 -18.61
CA PHE C 848 -14.04 30.44 -18.61
C PHE C 848 -13.43 29.38 -19.53
N LYS C 849 -12.78 29.80 -20.61
CA LYS C 849 -12.09 28.86 -21.47
C LYS C 849 -10.93 28.19 -20.74
N LEU C 850 -10.21 28.96 -19.92
CA LEU C 850 -9.17 28.37 -19.09
C LEU C 850 -9.75 27.37 -18.10
N PHE C 851 -10.95 27.67 -17.58
CA PHE C 851 -11.62 26.75 -16.68
C PHE C 851 -11.84 25.40 -17.35
N VAL C 852 -12.34 25.40 -18.59
CA VAL C 852 -12.55 24.15 -19.31
C VAL C 852 -11.22 23.44 -19.52
N ASP C 853 -10.21 24.17 -19.98
CA ASP C 853 -8.88 23.59 -20.14
C ASP C 853 -8.38 22.97 -18.85
N ALA C 854 -8.63 23.64 -17.72
CA ALA C 854 -8.15 23.13 -16.43
C ALA C 854 -8.83 21.82 -16.08
N ILE C 855 -10.12 21.68 -16.39
CA ILE C 855 -10.83 20.44 -16.10
C ILE C 855 -10.24 19.30 -16.91
N CYS C 856 -10.07 19.50 -18.22
CA CYS C 856 -9.51 18.45 -19.06
C CYS C 856 -8.10 18.11 -18.63
N TRP C 857 -7.28 19.12 -18.34
CA TRP C 857 -5.97 18.89 -17.76
C TRP C 857 -6.05 17.94 -16.57
N ALA C 858 -7.09 18.08 -15.75
CA ALA C 858 -7.26 17.18 -14.62
C ALA C 858 -7.53 15.75 -15.07
N PHE C 859 -8.34 15.57 -16.13
CA PHE C 859 -8.57 14.23 -16.67
C PHE C 859 -7.27 13.49 -16.86
N LYS C 860 -6.25 14.16 -17.39
CA LYS C 860 -5.04 13.51 -17.87
C LYS C 860 -4.07 13.16 -16.76
N HIS C 861 -4.35 13.54 -15.52
CA HIS C 861 -3.49 13.15 -14.41
C HIS C 861 -3.67 11.66 -14.12
N ASN C 862 -2.57 11.00 -13.79
CA ASN C 862 -2.64 9.67 -13.19
C ASN C 862 -2.92 9.77 -11.70
N ASN C 863 -2.44 10.83 -11.06
CA ASN C 863 -2.74 11.16 -9.67
C ASN C 863 -4.24 11.07 -9.41
N ARG C 864 -4.65 10.03 -8.66
CA ARG C 864 -6.06 9.86 -8.34
C ARG C 864 -6.62 11.09 -7.62
N ASP C 865 -5.80 11.74 -6.79
CA ASP C 865 -6.25 12.90 -6.03
C ASP C 865 -6.57 14.10 -6.92
N VAL C 866 -6.31 14.01 -8.22
CA VAL C 866 -6.66 15.06 -9.17
C VAL C 866 -7.62 14.56 -10.23
N GLU C 867 -7.39 13.35 -10.76
CA GLU C 867 -8.22 12.81 -11.83
C GLU C 867 -9.68 12.71 -11.41
N VAL C 868 -9.94 12.24 -10.19
CA VAL C 868 -11.30 12.00 -9.75
C VAL C 868 -12.05 13.32 -9.64
N ASN C 869 -11.42 14.33 -9.04
CA ASN C 869 -12.07 15.63 -8.95
C ASN C 869 -12.28 16.23 -10.34
N GLY C 870 -11.30 16.09 -11.22
CA GLY C 870 -11.46 16.61 -12.58
C GLY C 870 -12.68 16.04 -13.28
N LEU C 871 -12.85 14.72 -13.20
CA LEU C 871 -14.01 14.08 -13.82
C LEU C 871 -15.30 14.50 -13.13
N GLN C 872 -15.26 14.74 -11.81
CA GLN C 872 -16.46 15.14 -11.09
C GLN C 872 -16.84 16.59 -11.40
N ILE C 873 -15.85 17.47 -11.51
CA ILE C 873 -16.13 18.84 -11.94
C ILE C 873 -16.80 18.82 -13.31
N ALA C 874 -16.28 18.01 -14.23
CA ALA C 874 -16.84 17.95 -15.57
C ALA C 874 -18.29 17.50 -15.51
N LEU C 875 -18.58 16.47 -14.73
CA LEU C 875 -19.95 15.98 -14.60
C LEU C 875 -20.85 17.04 -13.97
N ASP C 876 -20.39 17.63 -12.86
CA ASP C 876 -21.19 18.68 -12.21
C ASP C 876 -21.38 19.87 -13.12
N LEU C 877 -20.36 20.24 -13.88
CA LEU C 877 -20.48 21.39 -14.78
C LEU C 877 -21.54 21.14 -15.84
N VAL C 878 -21.52 19.96 -16.47
CA VAL C 878 -22.54 19.63 -17.45
C VAL C 878 -23.92 19.74 -16.84
N LYS C 879 -24.09 19.23 -15.61
CA LYS C 879 -25.38 19.32 -14.94
C LYS C 879 -25.75 20.77 -14.63
N ASN C 880 -24.77 21.57 -14.20
CA ASN C 880 -25.04 22.99 -13.97
C ASN C 880 -25.53 23.67 -15.24
N ILE C 881 -24.88 23.38 -16.38
CA ILE C 881 -25.31 23.95 -17.65
C ILE C 881 -26.71 23.48 -18.00
N GLU C 882 -26.96 22.18 -17.86
CA GLU C 882 -28.29 21.64 -18.20
C GLU C 882 -29.38 22.33 -17.39
N ARG C 883 -29.13 22.59 -16.10
CA ARG C 883 -30.14 23.20 -15.25
C ARG C 883 -30.53 24.60 -15.73
N MET C 884 -29.68 25.25 -16.53
CA MET C 884 -29.97 26.61 -16.99
C MET C 884 -31.06 26.63 -18.04
N GLY C 885 -31.35 25.50 -18.68
CA GLY C 885 -32.35 25.47 -19.72
C GLY C 885 -31.84 26.06 -21.02
N ASN C 886 -32.78 26.49 -21.85
CA ASN C 886 -32.47 27.01 -23.18
C ASN C 886 -32.20 28.50 -23.08
N VAL C 887 -31.01 28.84 -22.62
CA VAL C 887 -30.58 30.24 -22.51
C VAL C 887 -29.30 30.40 -23.32
N PRO C 888 -28.93 31.64 -23.64
CA PRO C 888 -27.76 31.85 -24.51
C PRO C 888 -26.45 31.31 -23.95
N PHE C 889 -26.25 31.35 -22.63
CA PHE C 889 -24.99 30.89 -22.08
C PHE C 889 -24.85 29.37 -22.24
N ALA C 890 -25.92 28.63 -21.97
CA ALA C 890 -25.88 27.18 -22.14
C ALA C 890 -25.70 26.80 -23.60
N ASN C 891 -26.39 27.50 -24.51
CA ASN C 891 -26.26 27.20 -25.93
C ASN C 891 -24.84 27.50 -26.43
N GLU C 892 -24.25 28.60 -25.97
CA GLU C 892 -22.86 28.89 -26.35
C GLU C 892 -21.92 27.86 -25.74
N PHE C 893 -22.21 27.39 -24.52
CA PHE C 893 -21.36 26.38 -23.90
C PHE C 893 -21.29 25.12 -24.75
N HIS C 894 -22.45 24.61 -25.17
CA HIS C 894 -22.48 23.41 -25.98
C HIS C 894 -21.78 23.63 -27.33
N LYS C 895 -22.06 24.77 -27.97
CA LYS C 895 -21.39 25.07 -29.24
C LYS C 895 -19.88 25.12 -29.06
N ASN C 896 -19.41 25.63 -27.92
CA ASN C 896 -17.97 25.84 -27.72
C ASN C 896 -17.26 24.62 -27.14
N TYR C 897 -17.93 23.82 -26.31
CA TYR C 897 -17.22 22.88 -25.45
C TYR C 897 -17.77 21.46 -25.43
N PHE C 898 -18.94 21.19 -26.01
CA PHE C 898 -19.51 19.85 -25.91
C PHE C 898 -18.57 18.81 -26.53
N PHE C 899 -18.08 19.07 -27.73
CA PHE C 899 -17.22 18.09 -28.39
C PHE C 899 -15.81 18.06 -27.82
N ILE C 900 -15.35 19.17 -27.21
CA ILE C 900 -14.10 19.13 -26.47
C ILE C 900 -14.21 18.13 -25.33
N PHE C 901 -15.33 18.15 -24.59
CA PHE C 901 -15.49 17.22 -23.49
C PHE C 901 -15.68 15.79 -23.97
N VAL C 902 -16.41 15.60 -25.07
CA VAL C 902 -16.63 14.25 -25.60
C VAL C 902 -15.31 13.64 -26.03
N SER C 903 -14.48 14.39 -26.74
CA SER C 903 -13.26 13.84 -27.30
C SER C 903 -12.17 13.71 -26.24
N GLU C 904 -12.08 14.67 -25.32
CA GLU C 904 -11.11 14.56 -24.22
C GLU C 904 -11.44 13.37 -23.33
N THR C 905 -12.73 13.13 -23.07
CA THR C 905 -13.12 11.97 -22.30
C THR C 905 -12.78 10.68 -23.05
N PHE C 906 -13.09 10.63 -24.35
CA PHE C 906 -12.75 9.46 -25.15
C PHE C 906 -11.26 9.20 -25.15
N PHE C 907 -10.45 10.27 -25.15
CA PHE C 907 -9.00 10.08 -25.19
C PHE C 907 -8.49 9.34 -23.96
N VAL C 908 -8.89 9.78 -22.76
CA VAL C 908 -8.39 9.13 -21.55
C VAL C 908 -8.99 7.74 -21.40
N LEU C 909 -10.18 7.51 -21.94
CA LEU C 909 -10.77 6.17 -21.90
C LEU C 909 -9.95 5.17 -22.70
N THR C 910 -9.34 5.61 -23.80
CA THR C 910 -8.75 4.69 -24.77
C THR C 910 -7.23 4.71 -24.81
N ASP C 911 -6.57 5.57 -24.02
CA ASP C 911 -5.12 5.69 -24.13
C ASP C 911 -4.35 4.75 -23.22
N SER C 912 -5.03 3.88 -22.47
CA SER C 912 -4.43 2.83 -21.65
C SER C 912 -3.58 3.37 -20.51
N ASP C 913 -3.61 4.67 -20.24
CA ASP C 913 -2.84 5.26 -19.16
C ASP C 913 -3.72 5.87 -18.06
N HIS C 914 -5.04 5.69 -18.15
CA HIS C 914 -5.96 6.24 -17.16
C HIS C 914 -7.03 5.23 -16.81
N LYS C 915 -6.63 3.96 -16.65
CA LYS C 915 -7.59 2.90 -16.36
C LYS C 915 -8.24 3.07 -14.99
N SER C 916 -7.59 3.80 -14.07
CA SER C 916 -8.17 3.98 -12.74
C SER C 916 -9.48 4.78 -12.79
N GLY C 917 -9.63 5.65 -13.79
CA GLY C 917 -10.80 6.50 -13.86
C GLY C 917 -11.87 6.01 -14.81
N PHE C 918 -11.81 4.73 -15.18
CA PHE C 918 -12.70 4.20 -16.21
C PHE C 918 -14.16 4.44 -15.84
N SER C 919 -14.56 4.09 -14.62
CA SER C 919 -15.97 4.18 -14.24
C SER C 919 -16.51 5.60 -14.37
N LYS C 920 -15.75 6.59 -13.91
CA LYS C 920 -16.21 7.97 -13.97
C LYS C 920 -16.09 8.55 -15.38
N GLN C 921 -15.08 8.12 -16.14
CA GLN C 921 -15.02 8.48 -17.55
C GLN C 921 -16.27 7.98 -18.27
N ALA C 922 -16.65 6.73 -18.03
CA ALA C 922 -17.84 6.17 -18.66
C ALA C 922 -19.09 6.95 -18.25
N LEU C 923 -19.20 7.28 -16.97
CA LEU C 923 -20.35 8.05 -16.50
C LEU C 923 -20.44 9.38 -17.22
N LEU C 924 -19.33 10.12 -17.27
CA LEU C 924 -19.31 11.40 -17.97
C LEU C 924 -19.67 11.23 -19.45
N LEU C 925 -19.12 10.20 -20.10
CA LEU C 925 -19.41 10.01 -21.52
C LEU C 925 -20.87 9.68 -21.73
N MET C 926 -21.45 8.85 -20.86
CA MET C 926 -22.85 8.50 -21.01
C MET C 926 -23.73 9.73 -20.81
N LYS C 927 -23.38 10.59 -19.86
CA LYS C 927 -24.13 11.82 -19.65
C LYS C 927 -24.10 12.69 -20.89
N LEU C 928 -22.92 12.86 -21.49
CA LEU C 928 -22.80 13.71 -22.67
C LEU C 928 -23.60 13.16 -23.84
N ILE C 929 -23.51 11.85 -24.08
CA ILE C 929 -24.23 11.26 -25.20
C ILE C 929 -25.74 11.34 -24.97
N SER C 930 -26.18 11.14 -23.72
CA SER C 930 -27.61 11.15 -23.45
C SER C 930 -28.21 12.54 -23.66
N LEU C 931 -27.44 13.60 -23.43
CA LEU C 931 -27.93 14.94 -23.70
C LEU C 931 -28.46 15.07 -25.13
N VAL C 932 -27.72 14.50 -26.09
CA VAL C 932 -28.11 14.62 -27.48
C VAL C 932 -29.30 13.72 -27.79
N TYR C 933 -29.29 12.50 -27.26
CA TYR C 933 -30.36 11.55 -27.58
C TYR C 933 -31.62 11.77 -26.75
N ASP C 934 -31.57 12.64 -25.75
CA ASP C 934 -32.77 13.18 -25.12
C ASP C 934 -33.11 14.58 -25.65
N ASN C 935 -32.45 15.01 -26.72
CA ASN C 935 -32.60 16.35 -27.27
C ASN C 935 -32.66 17.39 -26.15
N LYS C 936 -31.67 17.34 -25.28
CA LYS C 936 -31.50 18.35 -24.24
C LYS C 936 -30.59 19.49 -24.67
N ILE C 937 -30.11 19.48 -25.91
CA ILE C 937 -29.32 20.56 -26.47
C ILE C 937 -30.17 21.24 -27.55
N SER C 938 -30.49 22.51 -27.32
CA SER C 938 -31.51 23.17 -28.13
C SER C 938 -31.00 23.63 -29.49
N VAL C 939 -29.70 23.94 -29.60
CA VAL C 939 -29.15 24.50 -30.83
C VAL C 939 -28.37 23.42 -31.58
N PRO C 940 -28.22 23.55 -32.89
CA PRO C 940 -27.34 22.62 -33.62
C PRO C 940 -25.91 22.70 -33.10
N LEU C 941 -25.25 21.54 -33.05
CA LEU C 941 -23.86 21.45 -32.64
C LEU C 941 -22.90 21.62 -33.80
N TYR C 942 -23.40 21.81 -35.02
CA TYR C 942 -22.58 21.89 -36.21
C TYR C 942 -22.65 23.29 -36.81
N GLN C 943 -21.65 23.61 -37.63
CA GLN C 943 -21.65 24.86 -38.36
C GLN C 943 -22.78 24.86 -39.39
N GLU C 944 -23.37 26.04 -39.61
CA GLU C 944 -24.44 26.15 -40.59
C GLU C 944 -24.03 25.58 -41.94
N ALA C 945 -22.73 25.60 -42.25
CA ALA C 945 -22.27 25.18 -43.57
C ALA C 945 -22.08 23.67 -43.64
N GLU C 946 -21.38 23.08 -42.67
CA GLU C 946 -20.82 21.74 -42.83
C GLU C 946 -21.86 20.63 -42.86
N VAL C 947 -23.15 20.92 -42.67
CA VAL C 947 -24.16 19.87 -42.67
C VAL C 947 -25.46 20.45 -43.21
N PRO C 948 -26.28 19.65 -43.92
CA PRO C 948 -27.57 20.18 -44.39
C PRO C 948 -28.42 20.69 -43.24
N GLN C 949 -29.11 21.80 -43.49
CA GLN C 949 -30.03 22.36 -42.51
C GLN C 949 -31.03 21.30 -42.05
N GLY C 950 -31.31 21.29 -40.75
CA GLY C 950 -32.29 20.40 -40.19
C GLY C 950 -31.75 19.09 -39.66
N THR C 951 -30.52 18.73 -39.99
CA THR C 951 -29.93 17.50 -39.48
C THR C 951 -30.00 17.48 -37.96
N SER C 952 -30.42 16.35 -37.41
CA SER C 952 -30.48 16.20 -35.97
C SER C 952 -29.07 16.15 -35.39
N ASN C 953 -28.93 16.66 -34.15
CA ASN C 953 -27.66 16.54 -33.46
C ASN C 953 -27.28 15.07 -33.27
N GLN C 954 -28.26 14.18 -33.17
CA GLN C 954 -27.98 12.75 -33.12
C GLN C 954 -27.15 12.32 -34.33
N VAL C 955 -27.63 12.64 -35.53
CA VAL C 955 -26.90 12.26 -36.75
C VAL C 955 -25.51 12.87 -36.73
N TYR C 956 -25.42 14.16 -36.44
CA TYR C 956 -24.11 14.82 -36.48
C TYR C 956 -23.17 14.25 -35.43
N LEU C 957 -23.69 13.92 -34.24
CA LEU C 957 -22.86 13.32 -33.22
C LEU C 957 -22.28 11.99 -33.68
N SER C 958 -23.10 11.15 -34.31
CA SER C 958 -22.62 9.88 -34.85
C SER C 958 -21.53 10.11 -35.88
N GLN C 959 -21.71 11.11 -36.75
CA GLN C 959 -20.71 11.36 -37.79
C GLN C 959 -19.43 11.93 -37.20
N TYR C 960 -19.55 12.87 -36.26
CA TYR C 960 -18.37 13.39 -35.59
C TYR C 960 -17.58 12.26 -34.93
N LEU C 961 -18.28 11.38 -34.22
CA LEU C 961 -17.60 10.29 -33.52
C LEU C 961 -17.01 9.28 -34.50
N ALA C 962 -17.75 8.95 -35.56
CA ALA C 962 -17.23 8.04 -36.57
C ALA C 962 -15.93 8.56 -37.15
N ASN C 963 -15.90 9.86 -37.49
CA ASN C 963 -14.69 10.45 -38.04
C ASN C 963 -13.57 10.52 -37.01
N MET C 964 -13.91 10.87 -35.76
CA MET C 964 -12.90 10.96 -34.71
C MET C 964 -12.22 9.61 -34.50
N LEU C 965 -13.01 8.53 -34.42
CA LEU C 965 -12.44 7.22 -34.16
C LEU C 965 -11.71 6.66 -35.39
N SER C 966 -12.18 7.01 -36.59
CA SER C 966 -11.50 6.56 -37.80
C SER C 966 -10.07 7.10 -37.86
N ASN C 967 -9.87 8.36 -37.46
CA ASN C 967 -8.55 8.96 -37.51
C ASN C 967 -7.70 8.56 -36.32
N ALA C 968 -8.31 8.33 -35.16
CA ALA C 968 -7.55 7.98 -33.97
C ALA C 968 -7.19 6.50 -33.94
N PHE C 969 -8.02 5.65 -34.54
CA PHE C 969 -7.80 4.21 -34.59
C PHE C 969 -7.96 3.76 -36.05
N PRO C 970 -7.01 4.11 -36.91
CA PRO C 970 -7.18 3.86 -38.34
C PRO C 970 -7.24 2.39 -38.71
N HIS C 971 -6.82 1.49 -37.83
CA HIS C 971 -6.85 0.06 -38.14
C HIS C 971 -8.21 -0.57 -37.91
N LEU C 972 -9.20 0.19 -37.44
CA LEU C 972 -10.55 -0.32 -37.30
C LEU C 972 -11.29 -0.16 -38.62
N THR C 973 -12.16 -1.12 -38.94
CA THR C 973 -13.00 -1.00 -40.10
C THR C 973 -14.14 -0.03 -39.82
N SER C 974 -14.64 0.60 -40.88
CA SER C 974 -15.80 1.48 -40.74
C SER C 974 -16.96 0.76 -40.08
N GLU C 975 -17.06 -0.55 -40.29
CA GLU C 975 -18.16 -1.33 -39.73
C GLU C 975 -18.00 -1.48 -38.22
N GLN C 976 -16.77 -1.74 -37.75
CA GLN C 976 -16.52 -1.78 -36.32
C GLN C 976 -16.95 -0.48 -35.65
N ILE C 977 -16.48 0.64 -36.19
CA ILE C 977 -16.81 1.94 -35.61
C ILE C 977 -18.31 2.17 -35.61
N ALA C 978 -18.98 1.81 -36.70
CA ALA C 978 -20.41 2.07 -36.82
C ALA C 978 -21.20 1.22 -35.84
N SER C 979 -20.84 -0.06 -35.69
CA SER C 979 -21.54 -0.92 -34.74
C SER C 979 -21.27 -0.50 -33.31
N PHE C 980 -20.03 -0.12 -33.00
CA PHE C 980 -19.69 0.35 -31.67
C PHE C 980 -20.54 1.55 -31.28
N LEU C 981 -20.61 2.55 -32.16
CA LEU C 981 -21.35 3.76 -31.82
C LEU C 981 -22.86 3.49 -31.78
N SER C 982 -23.35 2.63 -32.66
CA SER C 982 -24.76 2.27 -32.63
C SER C 982 -25.15 1.66 -31.29
N ALA C 983 -24.34 0.71 -30.81
CA ALA C 983 -24.61 0.09 -29.52
C ALA C 983 -24.40 1.09 -28.37
N LEU C 984 -23.32 1.86 -28.43
CA LEU C 984 -23.03 2.80 -27.36
C LEU C 984 -24.17 3.80 -27.18
N THR C 985 -24.70 4.34 -28.28
CA THR C 985 -25.76 5.34 -28.18
C THR C 985 -27.08 4.70 -27.74
N LYS C 986 -27.36 3.48 -28.21
CA LYS C 986 -28.55 2.77 -27.74
C LYS C 986 -28.52 2.59 -26.23
N GLN C 987 -27.32 2.39 -25.67
CA GLN C 987 -27.17 1.95 -24.29
C GLN C 987 -26.84 3.10 -23.33
N CYS C 988 -27.13 4.35 -23.73
CA CYS C 988 -26.71 5.49 -22.93
C CYS C 988 -27.65 5.76 -21.75
N LYS C 989 -28.65 4.93 -21.52
CA LYS C 989 -29.45 4.97 -20.31
C LYS C 989 -29.15 3.81 -19.37
N ASP C 990 -28.13 3.01 -19.68
CA ASP C 990 -27.85 1.77 -18.95
C ASP C 990 -26.34 1.69 -18.73
N LEU C 991 -25.89 2.10 -17.54
CA LEU C 991 -24.46 2.29 -17.32
C LEU C 991 -23.69 0.98 -17.38
N VAL C 992 -24.20 -0.08 -16.74
CA VAL C 992 -23.49 -1.35 -16.72
C VAL C 992 -23.26 -1.85 -18.14
N VAL C 993 -24.27 -1.76 -19.00
CA VAL C 993 -24.14 -2.23 -20.37
C VAL C 993 -23.24 -1.29 -21.16
N PHE C 994 -23.49 0.02 -21.03
CA PHE C 994 -22.62 1.04 -21.61
C PHE C 994 -21.15 0.72 -21.34
N LYS C 995 -20.82 0.46 -20.08
CA LYS C 995 -19.43 0.17 -19.72
C LYS C 995 -18.95 -1.13 -20.37
N GLY C 996 -19.82 -2.12 -20.49
CA GLY C 996 -19.43 -3.35 -21.17
C GLY C 996 -19.05 -3.11 -22.62
N THR C 997 -19.82 -2.26 -23.30
CA THR C 997 -19.51 -1.93 -24.69
C THR C 997 -18.20 -1.16 -24.81
N LEU C 998 -17.93 -0.27 -23.86
CA LEU C 998 -16.64 0.42 -23.86
C LEU C 998 -15.50 -0.56 -23.65
N ARG C 999 -15.65 -1.46 -22.67
N ARG C 999 -15.65 -1.49 -22.70
CA ARG C 999 -14.64 -2.50 -22.46
CA ARG C 999 -14.61 -2.48 -22.47
C ARG C 999 -14.41 -3.31 -23.73
C ARG C 999 -14.42 -3.38 -23.68
N ASP C 1000 -15.50 -3.69 -24.41
CA ASP C 1000 -15.38 -4.43 -25.65
C ASP C 1000 -14.58 -3.64 -26.68
N PHE C 1001 -14.85 -2.34 -26.79
CA PHE C 1001 -14.11 -1.48 -27.70
C PHE C 1001 -12.62 -1.44 -27.33
N LEU C 1002 -12.32 -1.37 -26.03
CA LEU C 1002 -10.93 -1.32 -25.60
C LEU C 1002 -10.19 -2.61 -25.96
N VAL C 1003 -10.90 -3.74 -25.98
CA VAL C 1003 -10.28 -4.98 -26.45
C VAL C 1003 -10.01 -4.89 -27.95
N GLN C 1004 -10.99 -4.44 -28.72
CA GLN C 1004 -10.89 -4.51 -30.17
C GLN C 1004 -9.81 -3.58 -30.72
N ILE C 1005 -9.57 -2.43 -30.08
CA ILE C 1005 -8.55 -1.52 -30.57
C ILE C 1005 -7.15 -2.05 -30.34
N LYS C 1006 -6.99 -3.10 -29.53
CA LYS C 1006 -5.69 -3.73 -29.33
C LYS C 1006 -5.35 -4.73 -30.43
N GLU C 1007 -6.26 -5.00 -31.36
CA GLU C 1007 -6.05 -6.02 -32.38
C GLU C 1007 -6.62 -5.55 -33.71
N VAL C 1008 -6.38 -6.35 -34.74
CA VAL C 1008 -6.91 -6.11 -36.07
C VAL C 1008 -7.98 -7.15 -36.36
N GLY C 1009 -9.09 -6.69 -36.95
CA GLY C 1009 -10.11 -7.61 -37.42
C GLY C 1009 -11.14 -8.00 -36.39
N GLY C 1010 -11.42 -7.15 -35.41
CA GLY C 1010 -12.46 -7.46 -34.45
C GLY C 1010 -13.82 -7.58 -35.11
N ASP C 1011 -14.64 -8.46 -34.55
CA ASP C 1011 -15.95 -8.74 -35.10
C ASP C 1011 -16.92 -7.62 -34.74
N PRO C 1012 -17.48 -6.90 -35.72
CA PRO C 1012 -18.41 -5.81 -35.35
C PRO C 1012 -19.71 -6.29 -34.72
N THR C 1013 -20.11 -7.54 -34.94
CA THR C 1013 -21.31 -8.06 -34.29
C THR C 1013 -21.11 -8.28 -32.79
N ASP C 1014 -19.87 -8.23 -32.30
CA ASP C 1014 -19.64 -8.32 -30.87
C ASP C 1014 -20.45 -7.28 -30.11
N TYR C 1015 -20.69 -6.12 -30.72
CA TYR C 1015 -21.38 -5.03 -30.04
C TYR C 1015 -22.89 -5.25 -29.96
N LEU C 1016 -23.39 -6.36 -30.46
CA LEU C 1016 -24.78 -6.76 -30.27
C LEU C 1016 -24.95 -7.70 -29.08
N PHE C 1017 -23.90 -7.88 -28.27
CA PHE C 1017 -23.96 -8.84 -27.17
C PHE C 1017 -25.11 -8.54 -26.22
N ALA C 1018 -25.25 -7.28 -25.81
CA ALA C 1018 -26.27 -6.89 -24.86
C ALA C 1018 -27.65 -6.83 -25.53
N LEU D 6 6.97 6.93 43.04
CA LEU D 6 5.84 7.51 42.31
C LEU D 6 4.56 7.34 43.12
N TYR D 7 3.60 8.24 42.89
CA TYR D 7 2.33 8.20 43.61
C TYR D 7 1.37 7.20 42.98
N LEU D 8 1.91 6.13 42.38
CA LEU D 8 1.14 4.90 42.26
C LEU D 8 0.81 4.31 43.62
N GLU D 9 1.37 4.88 44.70
CA GLU D 9 1.09 4.40 46.04
C GLU D 9 -0.34 4.74 46.46
N GLU D 10 -0.74 6.01 46.30
CA GLU D 10 -2.12 6.38 46.57
C GLU D 10 -3.08 5.56 45.72
N MET D 11 -2.62 5.06 44.57
CA MET D 11 -3.46 4.23 43.71
C MET D 11 -3.84 2.93 44.40
N VAL D 12 -2.85 2.26 45.00
CA VAL D 12 -3.14 1.01 45.72
C VAL D 12 -4.22 1.24 46.76
N ASN D 13 -4.03 2.26 47.61
CA ASN D 13 -4.99 2.54 48.67
C ASN D 13 -6.36 2.86 48.09
N SER D 14 -6.43 3.82 47.18
CA SER D 14 -7.70 4.22 46.58
C SER D 14 -8.44 3.03 45.98
N LEU D 15 -7.74 1.94 45.68
CA LEU D 15 -8.35 0.77 45.07
C LEU D 15 -8.92 -0.20 46.10
N LEU D 16 -8.14 -0.51 47.13
CA LEU D 16 -8.57 -1.44 48.18
C LEU D 16 -9.90 -0.97 48.79
PG GNP E . 8.19 1.19 -13.75
O1G GNP E . 7.56 1.91 -14.93
O2G GNP E . 9.70 1.20 -13.90
O3G GNP E . 7.68 -0.23 -13.72
N3B GNP E . 7.82 2.00 -12.36
PB GNP E . 8.37 1.54 -10.88
O1B GNP E . 9.84 1.18 -10.95
O2B GNP E . 7.59 0.35 -10.39
O3A GNP E . 8.19 2.74 -9.86
PA GNP E . 9.31 3.76 -9.43
O1A GNP E . 9.94 4.41 -10.64
O2A GNP E . 10.37 3.03 -8.63
O5' GNP E . 8.65 4.87 -8.51
C5' GNP E . 7.50 5.54 -8.96
C4' GNP E . 7.12 6.65 -7.95
O4' GNP E . 6.70 6.13 -6.83
C3' GNP E . 8.35 7.50 -7.61
O3' GNP E . 8.04 8.82 -7.56
C2' GNP E . 8.75 7.00 -6.21
O2' GNP E . 9.49 8.08 -5.48
C1' GNP E . 7.60 6.74 -5.65
N9 GNP E . 7.68 5.80 -4.58
C8 GNP E . 8.28 4.58 -4.62
N7 GNP E . 8.11 3.99 -3.41
C5 GNP E . 7.39 4.83 -2.63
C6 GNP E . 6.95 4.73 -1.31
O6 GNP E . 7.18 3.73 -0.66
N1 GNP E . 6.24 5.73 -0.77
C2 GNP E . 5.97 6.85 -1.50
N2 GNP E . 5.22 7.91 -0.94
N3 GNP E . 6.41 6.96 -2.79
C4 GNP E . 7.12 5.95 -3.35
HNB3 GNP E . 7.21 2.68 -12.41
H5'2 GNP E . 6.76 4.90 -9.04
H5'1 GNP E . 7.69 5.94 -9.83
H4' GNP E . 6.42 7.23 -8.34
H3' GNP E . 9.07 7.34 -8.25
H2' GNP E . 9.30 6.19 -6.28
HO2' GNP E . 10.10 8.43 -6.02
H1' GNP E . 7.20 7.57 -5.33
H8 GNP E . 8.76 4.21 -5.38
HN1 GNP E . 5.94 5.66 0.09
HN21 GNP E . 5.54 8.77 -0.99
HN22 GNP E . 4.43 7.74 -0.52
MG MG F . 11.11 0.92 -12.58
C1 GOL G . 0.37 -8.27 -16.48
O1 GOL G . 0.59 -9.39 -17.30
C2 GOL G . -0.12 -7.09 -17.32
O2 GOL G . 0.01 -7.38 -18.69
C3 GOL G . -1.58 -6.79 -16.99
O3 GOL G . -1.66 -6.19 -15.72
H11 GOL G . -0.38 -8.51 -15.73
H12 GOL G . 1.29 -8.00 -15.97
HO1 GOL G . 0.96 -10.13 -16.77
H2 GOL G . 0.48 -6.22 -17.07
HO2 GOL G . -0.55 -8.16 -18.92
H31 GOL G . -2.00 -6.13 -17.73
H32 GOL G . -2.15 -7.73 -16.99
HO3 GOL G . -0.86 -5.63 -15.56
C1 GOL H . -4.34 23.52 -21.67
O1 GOL H . -3.24 24.09 -22.35
C2 GOL H . -3.84 22.64 -20.54
O2 GOL H . -2.44 22.57 -20.57
C3 GOL H . -4.31 23.20 -19.20
O3 GOL H . -3.80 24.49 -18.99
H11 GOL H . -4.97 24.32 -21.27
H12 GOL H . -4.93 22.94 -22.37
HO1 GOL H . -3.57 24.61 -23.13
H2 GOL H . -4.26 21.65 -20.67
HO2 GOL H . -2.06 23.46 -20.43
H31 GOL H . -5.39 23.24 -19.18
H32 GOL H . -3.98 22.54 -18.40
HO3 GOL H . -4.40 25.01 -18.42
C1 GOL I . 1.39 -41.97 -8.37
O1 GOL I . 1.86 -40.64 -8.47
C2 GOL I . -0.11 -42.00 -8.60
O2 GOL I . -0.79 -41.43 -7.50
C3 GOL I . -0.57 -43.43 -8.82
O3 GOL I . -1.84 -43.61 -8.26
H11 GOL I . 1.62 -42.37 -7.38
H12 GOL I . 1.89 -42.58 -9.11
HO1 GOL I . 2.81 -40.62 -8.24
H2 GOL I . -0.34 -41.42 -9.49
HO2 GOL I . -1.76 -41.45 -7.68
H31 GOL I . 0.14 -44.12 -8.37
H32 GOL I . -0.61 -43.64 -9.89
HO3 GOL I . -1.76 -44.01 -7.37
#